data_2HNG
# 
_entry.id   2HNG 
# 
_audit_conform.dict_name       mmcif_pdbx.dic 
_audit_conform.dict_version    5.399 
_audit_conform.dict_location   http://mmcif.pdb.org/dictionaries/ascii/mmcif_pdbx.dic 
# 
loop_
_database_2.database_id 
_database_2.database_code 
_database_2.pdbx_database_accession 
_database_2.pdbx_DOI 
PDB   2HNG         pdb_00002hng 10.2210/pdb2hng/pdb 
RCSB  RCSB038545   ?            ?                   
WWPDB D_1000038545 ?            ?                   
# 
loop_
_pdbx_audit_revision_history.ordinal 
_pdbx_audit_revision_history.data_content_type 
_pdbx_audit_revision_history.major_revision 
_pdbx_audit_revision_history.minor_revision 
_pdbx_audit_revision_history.revision_date 
1 'Structure model' 1 0 2006-08-15 
2 'Structure model' 1 1 2008-05-01 
3 'Structure model' 1 2 2011-07-13 
4 'Structure model' 1 3 2024-11-20 
# 
_pdbx_audit_revision_details.ordinal             1 
_pdbx_audit_revision_details.revision_ordinal    1 
_pdbx_audit_revision_details.data_content_type   'Structure model' 
_pdbx_audit_revision_details.provider            repository 
_pdbx_audit_revision_details.type                'Initial release' 
_pdbx_audit_revision_details.description         ? 
_pdbx_audit_revision_details.details             ? 
# 
loop_
_pdbx_audit_revision_group.ordinal 
_pdbx_audit_revision_group.revision_ordinal 
_pdbx_audit_revision_group.data_content_type 
_pdbx_audit_revision_group.group 
1 2 'Structure model' 'Version format compliance' 
2 3 'Structure model' 'Source and taxonomy'       
3 3 'Structure model' 'Version format compliance' 
4 4 'Structure model' 'Data collection'           
5 4 'Structure model' 'Database references'       
6 4 'Structure model' 'Derived calculations'      
7 4 'Structure model' 'Structure summary'         
# 
loop_
_pdbx_audit_revision_category.ordinal 
_pdbx_audit_revision_category.revision_ordinal 
_pdbx_audit_revision_category.data_content_type 
_pdbx_audit_revision_category.category 
1 4 'Structure model' chem_comp_atom            
2 4 'Structure model' chem_comp_bond            
3 4 'Structure model' database_2                
4 4 'Structure model' pdbx_entry_details        
5 4 'Structure model' pdbx_modification_feature 
6 4 'Structure model' struct_conn               
7 4 'Structure model' struct_ref_seq_dif        
# 
loop_
_pdbx_audit_revision_item.ordinal 
_pdbx_audit_revision_item.revision_ordinal 
_pdbx_audit_revision_item.data_content_type 
_pdbx_audit_revision_item.item 
1 4 'Structure model' '_database_2.pdbx_DOI'                
2 4 'Structure model' '_database_2.pdbx_database_accession' 
3 4 'Structure model' '_struct_conn.pdbx_leaving_atom_flag' 
4 4 'Structure model' '_struct_ref_seq_dif.details'         
# 
_pdbx_database_status.status_code                     REL 
_pdbx_database_status.entry_id                        2HNG 
_pdbx_database_status.recvd_initial_deposition_date   2006-07-12 
_pdbx_database_status.deposit_site                    RCSB 
_pdbx_database_status.process_site                    RCSB 
_pdbx_database_status.status_code_sf                  REL 
_pdbx_database_status.status_code_mr                  ? 
_pdbx_database_status.SG_entry                        Y 
_pdbx_database_status.pdb_format_compatible           Y 
_pdbx_database_status.status_code_cs                  ? 
_pdbx_database_status.status_code_nmr_data            ? 
_pdbx_database_status.methods_development_category    ? 
# 
_pdbx_database_related.db_name        TargetDB 
_pdbx_database_related.db_id          APC80548 
_pdbx_database_related.details        . 
_pdbx_database_related.content_type   unspecified 
# 
loop_
_audit_author.name 
_audit_author.pdbx_ordinal 
'Kim, Y.'                                       1 
'Zhang, D.'                                     2 
'Zhou, M.'                                      3 
'Clancy, S.'                                    4 
'Joachimiak, A.'                                5 
'Midwest Center for Structural Genomics (MCSG)' 6 
# 
_citation.id                        primary 
_citation.title                     'The Crystal Structure of Hypothetical Protein SP_1558 from Streptococcus pneumoniae' 
_citation.journal_abbrev            'To be Published' 
_citation.journal_volume            ? 
_citation.page_first                ? 
_citation.page_last                 ? 
_citation.year                      2006 
_citation.journal_id_ASTM           ? 
_citation.country                   ? 
_citation.journal_id_ISSN           ? 
_citation.journal_id_CSD            0353 
_citation.book_publisher            ? 
_citation.pdbx_database_id_PubMed   ? 
_citation.pdbx_database_id_DOI      ? 
# 
loop_
_citation_author.citation_id 
_citation_author.name 
_citation_author.ordinal 
_citation_author.identifier_ORCID 
primary 'Kim, Y.'        1 ? 
primary 'Zhang, D.'      2 ? 
primary 'Zhou, M.'       3 ? 
primary 'Clancy, S.'     4 ? 
primary 'Joachimiak, A.' 5 ? 
# 
loop_
_entity.id 
_entity.type 
_entity.src_method 
_entity.pdbx_description 
_entity.formula_weight 
_entity.pdbx_number_of_molecules 
_entity.pdbx_ec 
_entity.pdbx_mutation 
_entity.pdbx_fragment 
_entity.details 
1 polymer man 'Hypothetical protein' 14837.062 1   ? ? ? ? 
2 water   nat water                  18.015    170 ? ? ? ? 
# 
_entity_poly.entity_id                      1 
_entity_poly.type                           'polypeptide(L)' 
_entity_poly.nstd_linkage                   no 
_entity_poly.nstd_monomer                   yes 
_entity_poly.pdbx_seq_one_letter_code       
;SNA(MSE)NLKREQEFVSQYHFDARNFEWENENGAPETKVDVNFQLLQHDQENQVTSLIVILSF(MSE)IVFDKFVISGT
ISQVNHIDGRIVNEPSELNQEEVETLARPCLN(MSE)LNRLTYEVTEIALDLPGINLEF
;
_entity_poly.pdbx_seq_one_letter_code_can   
;SNAMNLKREQEFVSQYHFDARNFEWENENGAPETKVDVNFQLLQHDQENQVTSLIVILSFMIVFDKFVISGTISQVNHID
GRIVNEPSELNQEEVETLARPCLNMLNRLTYEVTEIALDLPGINLEF
;
_entity_poly.pdbx_strand_id                 A 
_entity_poly.pdbx_target_identifier         APC80548 
# 
_pdbx_entity_nonpoly.entity_id   2 
_pdbx_entity_nonpoly.name        water 
_pdbx_entity_nonpoly.comp_id     HOH 
# 
loop_
_entity_poly_seq.entity_id 
_entity_poly_seq.num 
_entity_poly_seq.mon_id 
_entity_poly_seq.hetero 
1 1   SER n 
1 2   ASN n 
1 3   ALA n 
1 4   MSE n 
1 5   ASN n 
1 6   LEU n 
1 7   LYS n 
1 8   ARG n 
1 9   GLU n 
1 10  GLN n 
1 11  GLU n 
1 12  PHE n 
1 13  VAL n 
1 14  SER n 
1 15  GLN n 
1 16  TYR n 
1 17  HIS n 
1 18  PHE n 
1 19  ASP n 
1 20  ALA n 
1 21  ARG n 
1 22  ASN n 
1 23  PHE n 
1 24  GLU n 
1 25  TRP n 
1 26  GLU n 
1 27  ASN n 
1 28  GLU n 
1 29  ASN n 
1 30  GLY n 
1 31  ALA n 
1 32  PRO n 
1 33  GLU n 
1 34  THR n 
1 35  LYS n 
1 36  VAL n 
1 37  ASP n 
1 38  VAL n 
1 39  ASN n 
1 40  PHE n 
1 41  GLN n 
1 42  LEU n 
1 43  LEU n 
1 44  GLN n 
1 45  HIS n 
1 46  ASP n 
1 47  GLN n 
1 48  GLU n 
1 49  ASN n 
1 50  GLN n 
1 51  VAL n 
1 52  THR n 
1 53  SER n 
1 54  LEU n 
1 55  ILE n 
1 56  VAL n 
1 57  ILE n 
1 58  LEU n 
1 59  SER n 
1 60  PHE n 
1 61  MSE n 
1 62  ILE n 
1 63  VAL n 
1 64  PHE n 
1 65  ASP n 
1 66  LYS n 
1 67  PHE n 
1 68  VAL n 
1 69  ILE n 
1 70  SER n 
1 71  GLY n 
1 72  THR n 
1 73  ILE n 
1 74  SER n 
1 75  GLN n 
1 76  VAL n 
1 77  ASN n 
1 78  HIS n 
1 79  ILE n 
1 80  ASP n 
1 81  GLY n 
1 82  ARG n 
1 83  ILE n 
1 84  VAL n 
1 85  ASN n 
1 86  GLU n 
1 87  PRO n 
1 88  SER n 
1 89  GLU n 
1 90  LEU n 
1 91  ASN n 
1 92  GLN n 
1 93  GLU n 
1 94  GLU n 
1 95  VAL n 
1 96  GLU n 
1 97  THR n 
1 98  LEU n 
1 99  ALA n 
1 100 ARG n 
1 101 PRO n 
1 102 CYS n 
1 103 LEU n 
1 104 ASN n 
1 105 MSE n 
1 106 LEU n 
1 107 ASN n 
1 108 ARG n 
1 109 LEU n 
1 110 THR n 
1 111 TYR n 
1 112 GLU n 
1 113 VAL n 
1 114 THR n 
1 115 GLU n 
1 116 ILE n 
1 117 ALA n 
1 118 LEU n 
1 119 ASP n 
1 120 LEU n 
1 121 PRO n 
1 122 GLY n 
1 123 ILE n 
1 124 ASN n 
1 125 LEU n 
1 126 GLU n 
1 127 PHE n 
# 
_entity_src_gen.entity_id                          1 
_entity_src_gen.pdbx_src_id                        1 
_entity_src_gen.pdbx_alt_source_flag               sample 
_entity_src_gen.pdbx_seq_type                      ? 
_entity_src_gen.pdbx_beg_seq_num                   ? 
_entity_src_gen.pdbx_end_seq_num                   ? 
_entity_src_gen.gene_src_common_name               ? 
_entity_src_gen.gene_src_genus                     Streptococcus 
_entity_src_gen.pdbx_gene_src_gene                 SP_1558 
_entity_src_gen.gene_src_species                   'Streptococcus pneumoniae' 
_entity_src_gen.gene_src_strain                    TIGR4 
_entity_src_gen.gene_src_tissue                    ? 
_entity_src_gen.gene_src_tissue_fraction           ? 
_entity_src_gen.gene_src_details                   ? 
_entity_src_gen.pdbx_gene_src_fragment             ? 
_entity_src_gen.pdbx_gene_src_scientific_name      'Streptococcus pneumoniae' 
_entity_src_gen.pdbx_gene_src_ncbi_taxonomy_id     170187 
_entity_src_gen.pdbx_gene_src_variant              ? 
_entity_src_gen.pdbx_gene_src_cell_line            ? 
_entity_src_gen.pdbx_gene_src_atcc                 ? 
_entity_src_gen.pdbx_gene_src_organ                ? 
_entity_src_gen.pdbx_gene_src_organelle            ? 
_entity_src_gen.pdbx_gene_src_cell                 ? 
_entity_src_gen.pdbx_gene_src_cellular_location    ? 
_entity_src_gen.host_org_common_name               ? 
_entity_src_gen.pdbx_host_org_scientific_name      'Escherichia coli BL21(DE3)' 
_entity_src_gen.pdbx_host_org_ncbi_taxonomy_id     469008 
_entity_src_gen.host_org_genus                     Escherichia 
_entity_src_gen.pdbx_host_org_gene                 ? 
_entity_src_gen.pdbx_host_org_organ                ? 
_entity_src_gen.host_org_species                   'Escherichia coli' 
_entity_src_gen.pdbx_host_org_tissue               ? 
_entity_src_gen.pdbx_host_org_tissue_fraction      ? 
_entity_src_gen.pdbx_host_org_strain               BL21DE3 
_entity_src_gen.pdbx_host_org_variant              ? 
_entity_src_gen.pdbx_host_org_cell_line            ? 
_entity_src_gen.pdbx_host_org_atcc                 ? 
_entity_src_gen.pdbx_host_org_culture_collection   ? 
_entity_src_gen.pdbx_host_org_cell                 ? 
_entity_src_gen.pdbx_host_org_organelle            ? 
_entity_src_gen.pdbx_host_org_cellular_location    ? 
_entity_src_gen.pdbx_host_org_vector_type          plasmid 
_entity_src_gen.pdbx_host_org_vector               ? 
_entity_src_gen.host_org_details                   ? 
_entity_src_gen.expression_system_id               ? 
_entity_src_gen.plasmid_name                       pMCSG7 
_entity_src_gen.plasmid_details                    ? 
_entity_src_gen.pdbx_description                   ? 
# 
loop_
_chem_comp.id 
_chem_comp.type 
_chem_comp.mon_nstd_flag 
_chem_comp.name 
_chem_comp.pdbx_synonyms 
_chem_comp.formula 
_chem_comp.formula_weight 
ALA 'L-peptide linking' y ALANINE          ? 'C3 H7 N O2'     89.093  
ARG 'L-peptide linking' y ARGININE         ? 'C6 H15 N4 O2 1' 175.209 
ASN 'L-peptide linking' y ASPARAGINE       ? 'C4 H8 N2 O3'    132.118 
ASP 'L-peptide linking' y 'ASPARTIC ACID'  ? 'C4 H7 N O4'     133.103 
CYS 'L-peptide linking' y CYSTEINE         ? 'C3 H7 N O2 S'   121.158 
GLN 'L-peptide linking' y GLUTAMINE        ? 'C5 H10 N2 O3'   146.144 
GLU 'L-peptide linking' y 'GLUTAMIC ACID'  ? 'C5 H9 N O4'     147.129 
GLY 'peptide linking'   y GLYCINE          ? 'C2 H5 N O2'     75.067  
HIS 'L-peptide linking' y HISTIDINE        ? 'C6 H10 N3 O2 1' 156.162 
HOH non-polymer         . WATER            ? 'H2 O'           18.015  
ILE 'L-peptide linking' y ISOLEUCINE       ? 'C6 H13 N O2'    131.173 
LEU 'L-peptide linking' y LEUCINE          ? 'C6 H13 N O2'    131.173 
LYS 'L-peptide linking' y LYSINE           ? 'C6 H15 N2 O2 1' 147.195 
MET 'L-peptide linking' y METHIONINE       ? 'C5 H11 N O2 S'  149.211 
MSE 'L-peptide linking' n SELENOMETHIONINE ? 'C5 H11 N O2 Se' 196.106 
PHE 'L-peptide linking' y PHENYLALANINE    ? 'C9 H11 N O2'    165.189 
PRO 'L-peptide linking' y PROLINE          ? 'C5 H9 N O2'     115.130 
SER 'L-peptide linking' y SERINE           ? 'C3 H7 N O3'     105.093 
THR 'L-peptide linking' y THREONINE        ? 'C4 H9 N O3'     119.119 
TRP 'L-peptide linking' y TRYPTOPHAN       ? 'C11 H12 N2 O2'  204.225 
TYR 'L-peptide linking' y TYROSINE         ? 'C9 H11 N O3'    181.189 
VAL 'L-peptide linking' y VALINE           ? 'C5 H11 N O2'    117.146 
# 
loop_
_pdbx_poly_seq_scheme.asym_id 
_pdbx_poly_seq_scheme.entity_id 
_pdbx_poly_seq_scheme.seq_id 
_pdbx_poly_seq_scheme.mon_id 
_pdbx_poly_seq_scheme.ndb_seq_num 
_pdbx_poly_seq_scheme.pdb_seq_num 
_pdbx_poly_seq_scheme.auth_seq_num 
_pdbx_poly_seq_scheme.pdb_mon_id 
_pdbx_poly_seq_scheme.auth_mon_id 
_pdbx_poly_seq_scheme.pdb_strand_id 
_pdbx_poly_seq_scheme.pdb_ins_code 
_pdbx_poly_seq_scheme.hetero 
A 1 1   SER 1   2   ?   ?   ?   A . n 
A 1 2   ASN 2   3   ?   ?   ?   A . n 
A 1 3   ALA 3   4   4   ALA ALA A . n 
A 1 4   MSE 4   5   5   MSE MSE A . n 
A 1 5   ASN 5   6   6   ASN ASN A . n 
A 1 6   LEU 6   7   7   LEU LEU A . n 
A 1 7   LYS 7   8   8   LYS LYS A . n 
A 1 8   ARG 8   9   9   ARG ARG A . n 
A 1 9   GLU 9   10  10  GLU GLU A . n 
A 1 10  GLN 10  11  11  GLN GLN A . n 
A 1 11  GLU 11  12  12  GLU GLU A . n 
A 1 12  PHE 12  13  13  PHE PHE A . n 
A 1 13  VAL 13  14  14  VAL VAL A . n 
A 1 14  SER 14  15  15  SER SER A . n 
A 1 15  GLN 15  16  16  GLN GLN A . n 
A 1 16  TYR 16  17  17  TYR TYR A . n 
A 1 17  HIS 17  18  18  HIS HIS A . n 
A 1 18  PHE 18  19  19  PHE PHE A . n 
A 1 19  ASP 19  20  20  ASP ASP A . n 
A 1 20  ALA 20  21  21  ALA ALA A . n 
A 1 21  ARG 21  22  22  ARG ARG A . n 
A 1 22  ASN 22  23  23  ASN ASN A . n 
A 1 23  PHE 23  24  24  PHE PHE A . n 
A 1 24  GLU 24  25  25  GLU GLU A . n 
A 1 25  TRP 25  26  26  TRP TRP A . n 
A 1 26  GLU 26  27  27  GLU GLU A . n 
A 1 27  ASN 27  28  28  ASN ASN A . n 
A 1 28  GLU 28  29  29  GLU GLU A . n 
A 1 29  ASN 29  30  30  ASN ASN A . n 
A 1 30  GLY 30  31  31  GLY GLY A . n 
A 1 31  ALA 31  32  32  ALA ALA A . n 
A 1 32  PRO 32  33  33  PRO PRO A . n 
A 1 33  GLU 33  34  34  GLU GLU A . n 
A 1 34  THR 34  35  35  THR THR A . n 
A 1 35  LYS 35  36  36  LYS LYS A . n 
A 1 36  VAL 36  37  37  VAL VAL A . n 
A 1 37  ASP 37  38  38  ASP ASP A . n 
A 1 38  VAL 38  39  39  VAL VAL A . n 
A 1 39  ASN 39  40  40  ASN ASN A . n 
A 1 40  PHE 40  41  41  PHE PHE A . n 
A 1 41  GLN 41  42  42  GLN GLN A . n 
A 1 42  LEU 42  43  43  LEU LEU A . n 
A 1 43  LEU 43  44  44  LEU LEU A . n 
A 1 44  GLN 44  45  45  GLN GLN A . n 
A 1 45  HIS 45  46  46  HIS HIS A . n 
A 1 46  ASP 46  47  47  ASP ASP A . n 
A 1 47  GLN 47  48  48  GLN GLN A . n 
A 1 48  GLU 48  49  49  GLU GLU A . n 
A 1 49  ASN 49  50  50  ASN ASN A . n 
A 1 50  GLN 50  51  51  GLN GLN A . n 
A 1 51  VAL 51  52  52  VAL VAL A . n 
A 1 52  THR 52  53  53  THR THR A . n 
A 1 53  SER 53  54  54  SER SER A . n 
A 1 54  LEU 54  55  55  LEU LEU A . n 
A 1 55  ILE 55  56  56  ILE ILE A . n 
A 1 56  VAL 56  57  57  VAL VAL A . n 
A 1 57  ILE 57  58  58  ILE ILE A . n 
A 1 58  LEU 58  59  59  LEU LEU A . n 
A 1 59  SER 59  60  60  SER SER A . n 
A 1 60  PHE 60  61  61  PHE PHE A . n 
A 1 61  MSE 61  62  62  MSE MSE A . n 
A 1 62  ILE 62  63  63  ILE ILE A . n 
A 1 63  VAL 63  64  64  VAL VAL A . n 
A 1 64  PHE 64  65  65  PHE PHE A . n 
A 1 65  ASP 65  66  66  ASP ASP A . n 
A 1 66  LYS 66  67  67  LYS LYS A . n 
A 1 67  PHE 67  68  68  PHE PHE A . n 
A 1 68  VAL 68  69  69  VAL VAL A . n 
A 1 69  ILE 69  70  70  ILE ILE A . n 
A 1 70  SER 70  71  71  SER SER A . n 
A 1 71  GLY 71  72  72  GLY GLY A . n 
A 1 72  THR 72  73  73  THR THR A . n 
A 1 73  ILE 73  74  74  ILE ILE A . n 
A 1 74  SER 74  75  75  SER SER A . n 
A 1 75  GLN 75  76  76  GLN GLN A . n 
A 1 76  VAL 76  77  77  VAL VAL A . n 
A 1 77  ASN 77  78  78  ASN ASN A . n 
A 1 78  HIS 78  79  79  HIS HIS A . n 
A 1 79  ILE 79  80  80  ILE ILE A . n 
A 1 80  ASP 80  81  81  ASP ASP A . n 
A 1 81  GLY 81  82  82  GLY GLY A . n 
A 1 82  ARG 82  83  83  ARG ARG A . n 
A 1 83  ILE 83  84  84  ILE ILE A . n 
A 1 84  VAL 84  85  85  VAL VAL A . n 
A 1 85  ASN 85  86  86  ASN ASN A . n 
A 1 86  GLU 86  87  87  GLU GLU A . n 
A 1 87  PRO 87  88  88  PRO PRO A . n 
A 1 88  SER 88  89  89  SER SER A . n 
A 1 89  GLU 89  90  90  GLU GLU A . n 
A 1 90  LEU 90  91  91  LEU LEU A . n 
A 1 91  ASN 91  92  92  ASN ASN A . n 
A 1 92  GLN 92  93  93  GLN GLN A . n 
A 1 93  GLU 93  94  94  GLU GLU A . n 
A 1 94  GLU 94  95  95  GLU GLU A . n 
A 1 95  VAL 95  96  96  VAL VAL A . n 
A 1 96  GLU 96  97  97  GLU GLU A . n 
A 1 97  THR 97  98  98  THR THR A . n 
A 1 98  LEU 98  99  99  LEU LEU A . n 
A 1 99  ALA 99  100 100 ALA ALA A . n 
A 1 100 ARG 100 101 101 ARG ARG A . n 
A 1 101 PRO 101 102 102 PRO PRO A . n 
A 1 102 CYS 102 103 103 CYS CYS A . n 
A 1 103 LEU 103 104 104 LEU LEU A . n 
A 1 104 ASN 104 105 105 ASN ASN A . n 
A 1 105 MSE 105 106 106 MSE MSE A . n 
A 1 106 LEU 106 107 107 LEU LEU A . n 
A 1 107 ASN 107 108 108 ASN ASN A . n 
A 1 108 ARG 108 109 109 ARG ARG A . n 
A 1 109 LEU 109 110 110 LEU LEU A . n 
A 1 110 THR 110 111 111 THR THR A . n 
A 1 111 TYR 111 112 112 TYR TYR A . n 
A 1 112 GLU 112 113 113 GLU GLU A . n 
A 1 113 VAL 113 114 114 VAL VAL A . n 
A 1 114 THR 114 115 115 THR THR A . n 
A 1 115 GLU 115 116 116 GLU GLU A . n 
A 1 116 ILE 116 117 117 ILE ILE A . n 
A 1 117 ALA 117 118 118 ALA ALA A . n 
A 1 118 LEU 118 119 119 LEU LEU A . n 
A 1 119 ASP 119 120 120 ASP ASP A . n 
A 1 120 LEU 120 121 121 LEU LEU A . n 
A 1 121 PRO 121 122 122 PRO PRO A . n 
A 1 122 GLY 122 123 123 GLY GLY A . n 
A 1 123 ILE 123 124 124 ILE ILE A . n 
A 1 124 ASN 124 125 125 ASN ASN A . n 
A 1 125 LEU 125 126 126 LEU LEU A . n 
A 1 126 GLU 126 127 127 GLU GLU A . n 
A 1 127 PHE 127 128 128 PHE PHE A . n 
# 
loop_
_pdbx_nonpoly_scheme.asym_id 
_pdbx_nonpoly_scheme.entity_id 
_pdbx_nonpoly_scheme.mon_id 
_pdbx_nonpoly_scheme.ndb_seq_num 
_pdbx_nonpoly_scheme.pdb_seq_num 
_pdbx_nonpoly_scheme.auth_seq_num 
_pdbx_nonpoly_scheme.pdb_mon_id 
_pdbx_nonpoly_scheme.auth_mon_id 
_pdbx_nonpoly_scheme.pdb_strand_id 
_pdbx_nonpoly_scheme.pdb_ins_code 
B 2 HOH 1   129 1   HOH HOH A . 
B 2 HOH 2   130 2   HOH HOH A . 
B 2 HOH 3   131 3   HOH HOH A . 
B 2 HOH 4   132 4   HOH HOH A . 
B 2 HOH 5   133 5   HOH HOH A . 
B 2 HOH 6   134 6   HOH HOH A . 
B 2 HOH 7   135 7   HOH HOH A . 
B 2 HOH 8   136 8   HOH HOH A . 
B 2 HOH 9   137 9   HOH HOH A . 
B 2 HOH 10  138 10  HOH HOH A . 
B 2 HOH 11  139 11  HOH HOH A . 
B 2 HOH 12  140 12  HOH HOH A . 
B 2 HOH 13  141 13  HOH HOH A . 
B 2 HOH 14  142 14  HOH HOH A . 
B 2 HOH 15  143 15  HOH HOH A . 
B 2 HOH 16  144 16  HOH HOH A . 
B 2 HOH 17  145 17  HOH HOH A . 
B 2 HOH 18  146 18  HOH HOH A . 
B 2 HOH 19  147 19  HOH HOH A . 
B 2 HOH 20  148 20  HOH HOH A . 
B 2 HOH 21  149 21  HOH HOH A . 
B 2 HOH 22  150 22  HOH HOH A . 
B 2 HOH 23  151 23  HOH HOH A . 
B 2 HOH 24  152 24  HOH HOH A . 
B 2 HOH 25  153 25  HOH HOH A . 
B 2 HOH 26  154 26  HOH HOH A . 
B 2 HOH 27  155 27  HOH HOH A . 
B 2 HOH 28  156 28  HOH HOH A . 
B 2 HOH 29  157 29  HOH HOH A . 
B 2 HOH 30  158 30  HOH HOH A . 
B 2 HOH 31  159 31  HOH HOH A . 
B 2 HOH 32  160 32  HOH HOH A . 
B 2 HOH 33  161 33  HOH HOH A . 
B 2 HOH 34  162 34  HOH HOH A . 
B 2 HOH 35  163 35  HOH HOH A . 
B 2 HOH 36  164 36  HOH HOH A . 
B 2 HOH 37  165 37  HOH HOH A . 
B 2 HOH 38  166 38  HOH HOH A . 
B 2 HOH 39  167 39  HOH HOH A . 
B 2 HOH 40  168 40  HOH HOH A . 
B 2 HOH 41  169 41  HOH HOH A . 
B 2 HOH 42  170 42  HOH HOH A . 
B 2 HOH 43  171 43  HOH HOH A . 
B 2 HOH 44  172 44  HOH HOH A . 
B 2 HOH 45  173 45  HOH HOH A . 
B 2 HOH 46  174 46  HOH HOH A . 
B 2 HOH 47  175 47  HOH HOH A . 
B 2 HOH 48  176 48  HOH HOH A . 
B 2 HOH 49  177 49  HOH HOH A . 
B 2 HOH 50  178 50  HOH HOH A . 
B 2 HOH 51  179 51  HOH HOH A . 
B 2 HOH 52  180 52  HOH HOH A . 
B 2 HOH 53  181 53  HOH HOH A . 
B 2 HOH 54  182 54  HOH HOH A . 
B 2 HOH 55  183 55  HOH HOH A . 
B 2 HOH 56  184 56  HOH HOH A . 
B 2 HOH 57  185 57  HOH HOH A . 
B 2 HOH 58  186 58  HOH HOH A . 
B 2 HOH 59  187 59  HOH HOH A . 
B 2 HOH 60  188 60  HOH HOH A . 
B 2 HOH 61  189 61  HOH HOH A . 
B 2 HOH 62  190 62  HOH HOH A . 
B 2 HOH 63  191 63  HOH HOH A . 
B 2 HOH 64  192 64  HOH HOH A . 
B 2 HOH 65  193 65  HOH HOH A . 
B 2 HOH 66  194 66  HOH HOH A . 
B 2 HOH 67  195 67  HOH HOH A . 
B 2 HOH 68  196 68  HOH HOH A . 
B 2 HOH 69  197 69  HOH HOH A . 
B 2 HOH 70  198 70  HOH HOH A . 
B 2 HOH 71  199 71  HOH HOH A . 
B 2 HOH 72  200 72  HOH HOH A . 
B 2 HOH 73  201 73  HOH HOH A . 
B 2 HOH 74  202 74  HOH HOH A . 
B 2 HOH 75  203 75  HOH HOH A . 
B 2 HOH 76  204 76  HOH HOH A . 
B 2 HOH 77  205 77  HOH HOH A . 
B 2 HOH 78  206 78  HOH HOH A . 
B 2 HOH 79  207 79  HOH HOH A . 
B 2 HOH 80  208 80  HOH HOH A . 
B 2 HOH 81  209 81  HOH HOH A . 
B 2 HOH 82  210 82  HOH HOH A . 
B 2 HOH 83  211 83  HOH HOH A . 
B 2 HOH 84  212 84  HOH HOH A . 
B 2 HOH 85  213 85  HOH HOH A . 
B 2 HOH 86  214 86  HOH HOH A . 
B 2 HOH 87  215 87  HOH HOH A . 
B 2 HOH 88  216 88  HOH HOH A . 
B 2 HOH 89  217 89  HOH HOH A . 
B 2 HOH 90  218 90  HOH HOH A . 
B 2 HOH 91  219 91  HOH HOH A . 
B 2 HOH 92  220 92  HOH HOH A . 
B 2 HOH 93  221 93  HOH HOH A . 
B 2 HOH 94  222 94  HOH HOH A . 
B 2 HOH 95  223 95  HOH HOH A . 
B 2 HOH 96  224 96  HOH HOH A . 
B 2 HOH 97  225 97  HOH HOH A . 
B 2 HOH 98  226 98  HOH HOH A . 
B 2 HOH 99  227 99  HOH HOH A . 
B 2 HOH 100 228 100 HOH HOH A . 
B 2 HOH 101 229 101 HOH HOH A . 
B 2 HOH 102 230 102 HOH HOH A . 
B 2 HOH 103 231 103 HOH HOH A . 
B 2 HOH 104 232 104 HOH HOH A . 
B 2 HOH 105 233 105 HOH HOH A . 
B 2 HOH 106 234 106 HOH HOH A . 
B 2 HOH 107 235 107 HOH HOH A . 
B 2 HOH 108 236 108 HOH HOH A . 
B 2 HOH 109 237 109 HOH HOH A . 
B 2 HOH 110 238 110 HOH HOH A . 
B 2 HOH 111 239 111 HOH HOH A . 
B 2 HOH 112 240 112 HOH HOH A . 
B 2 HOH 113 241 113 HOH HOH A . 
B 2 HOH 114 242 114 HOH HOH A . 
B 2 HOH 115 243 115 HOH HOH A . 
B 2 HOH 116 244 116 HOH HOH A . 
B 2 HOH 117 245 117 HOH HOH A . 
B 2 HOH 118 246 118 HOH HOH A . 
B 2 HOH 119 247 119 HOH HOH A . 
B 2 HOH 120 248 120 HOH HOH A . 
B 2 HOH 121 249 121 HOH HOH A . 
B 2 HOH 122 250 122 HOH HOH A . 
B 2 HOH 123 251 123 HOH HOH A . 
B 2 HOH 124 252 124 HOH HOH A . 
B 2 HOH 125 253 125 HOH HOH A . 
B 2 HOH 126 254 126 HOH HOH A . 
B 2 HOH 127 255 127 HOH HOH A . 
B 2 HOH 128 256 128 HOH HOH A . 
B 2 HOH 129 257 129 HOH HOH A . 
B 2 HOH 130 258 130 HOH HOH A . 
B 2 HOH 131 259 131 HOH HOH A . 
B 2 HOH 132 260 132 HOH HOH A . 
B 2 HOH 133 261 133 HOH HOH A . 
B 2 HOH 134 262 134 HOH HOH A . 
B 2 HOH 135 263 135 HOH HOH A . 
B 2 HOH 136 264 136 HOH HOH A . 
B 2 HOH 137 265 137 HOH HOH A . 
B 2 HOH 138 266 138 HOH HOH A . 
B 2 HOH 139 267 139 HOH HOH A . 
B 2 HOH 140 268 140 HOH HOH A . 
B 2 HOH 141 269 141 HOH HOH A . 
B 2 HOH 142 270 142 HOH HOH A . 
B 2 HOH 143 271 143 HOH HOH A . 
B 2 HOH 144 272 144 HOH HOH A . 
B 2 HOH 145 273 145 HOH HOH A . 
B 2 HOH 146 274 146 HOH HOH A . 
B 2 HOH 147 275 147 HOH HOH A . 
B 2 HOH 148 276 148 HOH HOH A . 
B 2 HOH 149 277 149 HOH HOH A . 
B 2 HOH 150 278 150 HOH HOH A . 
B 2 HOH 151 279 151 HOH HOH A . 
B 2 HOH 152 280 152 HOH HOH A . 
B 2 HOH 153 281 153 HOH HOH A . 
B 2 HOH 154 282 154 HOH HOH A . 
B 2 HOH 155 283 155 HOH HOH A . 
B 2 HOH 156 284 156 HOH HOH A . 
B 2 HOH 157 285 157 HOH HOH A . 
B 2 HOH 158 286 158 HOH HOH A . 
B 2 HOH 159 287 159 HOH HOH A . 
B 2 HOH 160 288 160 HOH HOH A . 
B 2 HOH 161 289 161 HOH HOH A . 
B 2 HOH 162 290 162 HOH HOH A . 
B 2 HOH 163 291 163 HOH HOH A . 
B 2 HOH 164 292 164 HOH HOH A . 
B 2 HOH 165 293 165 HOH HOH A . 
B 2 HOH 166 294 166 HOH HOH A . 
B 2 HOH 167 295 167 HOH HOH A . 
B 2 HOH 168 296 168 HOH HOH A . 
B 2 HOH 169 297 169 HOH HOH A . 
B 2 HOH 170 298 170 HOH HOH A . 
# 
loop_
_software.name 
_software.classification 
_software.version 
_software.citation_id 
_software.pdbx_ordinal 
REFMAC   refinement       5.2.0019 ? 1 
HKL-2000 'data reduction' .        ? 2 
HKL-2000 'data scaling'   .        ? 3 
HKL-3000 phasing          .        ? 4 
SHELXE   'model building' .        ? 5 
SOLVE    phasing          .        ? 6 
RESOLVE  phasing          .        ? 7 
ARP/wARP 'model building' .        ? 8 
# 
_cell.entry_id           2HNG 
_cell.length_a           43.030 
_cell.length_b           42.581 
_cell.length_c           72.379 
_cell.angle_alpha        90.00 
_cell.angle_beta         90.00 
_cell.angle_gamma        90.00 
_cell.Z_PDB              4 
_cell.pdbx_unique_axis   ? 
_cell.length_a_esd       ? 
_cell.length_b_esd       ? 
_cell.length_c_esd       ? 
_cell.angle_alpha_esd    ? 
_cell.angle_beta_esd     ? 
_cell.angle_gamma_esd    ? 
# 
_symmetry.entry_id                         2HNG 
_symmetry.space_group_name_H-M             'P 2 2 21' 
_symmetry.pdbx_full_space_group_name_H-M   ? 
_symmetry.cell_setting                     ? 
_symmetry.Int_Tables_number                17 
_symmetry.space_group_name_Hall            ? 
# 
_exptl.entry_id          2HNG 
_exptl.method            'X-RAY DIFFRACTION' 
_exptl.crystals_number   1 
# 
_exptl_crystal.id                    1 
_exptl_crystal.density_meas          ? 
_exptl_crystal.density_Matthews      2.23 
_exptl_crystal.density_percent_sol   44.94 
_exptl_crystal.description           ? 
_exptl_crystal.F_000                 ? 
_exptl_crystal.preparation           ? 
# 
_exptl_crystal_grow.crystal_id      1 
_exptl_crystal_grow.method          'VAPOR DIFFUSION, SITTING DROP' 
_exptl_crystal_grow.temp            289 
_exptl_crystal_grow.temp_details    ? 
_exptl_crystal_grow.pH              6.5 
_exptl_crystal_grow.pdbx_details    
'0.2M Calcium chloride, 0.1M Bis-Tris pH 6.5, 45% MPD, VAPOR DIFFUSION, SITTING DROP, temperature 289K' 
_exptl_crystal_grow.pdbx_pH_range   . 
# 
_diffrn.id                     1 
_diffrn.ambient_temp           100 
_diffrn.ambient_temp_details   ? 
_diffrn.crystal_id             1 
# 
_diffrn_detector.diffrn_id              1 
_diffrn_detector.detector               CCD 
_diffrn_detector.type                   'ADSC QUANTUM 315' 
_diffrn_detector.pdbx_collection_date   2006-07-12 
_diffrn_detector.details                mirrors 
# 
_diffrn_radiation.diffrn_id                        1 
_diffrn_radiation.wavelength_id                    1 
_diffrn_radiation.pdbx_monochromatic_or_laue_m_l   M 
_diffrn_radiation.monochromator                    'double crystal monochromator, Si111' 
_diffrn_radiation.pdbx_diffrn_protocol             'SINGLE WAVELENGTH' 
_diffrn_radiation.pdbx_scattering_type             x-ray 
# 
_diffrn_radiation_wavelength.id           1 
_diffrn_radiation_wavelength.wavelength   0.97931 
_diffrn_radiation_wavelength.wt           1.0 
# 
_diffrn_source.diffrn_id                   1 
_diffrn_source.source                      SYNCHROTRON 
_diffrn_source.type                        'APS BEAMLINE 19-ID' 
_diffrn_source.pdbx_synchrotron_site       APS 
_diffrn_source.pdbx_synchrotron_beamline   19-ID 
_diffrn_source.pdbx_wavelength             ? 
_diffrn_source.pdbx_wavelength_list        0.97931 
# 
_reflns.entry_id                     2HNG 
_reflns.observed_criterion_sigma_F   0.0 
_reflns.observed_criterion_sigma_I   0.0 
_reflns.d_resolution_high            1.63 
_reflns.d_resolution_low             43.03 
_reflns.number_all                   17399 
_reflns.number_obs                   16724 
_reflns.percent_possible_obs         96.1 
_reflns.pdbx_Rmerge_I_obs            0.08 
_reflns.pdbx_Rsym_value              ? 
_reflns.pdbx_netI_over_sigmaI        11.2 
_reflns.B_iso_Wilson_estimate        ? 
_reflns.pdbx_redundancy              10.6 
_reflns.R_free_details               ? 
_reflns.limit_h_max                  ? 
_reflns.limit_h_min                  ? 
_reflns.limit_k_max                  ? 
_reflns.limit_k_min                  ? 
_reflns.limit_l_max                  ? 
_reflns.limit_l_min                  ? 
_reflns.observed_criterion_F_max     ? 
_reflns.observed_criterion_F_min     ? 
_reflns.pdbx_chi_squared             ? 
_reflns.pdbx_scaling_rejects         ? 
_reflns.pdbx_ordinal                 1 
_reflns.pdbx_diffrn_id               1 
# 
_reflns_shell.d_res_high             1.63 
_reflns_shell.d_res_low              1.69 
_reflns_shell.percent_possible_all   75.0 
_reflns_shell.Rmerge_I_obs           0.561 
_reflns_shell.pdbx_Rsym_value        ? 
_reflns_shell.meanI_over_sigI_obs    2.2 
_reflns_shell.pdbx_redundancy        6.8 
_reflns_shell.percent_possible_obs   ? 
_reflns_shell.number_unique_all      1283 
_reflns_shell.number_measured_all    ? 
_reflns_shell.number_measured_obs    ? 
_reflns_shell.number_unique_obs      ? 
_reflns_shell.pdbx_chi_squared       ? 
_reflns_shell.pdbx_ordinal           1 
_reflns_shell.pdbx_diffrn_id         1 
# 
_refine.entry_id                                 2HNG 
_refine.ls_number_reflns_obs                     14910 
_refine.ls_number_reflns_all                     14910 
_refine.pdbx_ls_sigma_I                          ? 
_refine.pdbx_ls_sigma_F                          0.0 
_refine.pdbx_data_cutoff_high_absF               ? 
_refine.pdbx_data_cutoff_low_absF                ? 
_refine.pdbx_data_cutoff_high_rms_absF           ? 
_refine.ls_d_res_low                             43.03 
_refine.ls_d_res_high                            1.63 
_refine.ls_percent_reflns_obs                    96.30 
_refine.ls_R_factor_obs                          0.19312 
_refine.ls_R_factor_all                          0.19312 
_refine.ls_R_factor_R_work                       0.18887 
_refine.ls_R_factor_R_free                       0.23122 
_refine.ls_R_factor_R_free_error                 ? 
_refine.ls_R_factor_R_free_error_details         ? 
_refine.ls_percent_reflns_R_free                 10.1 
_refine.ls_number_reflns_R_free                  1682 
_refine.ls_number_parameters                     ? 
_refine.ls_number_restraints                     ? 
_refine.occupancy_min                            ? 
_refine.occupancy_max                            ? 
_refine.correlation_coeff_Fo_to_Fc               0.962 
_refine.correlation_coeff_Fo_to_Fc_free          0.944 
_refine.B_iso_mean                               32.122 
_refine.aniso_B[1][1]                            2.28 
_refine.aniso_B[2][2]                            -0.90 
_refine.aniso_B[3][3]                            -1.38 
_refine.aniso_B[1][2]                            0.00 
_refine.aniso_B[1][3]                            0.00 
_refine.aniso_B[2][3]                            0.00 
_refine.solvent_model_details                    MASK 
_refine.solvent_model_param_ksol                 ? 
_refine.solvent_model_param_bsol                 ? 
_refine.pdbx_solvent_vdw_probe_radii             1.40 
_refine.pdbx_solvent_ion_probe_radii             0.80 
_refine.pdbx_solvent_shrinkage_radii             0.80 
_refine.pdbx_ls_cross_valid_method               THROUGHOUT 
_refine.details                                  ? 
_refine.pdbx_starting_model                      ? 
_refine.pdbx_method_to_determine_struct          SAD 
_refine.pdbx_isotropic_thermal_model             ? 
_refine.pdbx_stereochemistry_target_values       'MAXIMUM LIKELIHOOD WITH PHASES' 
_refine.pdbx_stereochem_target_val_spec_case     ? 
_refine.pdbx_R_Free_selection_details            RANDOM 
_refine.pdbx_overall_ESU_R                       0.122 
_refine.pdbx_overall_ESU_R_Free                  0.119 
_refine.overall_SU_ML                            0.078 
_refine.overall_SU_B                             2.217 
_refine.ls_redundancy_reflns_obs                 ? 
_refine.B_iso_min                                ? 
_refine.B_iso_max                                ? 
_refine.overall_SU_R_Cruickshank_DPI             ? 
_refine.overall_SU_R_free                        ? 
_refine.ls_wR_factor_R_free                      ? 
_refine.ls_wR_factor_R_work                      ? 
_refine.overall_FOM_free_R_set                   ? 
_refine.overall_FOM_work_R_set                   ? 
_refine.pdbx_refine_id                           'X-RAY DIFFRACTION' 
_refine.pdbx_diffrn_id                           1 
_refine.pdbx_TLS_residual_ADP_flag               ? 
_refine.pdbx_overall_phase_error                 ? 
_refine.pdbx_overall_SU_R_free_Cruickshank_DPI   ? 
_refine.pdbx_overall_SU_R_Blow_DPI               ? 
_refine.pdbx_overall_SU_R_free_Blow_DPI          ? 
# 
_refine_hist.pdbx_refine_id                   'X-RAY DIFFRACTION' 
_refine_hist.cycle_id                         LAST 
_refine_hist.pdbx_number_atoms_protein        1020 
_refine_hist.pdbx_number_atoms_nucleic_acid   0 
_refine_hist.pdbx_number_atoms_ligand         0 
_refine_hist.number_atoms_solvent             170 
_refine_hist.number_atoms_total               1190 
_refine_hist.d_res_high                       1.63 
_refine_hist.d_res_low                        43.03 
# 
loop_
_refine_ls_restr.type 
_refine_ls_restr.dev_ideal 
_refine_ls_restr.dev_ideal_target 
_refine_ls_restr.weight 
_refine_ls_restr.number 
_refine_ls_restr.pdbx_refine_id 
_refine_ls_restr.pdbx_restraint_function 
r_bond_refined_d             0.013  0.022  ? 1217 'X-RAY DIFFRACTION' ? 
r_bond_other_d               ?      ?      ? ?    'X-RAY DIFFRACTION' ? 
r_angle_refined_deg          1.547  1.944  ? 1677 'X-RAY DIFFRACTION' ? 
r_angle_other_deg            ?      ?      ? ?    'X-RAY DIFFRACTION' ? 
r_dihedral_angle_1_deg       6.148  5.000  ? 161  'X-RAY DIFFRACTION' ? 
r_dihedral_angle_2_deg       41.861 26.250 ? 72   'X-RAY DIFFRACTION' ? 
r_dihedral_angle_3_deg       15.823 15.000 ? 218  'X-RAY DIFFRACTION' ? 
r_dihedral_angle_4_deg       18.117 15.000 ? 6    'X-RAY DIFFRACTION' ? 
r_chiral_restr               0.119  0.200  ? 180  'X-RAY DIFFRACTION' ? 
r_gen_planes_refined         0.007  0.020  ? 1009 'X-RAY DIFFRACTION' ? 
r_gen_planes_other           ?      ?      ? ?    'X-RAY DIFFRACTION' ? 
r_nbd_refined                0.212  0.200  ? 547  'X-RAY DIFFRACTION' ? 
r_nbd_other                  ?      ?      ? ?    'X-RAY DIFFRACTION' ? 
r_nbtor_refined              0.310  0.200  ? 861  'X-RAY DIFFRACTION' ? 
r_nbtor_other                ?      ?      ? ?    'X-RAY DIFFRACTION' ? 
r_xyhbond_nbd_refined        0.196  0.200  ? 149  'X-RAY DIFFRACTION' ? 
r_xyhbond_nbd_other          ?      ?      ? ?    'X-RAY DIFFRACTION' ? 
r_metal_ion_refined          ?      ?      ? ?    'X-RAY DIFFRACTION' ? 
r_metal_ion_other            ?      ?      ? ?    'X-RAY DIFFRACTION' ? 
r_symmetry_vdw_refined       0.186  0.200  ? 42   'X-RAY DIFFRACTION' ? 
r_symmetry_vdw_other         ?      ?      ? ?    'X-RAY DIFFRACTION' ? 
r_symmetry_hbond_refined     0.203  0.200  ? 33   'X-RAY DIFFRACTION' ? 
r_symmetry_hbond_other       ?      ?      ? ?    'X-RAY DIFFRACTION' ? 
r_symmetry_metal_ion_refined ?      ?      ? ?    'X-RAY DIFFRACTION' ? 
r_symmetry_metal_ion_other   ?      ?      ? ?    'X-RAY DIFFRACTION' ? 
r_mcbond_it                  0.975  1.500  ? 761  'X-RAY DIFFRACTION' ? 
r_mcbond_other               ?      ?      ? ?    'X-RAY DIFFRACTION' ? 
r_mcangle_it                 1.540  2.000  ? 1227 'X-RAY DIFFRACTION' ? 
r_scbond_it                  2.653  3.000  ? 503  'X-RAY DIFFRACTION' ? 
r_scangle_it                 3.879  4.500  ? 450  'X-RAY DIFFRACTION' ? 
r_rigid_bond_restr           ?      ?      ? ?    'X-RAY DIFFRACTION' ? 
r_sphericity_free            ?      ?      ? ?    'X-RAY DIFFRACTION' ? 
r_sphericity_bonded          ?      ?      ? ?    'X-RAY DIFFRACTION' ? 
# 
_refine_ls_shell.pdbx_total_number_of_bins_used   20 
_refine_ls_shell.d_res_high                       1.630 
_refine_ls_shell.d_res_low                        1.672 
_refine_ls_shell.number_reflns_R_work             842 
_refine_ls_shell.R_factor_R_work                  0.221 
_refine_ls_shell.percent_reflns_obs               74.40 
_refine_ls_shell.R_factor_R_free                  0.293 
_refine_ls_shell.R_factor_R_free_error            ? 
_refine_ls_shell.percent_reflns_R_free            ? 
_refine_ls_shell.number_reflns_R_free             88 
_refine_ls_shell.number_reflns_all                ? 
_refine_ls_shell.R_factor_all                     ? 
_refine_ls_shell.number_reflns_obs                842 
_refine_ls_shell.redundancy_reflns_obs            ? 
_refine_ls_shell.pdbx_refine_id                   'X-RAY DIFFRACTION' 
# 
_struct.entry_id                  2HNG 
_struct.title                     'The Crystal Structure of Protein of Unknown Function SP1558 from Streptococcus pneumoniae' 
_struct.pdbx_model_details        ? 
_struct.pdbx_CASP_flag            ? 
_struct.pdbx_model_type_details   ? 
# 
_struct_keywords.entry_id        2HNG 
_struct_keywords.pdbx_keywords   'STRUCTURAL GENOMICS, UNKNOWN FUNCTION' 
_struct_keywords.text            
;alpha-beta, Structural Genomics, PSI-2, Protein Structure Initiative, Midwest Center for Structural Genomics, MCSG, UNKNOWN FUNCTION
;
# 
loop_
_struct_asym.id 
_struct_asym.pdbx_blank_PDB_chainid_flag 
_struct_asym.pdbx_modified 
_struct_asym.entity_id 
_struct_asym.details 
A N N 1 ? 
B N N 2 ? 
# 
_struct_ref.id                         1 
_struct_ref.db_name                    UNP 
_struct_ref.db_code                    Q97PP5_STRPN 
_struct_ref.pdbx_db_accession          Q97PP5 
_struct_ref.entity_id                  1 
_struct_ref.pdbx_seq_one_letter_code   
;MNLKREQEFVSQYHFDARNFEWENENGAPETKVDVNFQLLQHDQENQVTSLIVILSFMIVFDKFVISGTISQVNHIDGRI
VNEPSELNQEEVETLARPCLNMLNRLTYEVTEIALDLPGINLEF
;
_struct_ref.pdbx_align_begin           5 
_struct_ref.pdbx_db_isoform            ? 
# 
_struct_ref_seq.align_id                      1 
_struct_ref_seq.ref_id                        1 
_struct_ref_seq.pdbx_PDB_id_code              2HNG 
_struct_ref_seq.pdbx_strand_id                A 
_struct_ref_seq.seq_align_beg                 4 
_struct_ref_seq.pdbx_seq_align_beg_ins_code   ? 
_struct_ref_seq.seq_align_end                 127 
_struct_ref_seq.pdbx_seq_align_end_ins_code   ? 
_struct_ref_seq.pdbx_db_accession             Q97PP5 
_struct_ref_seq.db_align_beg                  5 
_struct_ref_seq.pdbx_db_align_beg_ins_code    ? 
_struct_ref_seq.db_align_end                  128 
_struct_ref_seq.pdbx_db_align_end_ins_code    ? 
_struct_ref_seq.pdbx_auth_seq_align_beg       5 
_struct_ref_seq.pdbx_auth_seq_align_end       128 
# 
loop_
_struct_ref_seq_dif.align_id 
_struct_ref_seq_dif.pdbx_pdb_id_code 
_struct_ref_seq_dif.mon_id 
_struct_ref_seq_dif.pdbx_pdb_strand_id 
_struct_ref_seq_dif.seq_num 
_struct_ref_seq_dif.pdbx_pdb_ins_code 
_struct_ref_seq_dif.pdbx_seq_db_name 
_struct_ref_seq_dif.pdbx_seq_db_accession_code 
_struct_ref_seq_dif.db_mon_id 
_struct_ref_seq_dif.pdbx_seq_db_seq_num 
_struct_ref_seq_dif.details 
_struct_ref_seq_dif.pdbx_auth_seq_num 
_struct_ref_seq_dif.pdbx_ordinal 
1 2HNG SER A 1   ? UNP Q97PP5 ?   ?   'cloning artifact' 2   1 
1 2HNG ASN A 2   ? UNP Q97PP5 ?   ?   'cloning artifact' 3   2 
1 2HNG ALA A 3   ? UNP Q97PP5 ?   ?   'cloning artifact' 4   3 
1 2HNG MSE A 4   ? UNP Q97PP5 MET 5   'modified residue' 5   4 
1 2HNG MSE A 61  ? UNP Q97PP5 MET 62  'modified residue' 62  5 
1 2HNG MSE A 105 ? UNP Q97PP5 MET 106 'modified residue' 106 6 
# 
_pdbx_struct_assembly.id                   1 
_pdbx_struct_assembly.details              author_defined_assembly 
_pdbx_struct_assembly.method_details       ? 
_pdbx_struct_assembly.oligomeric_details   dimeric 
_pdbx_struct_assembly.oligomeric_count     2 
# 
_pdbx_struct_assembly_gen.assembly_id       1 
_pdbx_struct_assembly_gen.oper_expression   1,2 
_pdbx_struct_assembly_gen.asym_id_list      A,B 
# 
loop_
_pdbx_struct_oper_list.id 
_pdbx_struct_oper_list.type 
_pdbx_struct_oper_list.name 
_pdbx_struct_oper_list.symmetry_operation 
_pdbx_struct_oper_list.matrix[1][1] 
_pdbx_struct_oper_list.matrix[1][2] 
_pdbx_struct_oper_list.matrix[1][3] 
_pdbx_struct_oper_list.vector[1] 
_pdbx_struct_oper_list.matrix[2][1] 
_pdbx_struct_oper_list.matrix[2][2] 
_pdbx_struct_oper_list.matrix[2][3] 
_pdbx_struct_oper_list.vector[2] 
_pdbx_struct_oper_list.matrix[3][1] 
_pdbx_struct_oper_list.matrix[3][2] 
_pdbx_struct_oper_list.matrix[3][3] 
_pdbx_struct_oper_list.vector[3] 
1 'identity operation'         1_555 x,y,z     1.0000000000  0.0000000000 0.0000000000  0.0000000000  0.0000000000 1.0000000000  0.0000000000  0.0000000000  0.0000000000  0.0000000000  1.0000000000 0.0000000000  
2 'crystal symmetry operation' 4_565 x,-y+1,-z -0.5036292968 0.2173762586 -0.8361250467 25.4260462738 0.2173762586 -0.9048041363 -0.3661653139 -0.0053025494 -0.8361250467 -0.3661653139 0.4084334331 15.0929479647 
# 
_struct_biol.id   1 
# 
loop_
_struct_conf.conf_type_id 
_struct_conf.id 
_struct_conf.pdbx_PDB_helix_id 
_struct_conf.beg_label_comp_id 
_struct_conf.beg_label_asym_id 
_struct_conf.beg_label_seq_id 
_struct_conf.pdbx_beg_PDB_ins_code 
_struct_conf.end_label_comp_id 
_struct_conf.end_label_asym_id 
_struct_conf.end_label_seq_id 
_struct_conf.pdbx_end_PDB_ins_code 
_struct_conf.beg_auth_comp_id 
_struct_conf.beg_auth_asym_id 
_struct_conf.beg_auth_seq_id 
_struct_conf.end_auth_comp_id 
_struct_conf.end_auth_asym_id 
_struct_conf.end_auth_seq_id 
_struct_conf.pdbx_PDB_helix_class 
_struct_conf.details 
_struct_conf.pdbx_PDB_helix_length 
HELX_P HELX_P1 1 ASN A 22 ? GLY A 30  ? ASN A 23 GLY A 31  1 ? 9  
HELX_P HELX_P2 2 GLU A 86 ? LEU A 90  ? GLU A 87 LEU A 91  5 ? 5  
HELX_P HELX_P3 3 ASN A 91 ? ASP A 119 ? ASN A 92 ASP A 120 1 ? 29 
# 
_struct_conf_type.id          HELX_P 
_struct_conf_type.criteria    ? 
_struct_conf_type.reference   ? 
# 
loop_
_struct_conn.id 
_struct_conn.conn_type_id 
_struct_conn.pdbx_leaving_atom_flag 
_struct_conn.pdbx_PDB_id 
_struct_conn.ptnr1_label_asym_id 
_struct_conn.ptnr1_label_comp_id 
_struct_conn.ptnr1_label_seq_id 
_struct_conn.ptnr1_label_atom_id 
_struct_conn.pdbx_ptnr1_label_alt_id 
_struct_conn.pdbx_ptnr1_PDB_ins_code 
_struct_conn.pdbx_ptnr1_standard_comp_id 
_struct_conn.ptnr1_symmetry 
_struct_conn.ptnr2_label_asym_id 
_struct_conn.ptnr2_label_comp_id 
_struct_conn.ptnr2_label_seq_id 
_struct_conn.ptnr2_label_atom_id 
_struct_conn.pdbx_ptnr2_label_alt_id 
_struct_conn.pdbx_ptnr2_PDB_ins_code 
_struct_conn.ptnr1_auth_asym_id 
_struct_conn.ptnr1_auth_comp_id 
_struct_conn.ptnr1_auth_seq_id 
_struct_conn.ptnr2_auth_asym_id 
_struct_conn.ptnr2_auth_comp_id 
_struct_conn.ptnr2_auth_seq_id 
_struct_conn.ptnr2_symmetry 
_struct_conn.pdbx_ptnr3_label_atom_id 
_struct_conn.pdbx_ptnr3_label_seq_id 
_struct_conn.pdbx_ptnr3_label_comp_id 
_struct_conn.pdbx_ptnr3_label_asym_id 
_struct_conn.pdbx_ptnr3_label_alt_id 
_struct_conn.pdbx_ptnr3_PDB_ins_code 
_struct_conn.details 
_struct_conn.pdbx_dist_value 
_struct_conn.pdbx_value_order 
_struct_conn.pdbx_role 
covale1  covale both ? A ALA 3   C ? ? ? 1_555 A MSE 4   N A ? A ALA 4   A MSE 5   1_555 ? ? ? ? ? ? ? 1.328 ? ? 
covale2  covale both ? A ALA 3   C ? ? ? 1_555 A MSE 4   N B ? A ALA 4   A MSE 5   1_555 ? ? ? ? ? ? ? 1.341 ? ? 
covale3  covale both ? A MSE 4   C A ? ? 1_555 A ASN 5   N ? ? A MSE 5   A ASN 6   1_555 ? ? ? ? ? ? ? 1.323 ? ? 
covale4  covale both ? A MSE 4   C B ? ? 1_555 A ASN 5   N ? ? A MSE 5   A ASN 6   1_555 ? ? ? ? ? ? ? 1.328 ? ? 
covale5  covale both ? A PHE 60  C ? ? ? 1_555 A MSE 61  N A ? A PHE 61  A MSE 62  1_555 ? ? ? ? ? ? ? 1.328 ? ? 
covale6  covale both ? A PHE 60  C ? ? ? 1_555 A MSE 61  N B ? A PHE 61  A MSE 62  1_555 ? ? ? ? ? ? ? 1.330 ? ? 
covale7  covale both ? A MSE 61  C B ? ? 1_555 A ILE 62  N ? ? A MSE 62  A ILE 63  1_555 ? ? ? ? ? ? ? 1.331 ? ? 
covale8  covale both ? A MSE 61  C A ? ? 1_555 A ILE 62  N ? ? A MSE 62  A ILE 63  1_555 ? ? ? ? ? ? ? 1.328 ? ? 
covale9  covale both ? A ASN 104 C ? ? ? 1_555 A MSE 105 N B ? A ASN 105 A MSE 106 1_555 ? ? ? ? ? ? ? 1.333 ? ? 
covale10 covale both ? A ASN 104 C ? ? ? 1_555 A MSE 105 N A ? A ASN 105 A MSE 106 1_555 ? ? ? ? ? ? ? 1.334 ? ? 
covale11 covale both ? A MSE 105 C B ? ? 1_555 A LEU 106 N ? ? A MSE 106 A LEU 107 1_555 ? ? ? ? ? ? ? 1.334 ? ? 
covale12 covale both ? A MSE 105 C A ? ? 1_555 A LEU 106 N ? ? A MSE 106 A LEU 107 1_555 ? ? ? ? ? ? ? 1.332 ? ? 
# 
_struct_conn_type.id          covale 
_struct_conn_type.criteria    ? 
_struct_conn_type.reference   ? 
# 
loop_
_pdbx_modification_feature.ordinal 
_pdbx_modification_feature.label_comp_id 
_pdbx_modification_feature.label_asym_id 
_pdbx_modification_feature.label_seq_id 
_pdbx_modification_feature.label_alt_id 
_pdbx_modification_feature.modified_residue_label_comp_id 
_pdbx_modification_feature.modified_residue_label_asym_id 
_pdbx_modification_feature.modified_residue_label_seq_id 
_pdbx_modification_feature.modified_residue_label_alt_id 
_pdbx_modification_feature.auth_comp_id 
_pdbx_modification_feature.auth_asym_id 
_pdbx_modification_feature.auth_seq_id 
_pdbx_modification_feature.PDB_ins_code 
_pdbx_modification_feature.symmetry 
_pdbx_modification_feature.modified_residue_auth_comp_id 
_pdbx_modification_feature.modified_residue_auth_asym_id 
_pdbx_modification_feature.modified_residue_auth_seq_id 
_pdbx_modification_feature.modified_residue_PDB_ins_code 
_pdbx_modification_feature.modified_residue_symmetry 
_pdbx_modification_feature.comp_id_linking_atom 
_pdbx_modification_feature.modified_residue_id_linking_atom 
_pdbx_modification_feature.modified_residue_id 
_pdbx_modification_feature.ref_pcm_id 
_pdbx_modification_feature.ref_comp_id 
_pdbx_modification_feature.type 
_pdbx_modification_feature.category 
1 MSE A 4   A . . . . MSE A 5   ? 1_555 . . . . . . . MET 1 MSE Selenomethionine 'Named protein modification' 
2 MSE A 4   B . . . . MSE A 5   ? 1_555 . . . . . . . MET 1 MSE Selenomethionine 'Named protein modification' 
3 MSE A 61  A . . . . MSE A 62  ? 1_555 . . . . . . . MET 1 MSE Selenomethionine 'Named protein modification' 
4 MSE A 61  B . . . . MSE A 62  ? 1_555 . . . . . . . MET 1 MSE Selenomethionine 'Named protein modification' 
5 MSE A 105 A . . . . MSE A 106 ? 1_555 . . . . . . . MET 1 MSE Selenomethionine 'Named protein modification' 
6 MSE A 105 B . . . . MSE A 106 ? 1_555 . . . . . . . MET 1 MSE Selenomethionine 'Named protein modification' 
# 
loop_
_struct_sheet.id 
_struct_sheet.type 
_struct_sheet.number_strands 
_struct_sheet.details 
A ? 3 ? 
B ? 4 ? 
# 
loop_
_struct_sheet_order.sheet_id 
_struct_sheet_order.range_id_1 
_struct_sheet_order.range_id_2 
_struct_sheet_order.offset 
_struct_sheet_order.sense 
A 1 2 ? anti-parallel 
A 2 3 ? anti-parallel 
B 1 2 ? anti-parallel 
B 2 3 ? anti-parallel 
B 3 4 ? anti-parallel 
# 
loop_
_struct_sheet_range.sheet_id 
_struct_sheet_range.id 
_struct_sheet_range.beg_label_comp_id 
_struct_sheet_range.beg_label_asym_id 
_struct_sheet_range.beg_label_seq_id 
_struct_sheet_range.pdbx_beg_PDB_ins_code 
_struct_sheet_range.end_label_comp_id 
_struct_sheet_range.end_label_asym_id 
_struct_sheet_range.end_label_seq_id 
_struct_sheet_range.pdbx_end_PDB_ins_code 
_struct_sheet_range.beg_auth_comp_id 
_struct_sheet_range.beg_auth_asym_id 
_struct_sheet_range.beg_auth_seq_id 
_struct_sheet_range.end_auth_comp_id 
_struct_sheet_range.end_auth_asym_id 
_struct_sheet_range.end_auth_seq_id 
A 1 LEU A 6  ? ARG A 8  ? LEU A 7  ARG A 9  
A 2 PHE A 67 ? ASP A 80 ? PHE A 68 ASP A 81 
A 3 PHE A 12 ? ALA A 20 ? PHE A 13 ALA A 21 
B 1 LEU A 6  ? ARG A 8  ? LEU A 7  ARG A 9  
B 2 PHE A 67 ? ASP A 80 ? PHE A 68 ASP A 81 
B 3 VAL A 51 ? VAL A 63 ? VAL A 52 VAL A 64 
B 4 LYS A 35 ? ASP A 46 ? LYS A 36 ASP A 47 
# 
loop_
_pdbx_struct_sheet_hbond.sheet_id 
_pdbx_struct_sheet_hbond.range_id_1 
_pdbx_struct_sheet_hbond.range_id_2 
_pdbx_struct_sheet_hbond.range_1_label_atom_id 
_pdbx_struct_sheet_hbond.range_1_label_comp_id 
_pdbx_struct_sheet_hbond.range_1_label_asym_id 
_pdbx_struct_sheet_hbond.range_1_label_seq_id 
_pdbx_struct_sheet_hbond.range_1_PDB_ins_code 
_pdbx_struct_sheet_hbond.range_1_auth_atom_id 
_pdbx_struct_sheet_hbond.range_1_auth_comp_id 
_pdbx_struct_sheet_hbond.range_1_auth_asym_id 
_pdbx_struct_sheet_hbond.range_1_auth_seq_id 
_pdbx_struct_sheet_hbond.range_2_label_atom_id 
_pdbx_struct_sheet_hbond.range_2_label_comp_id 
_pdbx_struct_sheet_hbond.range_2_label_asym_id 
_pdbx_struct_sheet_hbond.range_2_label_seq_id 
_pdbx_struct_sheet_hbond.range_2_PDB_ins_code 
_pdbx_struct_sheet_hbond.range_2_auth_atom_id 
_pdbx_struct_sheet_hbond.range_2_auth_comp_id 
_pdbx_struct_sheet_hbond.range_2_auth_asym_id 
_pdbx_struct_sheet_hbond.range_2_auth_seq_id 
A 1 2 N LYS A 7  ? N LYS A 8  O HIS A 78 ? O HIS A 79 
A 2 3 O SER A 70 ? O SER A 71 N HIS A 17 ? N HIS A 18 
B 1 2 N LYS A 7  ? N LYS A 8  O HIS A 78 ? O HIS A 79 
B 2 3 O ILE A 73 ? O ILE A 74 N LEU A 58 ? N LEU A 59 
B 3 4 O ILE A 57 ? O ILE A 58 N ASN A 39 ? N ASN A 40 
# 
_pdbx_entry_details.entry_id                   2HNG 
_pdbx_entry_details.compound_details           ? 
_pdbx_entry_details.source_details             ? 
_pdbx_entry_details.nonpolymer_details         ? 
_pdbx_entry_details.sequence_details           ? 
_pdbx_entry_details.has_ligand_of_interest     ? 
_pdbx_entry_details.has_protein_modification   Y 
# 
loop_
_pdbx_validate_close_contact.id 
_pdbx_validate_close_contact.PDB_model_num 
_pdbx_validate_close_contact.auth_atom_id_1 
_pdbx_validate_close_contact.auth_asym_id_1 
_pdbx_validate_close_contact.auth_comp_id_1 
_pdbx_validate_close_contact.auth_seq_id_1 
_pdbx_validate_close_contact.PDB_ins_code_1 
_pdbx_validate_close_contact.label_alt_id_1 
_pdbx_validate_close_contact.auth_atom_id_2 
_pdbx_validate_close_contact.auth_asym_id_2 
_pdbx_validate_close_contact.auth_comp_id_2 
_pdbx_validate_close_contact.auth_seq_id_2 
_pdbx_validate_close_contact.PDB_ins_code_2 
_pdbx_validate_close_contact.label_alt_id_2 
_pdbx_validate_close_contact.dist 
1 1 O   A HOH 224 ? ? O A HOH 293 ? ? 2.11 
2 1 O   A HOH 206 ? ? O A HOH 278 ? ? 2.11 
3 1 O   A HOH 291 ? ? O A HOH 292 ? ? 2.18 
4 1 OE1 A GLU 90  ? B O A HOH 287 ? ? 2.19 
# 
_pdbx_validate_symm_contact.id                1 
_pdbx_validate_symm_contact.PDB_model_num     1 
_pdbx_validate_symm_contact.auth_atom_id_1    NZ 
_pdbx_validate_symm_contact.auth_asym_id_1    A 
_pdbx_validate_symm_contact.auth_comp_id_1    LYS 
_pdbx_validate_symm_contact.auth_seq_id_1     67 
_pdbx_validate_symm_contact.PDB_ins_code_1    ? 
_pdbx_validate_symm_contact.label_alt_id_1    ? 
_pdbx_validate_symm_contact.site_symmetry_1   1_555 
_pdbx_validate_symm_contact.auth_atom_id_2    O 
_pdbx_validate_symm_contact.auth_asym_id_2    A 
_pdbx_validate_symm_contact.auth_comp_id_2    HOH 
_pdbx_validate_symm_contact.auth_seq_id_2     290 
_pdbx_validate_symm_contact.PDB_ins_code_2    ? 
_pdbx_validate_symm_contact.label_alt_id_2    ? 
_pdbx_validate_symm_contact.site_symmetry_2   3_554 
_pdbx_validate_symm_contact.dist              2.08 
# 
_pdbx_validate_torsion.id              1 
_pdbx_validate_torsion.PDB_model_num   1 
_pdbx_validate_torsion.auth_comp_id    GLN 
_pdbx_validate_torsion.auth_asym_id    A 
_pdbx_validate_torsion.auth_seq_id     51 
_pdbx_validate_torsion.PDB_ins_code    ? 
_pdbx_validate_torsion.label_alt_id    A 
_pdbx_validate_torsion.phi             60.94 
_pdbx_validate_torsion.psi             60.18 
# 
_pdbx_SG_project.id                    1 
_pdbx_SG_project.project_name          'PSI, Protein Structure Initiative' 
_pdbx_SG_project.full_name_of_center   'Midwest Center for Structural Genomics' 
_pdbx_SG_project.initial_of_center     MCSG 
# 
loop_
_pdbx_struct_mod_residue.id 
_pdbx_struct_mod_residue.label_asym_id 
_pdbx_struct_mod_residue.label_comp_id 
_pdbx_struct_mod_residue.label_seq_id 
_pdbx_struct_mod_residue.auth_asym_id 
_pdbx_struct_mod_residue.auth_comp_id 
_pdbx_struct_mod_residue.auth_seq_id 
_pdbx_struct_mod_residue.PDB_ins_code 
_pdbx_struct_mod_residue.parent_comp_id 
_pdbx_struct_mod_residue.details 
1 A MSE 4   A MSE 5   ? MET SELENOMETHIONINE 
2 A MSE 61  A MSE 62  ? MET SELENOMETHIONINE 
3 A MSE 105 A MSE 106 ? MET SELENOMETHIONINE 
# 
loop_
_pdbx_struct_special_symmetry.id 
_pdbx_struct_special_symmetry.PDB_model_num 
_pdbx_struct_special_symmetry.auth_asym_id 
_pdbx_struct_special_symmetry.auth_comp_id 
_pdbx_struct_special_symmetry.auth_seq_id 
_pdbx_struct_special_symmetry.PDB_ins_code 
_pdbx_struct_special_symmetry.label_asym_id 
_pdbx_struct_special_symmetry.label_comp_id 
_pdbx_struct_special_symmetry.label_seq_id 
1 1 A HOH 160 ? B HOH . 
2 1 A HOH 210 ? B HOH . 
# 
loop_
_pdbx_unobs_or_zero_occ_residues.id 
_pdbx_unobs_or_zero_occ_residues.PDB_model_num 
_pdbx_unobs_or_zero_occ_residues.polymer_flag 
_pdbx_unobs_or_zero_occ_residues.occupancy_flag 
_pdbx_unobs_or_zero_occ_residues.auth_asym_id 
_pdbx_unobs_or_zero_occ_residues.auth_comp_id 
_pdbx_unobs_or_zero_occ_residues.auth_seq_id 
_pdbx_unobs_or_zero_occ_residues.PDB_ins_code 
_pdbx_unobs_or_zero_occ_residues.label_asym_id 
_pdbx_unobs_or_zero_occ_residues.label_comp_id 
_pdbx_unobs_or_zero_occ_residues.label_seq_id 
1 1 Y 1 A SER 2 ? A SER 1 
2 1 Y 1 A ASN 3 ? A ASN 2 
# 
loop_
_chem_comp_atom.comp_id 
_chem_comp_atom.atom_id 
_chem_comp_atom.type_symbol 
_chem_comp_atom.pdbx_aromatic_flag 
_chem_comp_atom.pdbx_stereo_config 
_chem_comp_atom.pdbx_ordinal 
ALA N    N  N N 1   
ALA CA   C  N S 2   
ALA C    C  N N 3   
ALA O    O  N N 4   
ALA CB   C  N N 5   
ALA OXT  O  N N 6   
ALA H    H  N N 7   
ALA H2   H  N N 8   
ALA HA   H  N N 9   
ALA HB1  H  N N 10  
ALA HB2  H  N N 11  
ALA HB3  H  N N 12  
ALA HXT  H  N N 13  
ARG N    N  N N 14  
ARG CA   C  N S 15  
ARG C    C  N N 16  
ARG O    O  N N 17  
ARG CB   C  N N 18  
ARG CG   C  N N 19  
ARG CD   C  N N 20  
ARG NE   N  N N 21  
ARG CZ   C  N N 22  
ARG NH1  N  N N 23  
ARG NH2  N  N N 24  
ARG OXT  O  N N 25  
ARG H    H  N N 26  
ARG H2   H  N N 27  
ARG HA   H  N N 28  
ARG HB2  H  N N 29  
ARG HB3  H  N N 30  
ARG HG2  H  N N 31  
ARG HG3  H  N N 32  
ARG HD2  H  N N 33  
ARG HD3  H  N N 34  
ARG HE   H  N N 35  
ARG HH11 H  N N 36  
ARG HH12 H  N N 37  
ARG HH21 H  N N 38  
ARG HH22 H  N N 39  
ARG HXT  H  N N 40  
ASN N    N  N N 41  
ASN CA   C  N S 42  
ASN C    C  N N 43  
ASN O    O  N N 44  
ASN CB   C  N N 45  
ASN CG   C  N N 46  
ASN OD1  O  N N 47  
ASN ND2  N  N N 48  
ASN OXT  O  N N 49  
ASN H    H  N N 50  
ASN H2   H  N N 51  
ASN HA   H  N N 52  
ASN HB2  H  N N 53  
ASN HB3  H  N N 54  
ASN HD21 H  N N 55  
ASN HD22 H  N N 56  
ASN HXT  H  N N 57  
ASP N    N  N N 58  
ASP CA   C  N S 59  
ASP C    C  N N 60  
ASP O    O  N N 61  
ASP CB   C  N N 62  
ASP CG   C  N N 63  
ASP OD1  O  N N 64  
ASP OD2  O  N N 65  
ASP OXT  O  N N 66  
ASP H    H  N N 67  
ASP H2   H  N N 68  
ASP HA   H  N N 69  
ASP HB2  H  N N 70  
ASP HB3  H  N N 71  
ASP HD2  H  N N 72  
ASP HXT  H  N N 73  
CYS N    N  N N 74  
CYS CA   C  N R 75  
CYS C    C  N N 76  
CYS O    O  N N 77  
CYS CB   C  N N 78  
CYS SG   S  N N 79  
CYS OXT  O  N N 80  
CYS H    H  N N 81  
CYS H2   H  N N 82  
CYS HA   H  N N 83  
CYS HB2  H  N N 84  
CYS HB3  H  N N 85  
CYS HG   H  N N 86  
CYS HXT  H  N N 87  
GLN N    N  N N 88  
GLN CA   C  N S 89  
GLN C    C  N N 90  
GLN O    O  N N 91  
GLN CB   C  N N 92  
GLN CG   C  N N 93  
GLN CD   C  N N 94  
GLN OE1  O  N N 95  
GLN NE2  N  N N 96  
GLN OXT  O  N N 97  
GLN H    H  N N 98  
GLN H2   H  N N 99  
GLN HA   H  N N 100 
GLN HB2  H  N N 101 
GLN HB3  H  N N 102 
GLN HG2  H  N N 103 
GLN HG3  H  N N 104 
GLN HE21 H  N N 105 
GLN HE22 H  N N 106 
GLN HXT  H  N N 107 
GLU N    N  N N 108 
GLU CA   C  N S 109 
GLU C    C  N N 110 
GLU O    O  N N 111 
GLU CB   C  N N 112 
GLU CG   C  N N 113 
GLU CD   C  N N 114 
GLU OE1  O  N N 115 
GLU OE2  O  N N 116 
GLU OXT  O  N N 117 
GLU H    H  N N 118 
GLU H2   H  N N 119 
GLU HA   H  N N 120 
GLU HB2  H  N N 121 
GLU HB3  H  N N 122 
GLU HG2  H  N N 123 
GLU HG3  H  N N 124 
GLU HE2  H  N N 125 
GLU HXT  H  N N 126 
GLY N    N  N N 127 
GLY CA   C  N N 128 
GLY C    C  N N 129 
GLY O    O  N N 130 
GLY OXT  O  N N 131 
GLY H    H  N N 132 
GLY H2   H  N N 133 
GLY HA2  H  N N 134 
GLY HA3  H  N N 135 
GLY HXT  H  N N 136 
HIS N    N  N N 137 
HIS CA   C  N S 138 
HIS C    C  N N 139 
HIS O    O  N N 140 
HIS CB   C  N N 141 
HIS CG   C  Y N 142 
HIS ND1  N  Y N 143 
HIS CD2  C  Y N 144 
HIS CE1  C  Y N 145 
HIS NE2  N  Y N 146 
HIS OXT  O  N N 147 
HIS H    H  N N 148 
HIS H2   H  N N 149 
HIS HA   H  N N 150 
HIS HB2  H  N N 151 
HIS HB3  H  N N 152 
HIS HD1  H  N N 153 
HIS HD2  H  N N 154 
HIS HE1  H  N N 155 
HIS HE2  H  N N 156 
HIS HXT  H  N N 157 
HOH O    O  N N 158 
HOH H1   H  N N 159 
HOH H2   H  N N 160 
ILE N    N  N N 161 
ILE CA   C  N S 162 
ILE C    C  N N 163 
ILE O    O  N N 164 
ILE CB   C  N S 165 
ILE CG1  C  N N 166 
ILE CG2  C  N N 167 
ILE CD1  C  N N 168 
ILE OXT  O  N N 169 
ILE H    H  N N 170 
ILE H2   H  N N 171 
ILE HA   H  N N 172 
ILE HB   H  N N 173 
ILE HG12 H  N N 174 
ILE HG13 H  N N 175 
ILE HG21 H  N N 176 
ILE HG22 H  N N 177 
ILE HG23 H  N N 178 
ILE HD11 H  N N 179 
ILE HD12 H  N N 180 
ILE HD13 H  N N 181 
ILE HXT  H  N N 182 
LEU N    N  N N 183 
LEU CA   C  N S 184 
LEU C    C  N N 185 
LEU O    O  N N 186 
LEU CB   C  N N 187 
LEU CG   C  N N 188 
LEU CD1  C  N N 189 
LEU CD2  C  N N 190 
LEU OXT  O  N N 191 
LEU H    H  N N 192 
LEU H2   H  N N 193 
LEU HA   H  N N 194 
LEU HB2  H  N N 195 
LEU HB3  H  N N 196 
LEU HG   H  N N 197 
LEU HD11 H  N N 198 
LEU HD12 H  N N 199 
LEU HD13 H  N N 200 
LEU HD21 H  N N 201 
LEU HD22 H  N N 202 
LEU HD23 H  N N 203 
LEU HXT  H  N N 204 
LYS N    N  N N 205 
LYS CA   C  N S 206 
LYS C    C  N N 207 
LYS O    O  N N 208 
LYS CB   C  N N 209 
LYS CG   C  N N 210 
LYS CD   C  N N 211 
LYS CE   C  N N 212 
LYS NZ   N  N N 213 
LYS OXT  O  N N 214 
LYS H    H  N N 215 
LYS H2   H  N N 216 
LYS HA   H  N N 217 
LYS HB2  H  N N 218 
LYS HB3  H  N N 219 
LYS HG2  H  N N 220 
LYS HG3  H  N N 221 
LYS HD2  H  N N 222 
LYS HD3  H  N N 223 
LYS HE2  H  N N 224 
LYS HE3  H  N N 225 
LYS HZ1  H  N N 226 
LYS HZ2  H  N N 227 
LYS HZ3  H  N N 228 
LYS HXT  H  N N 229 
MET N    N  N N 230 
MET CA   C  N S 231 
MET C    C  N N 232 
MET O    O  N N 233 
MET CB   C  N N 234 
MET CG   C  N N 235 
MET SD   S  N N 236 
MET CE   C  N N 237 
MET OXT  O  N N 238 
MET H    H  N N 239 
MET H2   H  N N 240 
MET HA   H  N N 241 
MET HB2  H  N N 242 
MET HB3  H  N N 243 
MET HG2  H  N N 244 
MET HG3  H  N N 245 
MET HE1  H  N N 246 
MET HE2  H  N N 247 
MET HE3  H  N N 248 
MET HXT  H  N N 249 
MSE N    N  N N 250 
MSE CA   C  N S 251 
MSE C    C  N N 252 
MSE O    O  N N 253 
MSE OXT  O  N N 254 
MSE CB   C  N N 255 
MSE CG   C  N N 256 
MSE SE   SE N N 257 
MSE CE   C  N N 258 
MSE H    H  N N 259 
MSE H2   H  N N 260 
MSE HA   H  N N 261 
MSE HXT  H  N N 262 
MSE HB2  H  N N 263 
MSE HB3  H  N N 264 
MSE HG2  H  N N 265 
MSE HG3  H  N N 266 
MSE HE1  H  N N 267 
MSE HE2  H  N N 268 
MSE HE3  H  N N 269 
PHE N    N  N N 270 
PHE CA   C  N S 271 
PHE C    C  N N 272 
PHE O    O  N N 273 
PHE CB   C  N N 274 
PHE CG   C  Y N 275 
PHE CD1  C  Y N 276 
PHE CD2  C  Y N 277 
PHE CE1  C  Y N 278 
PHE CE2  C  Y N 279 
PHE CZ   C  Y N 280 
PHE OXT  O  N N 281 
PHE H    H  N N 282 
PHE H2   H  N N 283 
PHE HA   H  N N 284 
PHE HB2  H  N N 285 
PHE HB3  H  N N 286 
PHE HD1  H  N N 287 
PHE HD2  H  N N 288 
PHE HE1  H  N N 289 
PHE HE2  H  N N 290 
PHE HZ   H  N N 291 
PHE HXT  H  N N 292 
PRO N    N  N N 293 
PRO CA   C  N S 294 
PRO C    C  N N 295 
PRO O    O  N N 296 
PRO CB   C  N N 297 
PRO CG   C  N N 298 
PRO CD   C  N N 299 
PRO OXT  O  N N 300 
PRO H    H  N N 301 
PRO HA   H  N N 302 
PRO HB2  H  N N 303 
PRO HB3  H  N N 304 
PRO HG2  H  N N 305 
PRO HG3  H  N N 306 
PRO HD2  H  N N 307 
PRO HD3  H  N N 308 
PRO HXT  H  N N 309 
SER N    N  N N 310 
SER CA   C  N S 311 
SER C    C  N N 312 
SER O    O  N N 313 
SER CB   C  N N 314 
SER OG   O  N N 315 
SER OXT  O  N N 316 
SER H    H  N N 317 
SER H2   H  N N 318 
SER HA   H  N N 319 
SER HB2  H  N N 320 
SER HB3  H  N N 321 
SER HG   H  N N 322 
SER HXT  H  N N 323 
THR N    N  N N 324 
THR CA   C  N S 325 
THR C    C  N N 326 
THR O    O  N N 327 
THR CB   C  N R 328 
THR OG1  O  N N 329 
THR CG2  C  N N 330 
THR OXT  O  N N 331 
THR H    H  N N 332 
THR H2   H  N N 333 
THR HA   H  N N 334 
THR HB   H  N N 335 
THR HG1  H  N N 336 
THR HG21 H  N N 337 
THR HG22 H  N N 338 
THR HG23 H  N N 339 
THR HXT  H  N N 340 
TRP N    N  N N 341 
TRP CA   C  N S 342 
TRP C    C  N N 343 
TRP O    O  N N 344 
TRP CB   C  N N 345 
TRP CG   C  Y N 346 
TRP CD1  C  Y N 347 
TRP CD2  C  Y N 348 
TRP NE1  N  Y N 349 
TRP CE2  C  Y N 350 
TRP CE3  C  Y N 351 
TRP CZ2  C  Y N 352 
TRP CZ3  C  Y N 353 
TRP CH2  C  Y N 354 
TRP OXT  O  N N 355 
TRP H    H  N N 356 
TRP H2   H  N N 357 
TRP HA   H  N N 358 
TRP HB2  H  N N 359 
TRP HB3  H  N N 360 
TRP HD1  H  N N 361 
TRP HE1  H  N N 362 
TRP HE3  H  N N 363 
TRP HZ2  H  N N 364 
TRP HZ3  H  N N 365 
TRP HH2  H  N N 366 
TRP HXT  H  N N 367 
TYR N    N  N N 368 
TYR CA   C  N S 369 
TYR C    C  N N 370 
TYR O    O  N N 371 
TYR CB   C  N N 372 
TYR CG   C  Y N 373 
TYR CD1  C  Y N 374 
TYR CD2  C  Y N 375 
TYR CE1  C  Y N 376 
TYR CE2  C  Y N 377 
TYR CZ   C  Y N 378 
TYR OH   O  N N 379 
TYR OXT  O  N N 380 
TYR H    H  N N 381 
TYR H2   H  N N 382 
TYR HA   H  N N 383 
TYR HB2  H  N N 384 
TYR HB3  H  N N 385 
TYR HD1  H  N N 386 
TYR HD2  H  N N 387 
TYR HE1  H  N N 388 
TYR HE2  H  N N 389 
TYR HH   H  N N 390 
TYR HXT  H  N N 391 
VAL N    N  N N 392 
VAL CA   C  N S 393 
VAL C    C  N N 394 
VAL O    O  N N 395 
VAL CB   C  N N 396 
VAL CG1  C  N N 397 
VAL CG2  C  N N 398 
VAL OXT  O  N N 399 
VAL H    H  N N 400 
VAL H2   H  N N 401 
VAL HA   H  N N 402 
VAL HB   H  N N 403 
VAL HG11 H  N N 404 
VAL HG12 H  N N 405 
VAL HG13 H  N N 406 
VAL HG21 H  N N 407 
VAL HG22 H  N N 408 
VAL HG23 H  N N 409 
VAL HXT  H  N N 410 
# 
loop_
_chem_comp_bond.comp_id 
_chem_comp_bond.atom_id_1 
_chem_comp_bond.atom_id_2 
_chem_comp_bond.value_order 
_chem_comp_bond.pdbx_aromatic_flag 
_chem_comp_bond.pdbx_stereo_config 
_chem_comp_bond.pdbx_ordinal 
ALA N   CA   sing N N 1   
ALA N   H    sing N N 2   
ALA N   H2   sing N N 3   
ALA CA  C    sing N N 4   
ALA CA  CB   sing N N 5   
ALA CA  HA   sing N N 6   
ALA C   O    doub N N 7   
ALA C   OXT  sing N N 8   
ALA CB  HB1  sing N N 9   
ALA CB  HB2  sing N N 10  
ALA CB  HB3  sing N N 11  
ALA OXT HXT  sing N N 12  
ARG N   CA   sing N N 13  
ARG N   H    sing N N 14  
ARG N   H2   sing N N 15  
ARG CA  C    sing N N 16  
ARG CA  CB   sing N N 17  
ARG CA  HA   sing N N 18  
ARG C   O    doub N N 19  
ARG C   OXT  sing N N 20  
ARG CB  CG   sing N N 21  
ARG CB  HB2  sing N N 22  
ARG CB  HB3  sing N N 23  
ARG CG  CD   sing N N 24  
ARG CG  HG2  sing N N 25  
ARG CG  HG3  sing N N 26  
ARG CD  NE   sing N N 27  
ARG CD  HD2  sing N N 28  
ARG CD  HD3  sing N N 29  
ARG NE  CZ   sing N N 30  
ARG NE  HE   sing N N 31  
ARG CZ  NH1  sing N N 32  
ARG CZ  NH2  doub N N 33  
ARG NH1 HH11 sing N N 34  
ARG NH1 HH12 sing N N 35  
ARG NH2 HH21 sing N N 36  
ARG NH2 HH22 sing N N 37  
ARG OXT HXT  sing N N 38  
ASN N   CA   sing N N 39  
ASN N   H    sing N N 40  
ASN N   H2   sing N N 41  
ASN CA  C    sing N N 42  
ASN CA  CB   sing N N 43  
ASN CA  HA   sing N N 44  
ASN C   O    doub N N 45  
ASN C   OXT  sing N N 46  
ASN CB  CG   sing N N 47  
ASN CB  HB2  sing N N 48  
ASN CB  HB3  sing N N 49  
ASN CG  OD1  doub N N 50  
ASN CG  ND2  sing N N 51  
ASN ND2 HD21 sing N N 52  
ASN ND2 HD22 sing N N 53  
ASN OXT HXT  sing N N 54  
ASP N   CA   sing N N 55  
ASP N   H    sing N N 56  
ASP N   H2   sing N N 57  
ASP CA  C    sing N N 58  
ASP CA  CB   sing N N 59  
ASP CA  HA   sing N N 60  
ASP C   O    doub N N 61  
ASP C   OXT  sing N N 62  
ASP CB  CG   sing N N 63  
ASP CB  HB2  sing N N 64  
ASP CB  HB3  sing N N 65  
ASP CG  OD1  doub N N 66  
ASP CG  OD2  sing N N 67  
ASP OD2 HD2  sing N N 68  
ASP OXT HXT  sing N N 69  
CYS N   CA   sing N N 70  
CYS N   H    sing N N 71  
CYS N   H2   sing N N 72  
CYS CA  C    sing N N 73  
CYS CA  CB   sing N N 74  
CYS CA  HA   sing N N 75  
CYS C   O    doub N N 76  
CYS C   OXT  sing N N 77  
CYS CB  SG   sing N N 78  
CYS CB  HB2  sing N N 79  
CYS CB  HB3  sing N N 80  
CYS SG  HG   sing N N 81  
CYS OXT HXT  sing N N 82  
GLN N   CA   sing N N 83  
GLN N   H    sing N N 84  
GLN N   H2   sing N N 85  
GLN CA  C    sing N N 86  
GLN CA  CB   sing N N 87  
GLN CA  HA   sing N N 88  
GLN C   O    doub N N 89  
GLN C   OXT  sing N N 90  
GLN CB  CG   sing N N 91  
GLN CB  HB2  sing N N 92  
GLN CB  HB3  sing N N 93  
GLN CG  CD   sing N N 94  
GLN CG  HG2  sing N N 95  
GLN CG  HG3  sing N N 96  
GLN CD  OE1  doub N N 97  
GLN CD  NE2  sing N N 98  
GLN NE2 HE21 sing N N 99  
GLN NE2 HE22 sing N N 100 
GLN OXT HXT  sing N N 101 
GLU N   CA   sing N N 102 
GLU N   H    sing N N 103 
GLU N   H2   sing N N 104 
GLU CA  C    sing N N 105 
GLU CA  CB   sing N N 106 
GLU CA  HA   sing N N 107 
GLU C   O    doub N N 108 
GLU C   OXT  sing N N 109 
GLU CB  CG   sing N N 110 
GLU CB  HB2  sing N N 111 
GLU CB  HB3  sing N N 112 
GLU CG  CD   sing N N 113 
GLU CG  HG2  sing N N 114 
GLU CG  HG3  sing N N 115 
GLU CD  OE1  doub N N 116 
GLU CD  OE2  sing N N 117 
GLU OE2 HE2  sing N N 118 
GLU OXT HXT  sing N N 119 
GLY N   CA   sing N N 120 
GLY N   H    sing N N 121 
GLY N   H2   sing N N 122 
GLY CA  C    sing N N 123 
GLY CA  HA2  sing N N 124 
GLY CA  HA3  sing N N 125 
GLY C   O    doub N N 126 
GLY C   OXT  sing N N 127 
GLY OXT HXT  sing N N 128 
HIS N   CA   sing N N 129 
HIS N   H    sing N N 130 
HIS N   H2   sing N N 131 
HIS CA  C    sing N N 132 
HIS CA  CB   sing N N 133 
HIS CA  HA   sing N N 134 
HIS C   O    doub N N 135 
HIS C   OXT  sing N N 136 
HIS CB  CG   sing N N 137 
HIS CB  HB2  sing N N 138 
HIS CB  HB3  sing N N 139 
HIS CG  ND1  sing Y N 140 
HIS CG  CD2  doub Y N 141 
HIS ND1 CE1  doub Y N 142 
HIS ND1 HD1  sing N N 143 
HIS CD2 NE2  sing Y N 144 
HIS CD2 HD2  sing N N 145 
HIS CE1 NE2  sing Y N 146 
HIS CE1 HE1  sing N N 147 
HIS NE2 HE2  sing N N 148 
HIS OXT HXT  sing N N 149 
HOH O   H1   sing N N 150 
HOH O   H2   sing N N 151 
ILE N   CA   sing N N 152 
ILE N   H    sing N N 153 
ILE N   H2   sing N N 154 
ILE CA  C    sing N N 155 
ILE CA  CB   sing N N 156 
ILE CA  HA   sing N N 157 
ILE C   O    doub N N 158 
ILE C   OXT  sing N N 159 
ILE CB  CG1  sing N N 160 
ILE CB  CG2  sing N N 161 
ILE CB  HB   sing N N 162 
ILE CG1 CD1  sing N N 163 
ILE CG1 HG12 sing N N 164 
ILE CG1 HG13 sing N N 165 
ILE CG2 HG21 sing N N 166 
ILE CG2 HG22 sing N N 167 
ILE CG2 HG23 sing N N 168 
ILE CD1 HD11 sing N N 169 
ILE CD1 HD12 sing N N 170 
ILE CD1 HD13 sing N N 171 
ILE OXT HXT  sing N N 172 
LEU N   CA   sing N N 173 
LEU N   H    sing N N 174 
LEU N   H2   sing N N 175 
LEU CA  C    sing N N 176 
LEU CA  CB   sing N N 177 
LEU CA  HA   sing N N 178 
LEU C   O    doub N N 179 
LEU C   OXT  sing N N 180 
LEU CB  CG   sing N N 181 
LEU CB  HB2  sing N N 182 
LEU CB  HB3  sing N N 183 
LEU CG  CD1  sing N N 184 
LEU CG  CD2  sing N N 185 
LEU CG  HG   sing N N 186 
LEU CD1 HD11 sing N N 187 
LEU CD1 HD12 sing N N 188 
LEU CD1 HD13 sing N N 189 
LEU CD2 HD21 sing N N 190 
LEU CD2 HD22 sing N N 191 
LEU CD2 HD23 sing N N 192 
LEU OXT HXT  sing N N 193 
LYS N   CA   sing N N 194 
LYS N   H    sing N N 195 
LYS N   H2   sing N N 196 
LYS CA  C    sing N N 197 
LYS CA  CB   sing N N 198 
LYS CA  HA   sing N N 199 
LYS C   O    doub N N 200 
LYS C   OXT  sing N N 201 
LYS CB  CG   sing N N 202 
LYS CB  HB2  sing N N 203 
LYS CB  HB3  sing N N 204 
LYS CG  CD   sing N N 205 
LYS CG  HG2  sing N N 206 
LYS CG  HG3  sing N N 207 
LYS CD  CE   sing N N 208 
LYS CD  HD2  sing N N 209 
LYS CD  HD3  sing N N 210 
LYS CE  NZ   sing N N 211 
LYS CE  HE2  sing N N 212 
LYS CE  HE3  sing N N 213 
LYS NZ  HZ1  sing N N 214 
LYS NZ  HZ2  sing N N 215 
LYS NZ  HZ3  sing N N 216 
LYS OXT HXT  sing N N 217 
MET N   CA   sing N N 218 
MET N   H    sing N N 219 
MET N   H2   sing N N 220 
MET CA  C    sing N N 221 
MET CA  CB   sing N N 222 
MET CA  HA   sing N N 223 
MET C   O    doub N N 224 
MET C   OXT  sing N N 225 
MET CB  CG   sing N N 226 
MET CB  HB2  sing N N 227 
MET CB  HB3  sing N N 228 
MET CG  SD   sing N N 229 
MET CG  HG2  sing N N 230 
MET CG  HG3  sing N N 231 
MET SD  CE   sing N N 232 
MET CE  HE1  sing N N 233 
MET CE  HE2  sing N N 234 
MET CE  HE3  sing N N 235 
MET OXT HXT  sing N N 236 
MSE N   CA   sing N N 237 
MSE N   H    sing N N 238 
MSE N   H2   sing N N 239 
MSE CA  C    sing N N 240 
MSE CA  CB   sing N N 241 
MSE CA  HA   sing N N 242 
MSE C   O    doub N N 243 
MSE C   OXT  sing N N 244 
MSE OXT HXT  sing N N 245 
MSE CB  CG   sing N N 246 
MSE CB  HB2  sing N N 247 
MSE CB  HB3  sing N N 248 
MSE CG  SE   sing N N 249 
MSE CG  HG2  sing N N 250 
MSE CG  HG3  sing N N 251 
MSE SE  CE   sing N N 252 
MSE CE  HE1  sing N N 253 
MSE CE  HE2  sing N N 254 
MSE CE  HE3  sing N N 255 
PHE N   CA   sing N N 256 
PHE N   H    sing N N 257 
PHE N   H2   sing N N 258 
PHE CA  C    sing N N 259 
PHE CA  CB   sing N N 260 
PHE CA  HA   sing N N 261 
PHE C   O    doub N N 262 
PHE C   OXT  sing N N 263 
PHE CB  CG   sing N N 264 
PHE CB  HB2  sing N N 265 
PHE CB  HB3  sing N N 266 
PHE CG  CD1  doub Y N 267 
PHE CG  CD2  sing Y N 268 
PHE CD1 CE1  sing Y N 269 
PHE CD1 HD1  sing N N 270 
PHE CD2 CE2  doub Y N 271 
PHE CD2 HD2  sing N N 272 
PHE CE1 CZ   doub Y N 273 
PHE CE1 HE1  sing N N 274 
PHE CE2 CZ   sing Y N 275 
PHE CE2 HE2  sing N N 276 
PHE CZ  HZ   sing N N 277 
PHE OXT HXT  sing N N 278 
PRO N   CA   sing N N 279 
PRO N   CD   sing N N 280 
PRO N   H    sing N N 281 
PRO CA  C    sing N N 282 
PRO CA  CB   sing N N 283 
PRO CA  HA   sing N N 284 
PRO C   O    doub N N 285 
PRO C   OXT  sing N N 286 
PRO CB  CG   sing N N 287 
PRO CB  HB2  sing N N 288 
PRO CB  HB3  sing N N 289 
PRO CG  CD   sing N N 290 
PRO CG  HG2  sing N N 291 
PRO CG  HG3  sing N N 292 
PRO CD  HD2  sing N N 293 
PRO CD  HD3  sing N N 294 
PRO OXT HXT  sing N N 295 
SER N   CA   sing N N 296 
SER N   H    sing N N 297 
SER N   H2   sing N N 298 
SER CA  C    sing N N 299 
SER CA  CB   sing N N 300 
SER CA  HA   sing N N 301 
SER C   O    doub N N 302 
SER C   OXT  sing N N 303 
SER CB  OG   sing N N 304 
SER CB  HB2  sing N N 305 
SER CB  HB3  sing N N 306 
SER OG  HG   sing N N 307 
SER OXT HXT  sing N N 308 
THR N   CA   sing N N 309 
THR N   H    sing N N 310 
THR N   H2   sing N N 311 
THR CA  C    sing N N 312 
THR CA  CB   sing N N 313 
THR CA  HA   sing N N 314 
THR C   O    doub N N 315 
THR C   OXT  sing N N 316 
THR CB  OG1  sing N N 317 
THR CB  CG2  sing N N 318 
THR CB  HB   sing N N 319 
THR OG1 HG1  sing N N 320 
THR CG2 HG21 sing N N 321 
THR CG2 HG22 sing N N 322 
THR CG2 HG23 sing N N 323 
THR OXT HXT  sing N N 324 
TRP N   CA   sing N N 325 
TRP N   H    sing N N 326 
TRP N   H2   sing N N 327 
TRP CA  C    sing N N 328 
TRP CA  CB   sing N N 329 
TRP CA  HA   sing N N 330 
TRP C   O    doub N N 331 
TRP C   OXT  sing N N 332 
TRP CB  CG   sing N N 333 
TRP CB  HB2  sing N N 334 
TRP CB  HB3  sing N N 335 
TRP CG  CD1  doub Y N 336 
TRP CG  CD2  sing Y N 337 
TRP CD1 NE1  sing Y N 338 
TRP CD1 HD1  sing N N 339 
TRP CD2 CE2  doub Y N 340 
TRP CD2 CE3  sing Y N 341 
TRP NE1 CE2  sing Y N 342 
TRP NE1 HE1  sing N N 343 
TRP CE2 CZ2  sing Y N 344 
TRP CE3 CZ3  doub Y N 345 
TRP CE3 HE3  sing N N 346 
TRP CZ2 CH2  doub Y N 347 
TRP CZ2 HZ2  sing N N 348 
TRP CZ3 CH2  sing Y N 349 
TRP CZ3 HZ3  sing N N 350 
TRP CH2 HH2  sing N N 351 
TRP OXT HXT  sing N N 352 
TYR N   CA   sing N N 353 
TYR N   H    sing N N 354 
TYR N   H2   sing N N 355 
TYR CA  C    sing N N 356 
TYR CA  CB   sing N N 357 
TYR CA  HA   sing N N 358 
TYR C   O    doub N N 359 
TYR C   OXT  sing N N 360 
TYR CB  CG   sing N N 361 
TYR CB  HB2  sing N N 362 
TYR CB  HB3  sing N N 363 
TYR CG  CD1  doub Y N 364 
TYR CG  CD2  sing Y N 365 
TYR CD1 CE1  sing Y N 366 
TYR CD1 HD1  sing N N 367 
TYR CD2 CE2  doub Y N 368 
TYR CD2 HD2  sing N N 369 
TYR CE1 CZ   doub Y N 370 
TYR CE1 HE1  sing N N 371 
TYR CE2 CZ   sing Y N 372 
TYR CE2 HE2  sing N N 373 
TYR CZ  OH   sing N N 374 
TYR OH  HH   sing N N 375 
TYR OXT HXT  sing N N 376 
VAL N   CA   sing N N 377 
VAL N   H    sing N N 378 
VAL N   H2   sing N N 379 
VAL CA  C    sing N N 380 
VAL CA  CB   sing N N 381 
VAL CA  HA   sing N N 382 
VAL C   O    doub N N 383 
VAL C   OXT  sing N N 384 
VAL CB  CG1  sing N N 385 
VAL CB  CG2  sing N N 386 
VAL CB  HB   sing N N 387 
VAL CG1 HG11 sing N N 388 
VAL CG1 HG12 sing N N 389 
VAL CG1 HG13 sing N N 390 
VAL CG2 HG21 sing N N 391 
VAL CG2 HG22 sing N N 392 
VAL CG2 HG23 sing N N 393 
VAL OXT HXT  sing N N 394 
# 
_atom_sites.entry_id                    2HNG 
_atom_sites.fract_transf_matrix[1][1]   -0.01157775 
_atom_sites.fract_transf_matrix[1][2]   -0.00507026 
_atom_sites.fract_transf_matrix[1][3]   0.01950246 
_atom_sites.fract_transf_matrix[2][1]   -0.01756938 
_atom_sites.fract_transf_matrix[2][2]   0.01403070 
_atom_sites.fract_transf_matrix[2][3]   -0.00678246 
_atom_sites.fract_transf_matrix[3][1]   -0.00605616 
_atom_sites.fract_transf_matrix[3][2]   -0.01066141 
_atom_sites.fract_transf_matrix[3][3]   -0.00636703 
_atom_sites.fract_transf_vector[1]      0.235066 
_atom_sites.fract_transf_vector[2]      0.774588 
_atom_sites.fract_transf_vector[3]      0.125012 
# 
loop_
_atom_type.symbol 
C  
N  
O  
S  
SE 
# 
loop_
_atom_site.group_PDB 
_atom_site.id 
_atom_site.type_symbol 
_atom_site.label_atom_id 
_atom_site.label_alt_id 
_atom_site.label_comp_id 
_atom_site.label_asym_id 
_atom_site.label_entity_id 
_atom_site.label_seq_id 
_atom_site.pdbx_PDB_ins_code 
_atom_site.Cartn_x 
_atom_site.Cartn_y 
_atom_site.Cartn_z 
_atom_site.occupancy 
_atom_site.B_iso_or_equiv 
_atom_site.pdbx_formal_charge 
_atom_site.auth_seq_id 
_atom_site.auth_comp_id 
_atom_site.auth_asym_id 
_atom_site.auth_atom_id 
_atom_site.pdbx_PDB_model_num 
ATOM   1    N  N   . ALA A 1 3   ? -21.502 -6.041  0.034   1.00 35.40  ? 4   ALA A N   1 
ATOM   2    C  CA  . ALA A 1 3   ? -20.178 -6.495  0.572   1.00 33.93  ? 4   ALA A CA  1 
ATOM   3    C  C   . ALA A 1 3   ? -19.398 -7.184  -0.538  1.00 33.65  ? 4   ALA A C   1 
ATOM   4    O  O   . ALA A 1 3   ? -19.949 -8.020  -1.259  1.00 34.81  ? 4   ALA A O   1 
ATOM   5    C  CB  . ALA A 1 3   ? -20.371 -7.440  1.773   1.00 34.07  ? 4   ALA A CB  1 
HETATM 6    N  N   A MSE A 1 4   ? -18.124 -6.831  -0.664  0.50 32.54  ? 5   MSE A N   1 
HETATM 7    N  N   B MSE A 1 4   ? -18.129 -6.800  -0.733  0.50 33.63  ? 5   MSE A N   1 
HETATM 8    C  CA  A MSE A 1 4   ? -17.257 -7.497  -1.603  0.50 30.51  ? 5   MSE A CA  1 
HETATM 9    C  CA  B MSE A 1 4   ? -17.282 -7.448  -1.746  0.50 33.04  ? 5   MSE A CA  1 
HETATM 10   C  C   A MSE A 1 4   ? -17.016 -8.904  -1.116  0.50 30.23  ? 5   MSE A C   1 
HETATM 11   C  C   B MSE A 1 4   ? -16.904 -8.831  -1.198  0.50 31.58  ? 5   MSE A C   1 
HETATM 12   O  O   A MSE A 1 4   ? -16.836 -9.134  0.081   0.50 30.08  ? 5   MSE A O   1 
HETATM 13   O  O   B MSE A 1 4   ? -16.556 -8.975  -0.023  0.50 31.58  ? 5   MSE A O   1 
HETATM 14   C  CB  A MSE A 1 4   ? -15.924 -6.768  -1.696  0.50 30.81  ? 5   MSE A CB  1 
HETATM 15   C  CB  B MSE A 1 4   ? -16.026 -6.596  -2.106  0.50 33.34  ? 5   MSE A CB  1 
HETATM 16   C  CG  A MSE A 1 4   ? -16.041 -5.373  -2.237  0.50 28.99  ? 5   MSE A CG  1 
HETATM 17   C  CG  B MSE A 1 4   ? -15.758 -6.393  -3.648  0.50 33.84  ? 5   MSE A CG  1 
HETATM 18   SE SE  A MSE A 1 4   ? -14.288 -4.788  -2.785  0.40 28.32  ? 5   MSE A SE  1 
HETATM 19   SE SE  B MSE A 1 4   ? -14.174 -5.343  -4.322  0.35 35.47  ? 5   MSE A SE  1 
HETATM 20   C  CE  A MSE A 1 4   ? -14.321 -5.273  -4.702  0.50 28.47  ? 5   MSE A CE  1 
HETATM 21   C  CE  B MSE A 1 4   ? -13.648 -4.565  -2.616  0.50 35.65  ? 5   MSE A CE  1 
ATOM   22   N  N   . ASN A 1 5   ? -17.016 -9.853  -2.038  1.00 29.78  ? 6   ASN A N   1 
ATOM   23   C  CA  . ASN A 1 5   ? -16.678 -11.205 -1.646  1.00 28.61  ? 6   ASN A CA  1 
ATOM   24   C  C   . ASN A 1 5   ? -15.224 -11.411 -1.972  1.00 27.34  ? 6   ASN A C   1 
ATOM   25   O  O   . ASN A 1 5   ? -14.883 -11.763 -3.124  1.00 27.15  ? 6   ASN A O   1 
ATOM   26   C  CB  . ASN A 1 5   ? -17.516 -12.220 -2.418  1.00 29.16  ? 6   ASN A CB  1 
ATOM   27   C  CG  . ASN A 1 5   ? -17.350 -13.636 -1.883  1.00 30.02  ? 6   ASN A CG  1 
ATOM   28   O  OD1 . ASN A 1 5   ? -16.275 -14.029 -1.402  1.00 28.52  ? 6   ASN A OD1 1 
ATOM   29   N  ND2 . ASN A 1 5   ? -18.418 -14.431 -2.002  1.00 30.31  ? 6   ASN A ND2 1 
ATOM   30   N  N   . LEU A 1 6   ? -14.368 -11.143 -0.984  1.00 24.89  ? 7   LEU A N   1 
ATOM   31   C  CA  . LEU A 1 6   ? -12.930 -11.260 -1.167  1.00 24.32  ? 7   LEU A CA  1 
ATOM   32   C  C   . LEU A 1 6   ? -12.364 -12.496 -0.482  1.00 24.20  ? 7   LEU A C   1 
ATOM   33   O  O   . LEU A 1 6   ? -12.757 -12.829 0.639   1.00 24.03  ? 7   LEU A O   1 
ATOM   34   C  CB  . LEU A 1 6   ? -12.227 -10.027 -0.592  1.00 22.70  ? 7   LEU A CB  1 
ATOM   35   C  CG  . LEU A 1 6   ? -12.595 -8.682  -1.215  1.00 23.55  ? 7   LEU A CG  1 
ATOM   36   C  CD1 . LEU A 1 6   ? -11.753 -7.609  -0.579  1.00 21.64  ? 7   LEU A CD1 1 
ATOM   37   C  CD2 . LEU A 1 6   ? -12.345 -8.682  -2.744  1.00 23.68  ? 7   LEU A CD2 1 
ATOM   38   N  N   . LYS A 1 7   ? -11.454 -13.163 -1.183  1.00 24.12  ? 8   LYS A N   1 
ATOM   39   C  CA  . LYS A 1 7   ? -10.527 -14.137 -0.570  1.00 25.34  ? 8   LYS A CA  1 
ATOM   40   C  C   . LYS A 1 7   ? -9.153  -13.518 -0.591  1.00 25.17  ? 8   LYS A C   1 
ATOM   41   O  O   . LYS A 1 7   ? -8.672  -13.174 -1.676  1.00 26.31  ? 8   LYS A O   1 
ATOM   42   C  CB  . LYS A 1 7   ? -10.412 -15.423 -1.398  1.00 25.97  ? 8   LYS A CB  1 
ATOM   43   C  CG  . LYS A 1 7   ? -11.480 -16.443 -1.122  1.00 29.41  ? 8   LYS A CG  1 
ATOM   44   C  CD  . LYS A 1 7   ? -12.787 -16.040 -1.763  1.00 29.52  ? 8   LYS A CD  1 
ATOM   45   C  CE  . LYS A 1 7   ? -13.821 -17.143 -1.505  1.00 31.62  ? 8   LYS A CE  1 
ATOM   46   N  NZ  . LYS A 1 7   ? -15.197 -16.681 -1.827  1.00 28.83  ? 8   LYS A NZ  1 
ATOM   47   N  N   . ARG A 1 8   ? -8.511  -13.415 0.574   1.00 24.72  ? 9   ARG A N   1 
ATOM   48   C  CA  . ARG A 1 8   ? -7.234  -12.707 0.664   1.00 25.17  ? 9   ARG A CA  1 
ATOM   49   C  C   . ARG A 1 8   ? -6.093  -13.634 1.021   1.00 25.61  ? 9   ARG A C   1 
ATOM   50   O  O   . ARG A 1 8   ? -6.231  -14.502 1.903   1.00 26.89  ? 9   ARG A O   1 
ATOM   51   C  CB  . ARG A 1 8   ? -7.332  -11.616 1.740   1.00 25.47  ? 9   ARG A CB  1 
ATOM   52   C  CG  . ARG A 1 8   ? -8.482  -10.654 1.492   1.00 25.14  ? 9   ARG A CG  1 
ATOM   53   C  CD  . ARG A 1 8   ? -8.213  -9.452  2.297   1.00 24.82  ? 9   ARG A CD  1 
ATOM   54   N  NE  . ARG A 1 8   ? -9.330  -8.558  2.605   1.00 24.08  ? 9   ARG A NE  1 
ATOM   55   C  CZ  . ARG A 1 8   ? -9.420  -7.312  2.136   1.00 24.99  ? 9   ARG A CZ  1 
ATOM   56   N  NH1 . ARG A 1 8   ? -8.556  -6.901  1.206   1.00 21.87  ? 9   ARG A NH1 1 
ATOM   57   N  NH2 . ARG A 1 8   ? -10.361 -6.485  2.562   1.00 23.01  ? 9   ARG A NH2 1 
ATOM   58   N  N   A GLU A 1 9   ? -4.959  -13.440 0.367   0.60 25.12  ? 10  GLU A N   1 
ATOM   59   N  N   B GLU A 1 9   ? -4.959  -13.458 0.354   0.40 25.24  ? 10  GLU A N   1 
ATOM   60   C  CA  A GLU A 1 9   ? -3.728  -14.107 0.772   0.60 25.31  ? 10  GLU A CA  1 
ATOM   61   C  CA  B GLU A 1 9   ? -3.724  -14.117 0.777   0.40 25.31  ? 10  GLU A CA  1 
ATOM   62   C  C   A GLU A 1 9   ? -2.966  -13.231 1.771   0.60 24.94  ? 10  GLU A C   1 
ATOM   63   C  C   B GLU A 1 9   ? -3.045  -13.297 1.883   0.40 25.00  ? 10  GLU A C   1 
ATOM   64   O  O   A GLU A 1 9   ? -3.367  -12.093 2.047   0.60 25.32  ? 10  GLU A O   1 
ATOM   65   O  O   B GLU A 1 9   ? -3.573  -12.265 2.335   0.40 25.26  ? 10  GLU A O   1 
ATOM   66   C  CB  A GLU A 1 9   ? -2.880  -14.401 -0.469  0.60 25.40  ? 10  GLU A CB  1 
ATOM   67   C  CB  B GLU A 1 9   ? -2.772  -14.305 -0.419  0.40 25.26  ? 10  GLU A CB  1 
ATOM   68   C  CG  A GLU A 1 9   ? -3.730  -14.958 -1.627  0.60 27.56  ? 10  GLU A CG  1 
ATOM   69   C  CG  B GLU A 1 9   ? -3.377  -15.036 -1.637  0.40 27.25  ? 10  GLU A CG  1 
ATOM   70   C  CD  A GLU A 1 9   ? -2.953  -15.798 -2.611  0.60 29.56  ? 10  GLU A CD  1 
ATOM   71   C  CD  B GLU A 1 9   ? -3.654  -16.515 -1.397  0.40 28.92  ? 10  GLU A CD  1 
ATOM   72   O  OE1 A GLU A 1 9   ? -1.719  -15.873 -2.493  0.60 30.44  ? 10  GLU A OE1 1 
ATOM   73   O  OE1 B GLU A 1 9   ? -2.921  -17.165 -0.616  0.40 31.76  ? 10  GLU A OE1 1 
ATOM   74   O  OE2 A GLU A 1 9   ? -3.593  -16.389 -3.517  0.60 27.50  ? 10  GLU A OE2 1 
ATOM   75   O  OE2 B GLU A 1 9   ? -4.597  -17.051 -2.014  0.40 29.86  ? 10  GLU A OE2 1 
ATOM   76   N  N   . GLN A 1 10  ? -1.882  -13.758 2.337   1.00 24.46  ? 11  GLN A N   1 
ATOM   77   C  CA  . GLN A 1 10  ? -1.126  -13.031 3.360   1.00 24.53  ? 11  GLN A CA  1 
ATOM   78   C  C   . GLN A 1 10  ? -0.517  -11.750 2.815   1.00 25.29  ? 11  GLN A C   1 
ATOM   79   O  O   . GLN A 1 10  ? 0.190   -11.776 1.797   1.00 25.62  ? 11  GLN A O   1 
ATOM   80   C  CB  . GLN A 1 10  ? 0.021   -13.882 3.855   1.00 24.43  ? 11  GLN A CB  1 
ATOM   81   C  CG  . GLN A 1 10  ? 0.696   -13.248 5.024   1.00 29.90  ? 11  GLN A CG  1 
ATOM   82   C  CD  . GLN A 1 10  ? 0.519   -14.108 6.236   1.00 40.77  ? 11  GLN A CD  1 
ATOM   83   O  OE1 . GLN A 1 10  ? 1.165   -15.171 6.348   1.00 43.66  ? 11  GLN A OE1 1 
ATOM   84   N  NE2 . GLN A 1 10  ? -0.391  -13.706 7.133   1.00 43.41  ? 11  GLN A NE2 1 
ATOM   85   N  N   . GLU A 1 11  ? -0.763  -10.650 3.498   1.00 24.71  ? 12  GLU A N   1 
ATOM   86   C  CA  . GLU A 1 11  ? -0.117  -9.393  3.094   1.00 25.84  ? 12  GLU A CA  1 
ATOM   87   C  C   . GLU A 1 11  ? 1.413   -9.533  3.212   1.00 25.16  ? 12  GLU A C   1 
ATOM   88   O  O   . GLU A 1 11  ? 1.918   -10.274 4.073   1.00 25.79  ? 12  GLU A O   1 
ATOM   89   C  CB  . GLU A 1 11  ? -0.768  -8.159  3.750   1.00 26.97  ? 12  GLU A CB  1 
ATOM   90   C  CG  . GLU A 1 11  ? -0.873  -8.126  5.239   1.00 30.32  ? 12  GLU A CG  1 
ATOM   91   C  CD  . GLU A 1 11  ? -1.994  -8.941  5.869   1.00 30.85  ? 12  GLU A CD  1 
ATOM   92   O  OE1 . GLU A 1 11  ? -2.155  -10.128 5.557   1.00 32.66  ? 12  GLU A OE1 1 
ATOM   93   O  OE2 . GLU A 1 11  ? -2.675  -8.405  6.759   1.00 30.97  ? 12  GLU A OE2 1 
ATOM   94   N  N   A PHE A 1 12  ? 2.136   -8.823  2.336   0.60 24.65  ? 13  PHE A N   1 
ATOM   95   N  N   B PHE A 1 12  ? 2.157   -8.892  2.330   0.40 25.08  ? 13  PHE A N   1 
ATOM   96   C  CA  A PHE A 1 12  ? 3.575   -9.000  2.079   0.60 24.59  ? 13  PHE A CA  1 
ATOM   97   C  CA  B PHE A 1 12  ? 3.588   -8.969  2.486   0.40 25.13  ? 13  PHE A CA  1 
ATOM   98   C  C   A PHE A 1 12  ? 4.300   -7.642  2.048   0.60 23.30  ? 13  PHE A C   1 
ATOM   99   C  C   B PHE A 1 12  ? 4.296   -7.693  2.108   0.40 23.93  ? 13  PHE A C   1 
ATOM   100  O  O   A PHE A 1 12  ? 3.865   -6.743  1.322   0.60 23.62  ? 13  PHE A O   1 
ATOM   101  O  O   B PHE A 1 12  ? 3.904   -6.957  1.198   0.40 23.88  ? 13  PHE A O   1 
ATOM   102  C  CB  A PHE A 1 12  ? 3.731   -9.713  0.725   0.60 24.19  ? 13  PHE A CB  1 
ATOM   103  C  CB  B PHE A 1 12  ? 4.179   -10.169 1.742   0.40 25.65  ? 13  PHE A CB  1 
ATOM   104  C  CG  A PHE A 1 12  ? 5.159   -10.005 0.320   0.60 26.36  ? 13  PHE A CG  1 
ATOM   105  C  CG  B PHE A 1 12  ? 4.575   -9.871  0.334   0.40 28.11  ? 13  PHE A CG  1 
ATOM   106  C  CD1 A PHE A 1 12  ? 5.917   -10.969 0.989   0.60 26.55  ? 13  PHE A CD1 1 
ATOM   107  C  CD1 B PHE A 1 12  ? 3.629   -9.849  -0.678  0.40 29.80  ? 13  PHE A CD1 1 
ATOM   108  C  CD2 A PHE A 1 12  ? 5.721   -9.349  -0.759  0.60 26.48  ? 13  PHE A CD2 1 
ATOM   109  C  CD2 B PHE A 1 12  ? 5.905   -9.620  0.021   0.40 29.94  ? 13  PHE A CD2 1 
ATOM   110  C  CE1 A PHE A 1 12  ? 7.235   -11.248 0.611   0.60 29.18  ? 13  PHE A CE1 1 
ATOM   111  C  CE1 B PHE A 1 12  ? 4.009   -9.576  -1.998  0.40 29.51  ? 13  PHE A CE1 1 
ATOM   112  C  CE2 A PHE A 1 12  ? 7.049   -9.630  -1.147  0.60 26.36  ? 13  PHE A CE2 1 
ATOM   113  C  CE2 B PHE A 1 12  ? 6.288   -9.345  -1.284  0.40 31.41  ? 13  PHE A CE2 1 
ATOM   114  C  CZ  A PHE A 1 12  ? 7.795   -10.579 -0.470  0.60 23.95  ? 13  PHE A CZ  1 
ATOM   115  C  CZ  B PHE A 1 12  ? 5.333   -9.315  -2.293  0.40 30.25  ? 13  PHE A CZ  1 
ATOM   116  N  N   . VAL A 1 13  ? 5.375   -7.492  2.840   1.00 23.47  ? 14  VAL A N   1 
ATOM   117  C  CA  . VAL A 1 13  ? 6.202   -6.291  2.778   1.00 22.03  ? 14  VAL A CA  1 
ATOM   118  C  C   . VAL A 1 13  ? 7.333   -6.532  1.815   1.00 21.93  ? 14  VAL A C   1 
ATOM   119  O  O   . VAL A 1 13  ? 8.162   -7.418  2.058   1.00 21.53  ? 14  VAL A O   1 
ATOM   120  C  CB  . VAL A 1 13  ? 6.778   -5.961  4.170   1.00 22.52  ? 14  VAL A CB  1 
ATOM   121  C  CG1 . VAL A 1 13  ? 7.567   -4.700  4.100   1.00 22.65  ? 14  VAL A CG1 1 
ATOM   122  C  CG2 . VAL A 1 13  ? 5.650   -5.856  5.188   1.00 26.12  ? 14  VAL A CG2 1 
ATOM   123  N  N   . SER A 1 14  ? 7.359   -5.774  0.724   1.00 21.31  ? 15  SER A N   1 
ATOM   124  C  CA  . SER A 1 14  ? 8.486   -5.858  -0.202  1.00 22.26  ? 15  SER A CA  1 
ATOM   125  C  C   . SER A 1 14  ? 9.610   -4.947  0.282   1.00 22.15  ? 15  SER A C   1 
ATOM   126  O  O   . SER A 1 14  ? 10.793  -5.312  0.260   1.00 20.81  ? 15  SER A O   1 
ATOM   127  C  CB  . SER A 1 14  ? 8.077   -5.421  -1.607  1.00 23.19  ? 15  SER A CB  1 
ATOM   128  O  OG  . SER A 1 14  ? 7.347   -6.447  -2.278  1.00 26.97  ? 15  SER A OG  1 
ATOM   129  N  N   A GLN A 1 15  ? 9.221   -3.775  0.771   0.50 21.78  ? 16  GLN A N   1 
ATOM   130  N  N   B GLN A 1 15  ? 9.243   -3.714  0.633   0.50 20.67  ? 16  GLN A N   1 
ATOM   131  C  CA  A GLN A 1 15  ? 10.187  -2.768  1.173   0.50 22.47  ? 16  GLN A CA  1 
ATOM   132  C  CA  B GLN A 1 15  ? 10.200  -2.764  1.204   0.50 19.90  ? 16  GLN A CA  1 
ATOM   133  C  C   A GLN A 1 15  ? 9.565   -1.888  2.249   0.50 21.43  ? 16  GLN A C   1 
ATOM   134  C  C   B GLN A 1 15  ? 9.517   -1.983  2.309   0.50 20.26  ? 16  GLN A C   1 
ATOM   135  O  O   A GLN A 1 15  ? 8.455   -1.383  2.064   0.50 21.56  ? 16  GLN A O   1 
ATOM   136  O  O   B GLN A 1 15  ? 8.344   -1.619  2.195   0.50 20.66  ? 16  GLN A O   1 
ATOM   137  C  CB  A GLN A 1 15  ? 10.534  -1.931  -0.061  0.50 22.44  ? 16  GLN A CB  1 
ATOM   138  C  CB  B GLN A 1 15  ? 10.716  -1.746  0.167   0.50 19.78  ? 16  GLN A CB  1 
ATOM   139  C  CG  A GLN A 1 15  ? 11.552  -0.837  0.121   0.50 25.72  ? 16  GLN A CG  1 
ATOM   140  C  CG  B GLN A 1 15  ? 11.595  -2.293  -0.961  0.50 19.87  ? 16  GLN A CG  1 
ATOM   141  C  CD  A GLN A 1 15  ? 11.747  0.013   -1.155  0.50 26.79  ? 16  GLN A CD  1 
ATOM   142  C  CD  B GLN A 1 15  ? 10.796  -2.777  -2.114  0.50 22.52  ? 16  GLN A CD  1 
ATOM   143  O  OE1 A GLN A 1 15  ? 11.798  1.254   -1.090  0.50 30.84  ? 16  GLN A OE1 1 
ATOM   144  O  OE1 B GLN A 1 15  ? 9.855   -2.111  -2.544  0.50 23.76  ? 16  GLN A OE1 1 
ATOM   145  N  NE2 A GLN A 1 15  ? 11.857  -0.659  -2.321  0.50 31.86  ? 16  GLN A NE2 1 
ATOM   146  N  NE2 B GLN A 1 15  ? 11.163  -3.951  -2.650  0.50 25.73  ? 16  GLN A NE2 1 
ATOM   147  N  N   . TYR A 1 16  ? 10.262  -1.726  3.376   1.00 19.58  ? 17  TYR A N   1 
ATOM   148  C  CA  . TYR A 1 16  ? 9.865   -0.740  4.360   1.00 19.53  ? 17  TYR A CA  1 
ATOM   149  C  C   . TYR A 1 16  ? 11.116  -0.063  4.845   1.00 20.10  ? 17  TYR A C   1 
ATOM   150  O  O   . TYR A 1 16  ? 11.970  -0.703  5.478   1.00 20.00  ? 17  TYR A O   1 
ATOM   151  C  CB  . TYR A 1 16  ? 9.113   -1.388  5.539   1.00 18.77  ? 17  TYR A CB  1 
ATOM   152  C  CG  . TYR A 1 16  ? 8.570   -0.303  6.457   1.00 18.78  ? 17  TYR A CG  1 
ATOM   153  C  CD1 . TYR A 1 16  ? 7.319   0.280   6.206   1.00 19.81  ? 17  TYR A CD1 1 
ATOM   154  C  CD2 . TYR A 1 16  ? 9.319   0.137   7.563   1.00 20.65  ? 17  TYR A CD2 1 
ATOM   155  C  CE1 . TYR A 1 16  ? 6.835   1.293   7.055   1.00 20.39  ? 17  TYR A CE1 1 
ATOM   156  C  CE2 . TYR A 1 16  ? 8.856   1.154   8.385   1.00 19.36  ? 17  TYR A CE2 1 
ATOM   157  C  CZ  . TYR A 1 16  ? 7.611   1.716   8.124   1.00 19.45  ? 17  TYR A CZ  1 
ATOM   158  O  OH  . TYR A 1 16  ? 7.183   2.719   8.972   1.00 21.02  ? 17  TYR A OH  1 
ATOM   159  N  N   . HIS A 1 17  ? 11.255  1.219   4.496   1.00 20.01  ? 18  HIS A N   1 
ATOM   160  C  CA  . HIS A 1 17  ? 12.482  1.960   4.779   1.00 20.04  ? 18  HIS A CA  1 
ATOM   161  C  C   . HIS A 1 17  ? 12.157  3.153   5.648   1.00 18.91  ? 18  HIS A C   1 
ATOM   162  O  O   . HIS A 1 17  ? 11.267  3.935   5.307   1.00 19.98  ? 18  HIS A O   1 
ATOM   163  C  CB  . HIS A 1 17  ? 13.052  2.527   3.477   1.00 20.79  ? 18  HIS A CB  1 
ATOM   164  C  CG  . HIS A 1 17  ? 13.648  1.492   2.567   1.00 22.86  ? 18  HIS A CG  1 
ATOM   165  N  ND1 . HIS A 1 17  ? 14.404  1.829   1.459   1.00 25.97  ? 18  HIS A ND1 1 
ATOM   166  C  CD2 . HIS A 1 17  ? 13.604  0.140   2.599   1.00 23.75  ? 18  HIS A CD2 1 
ATOM   167  C  CE1 . HIS A 1 17  ? 14.767  0.718   0.831   1.00 28.80  ? 18  HIS A CE1 1 
ATOM   168  N  NE2 . HIS A 1 17  ? 14.305  -0.318  1.509   1.00 26.26  ? 18  HIS A NE2 1 
ATOM   169  N  N   . PHE A 1 18  ? 12.948  3.322   6.694   1.00 19.30  ? 19  PHE A N   1 
ATOM   170  C  CA  . PHE A 1 18  ? 12.996  4.553   7.486   1.00 20.00  ? 19  PHE A CA  1 
ATOM   171  C  C   . PHE A 1 18  ? 14.309  5.193   7.140   1.00 19.15  ? 19  PHE A C   1 
ATOM   172  O  O   . PHE A 1 18  ? 15.367  4.559   7.273   1.00 19.75  ? 19  PHE A O   1 
ATOM   173  C  CB  . PHE A 1 18  ? 13.014  4.192   8.967   1.00 19.74  ? 19  PHE A CB  1 
ATOM   174  C  CG  . PHE A 1 18  ? 13.215  5.357   9.903   1.00 19.89  ? 19  PHE A CG  1 
ATOM   175  C  CD1 . PHE A 1 18  ? 12.102  5.904   10.563  1.00 21.90  ? 19  PHE A CD1 1 
ATOM   176  C  CD2 . PHE A 1 18  ? 14.484  5.909   10.158  1.00 19.34  ? 19  PHE A CD2 1 
ATOM   177  C  CE1 . PHE A 1 18  ? 12.269  6.986   11.443  1.00 22.66  ? 19  PHE A CE1 1 
ATOM   178  C  CE2 . PHE A 1 18  ? 14.656  7.009   11.030  1.00 20.69  ? 19  PHE A CE2 1 
ATOM   179  C  CZ  . PHE A 1 18  ? 13.556  7.525   11.689  1.00 21.97  ? 19  PHE A CZ  1 
ATOM   180  N  N   . ASP A 1 19  ? 14.267  6.468   6.747   1.00 20.03  ? 20  ASP A N   1 
ATOM   181  C  CA  . ASP A 1 19  ? 15.509  7.195   6.488   1.00 21.38  ? 20  ASP A CA  1 
ATOM   182  C  C   . ASP A 1 19  ? 15.490  8.588   7.083   1.00 20.61  ? 20  ASP A C   1 
ATOM   183  O  O   . ASP A 1 19  ? 14.556  9.332   6.859   1.00 20.59  ? 20  ASP A O   1 
ATOM   184  C  CB  . ASP A 1 19  ? 15.729  7.363   4.980   1.00 21.07  ? 20  ASP A CB  1 
ATOM   185  C  CG  . ASP A 1 19  ? 15.925  6.038   4.266   1.00 24.76  ? 20  ASP A CG  1 
ATOM   186  O  OD1 . ASP A 1 19  ? 17.053  5.542   4.327   1.00 22.63  ? 20  ASP A OD1 1 
ATOM   187  O  OD2 . ASP A 1 19  ? 14.969  5.498   3.675   1.00 24.07  ? 20  ASP A OD2 1 
ATOM   188  N  N   . ALA A 1 20  ? 16.522  8.941   7.832   1.00 19.72  ? 21  ALA A N   1 
ATOM   189  C  CA  . ALA A 1 20  ? 16.677  10.333  8.308   1.00 21.40  ? 21  ALA A CA  1 
ATOM   190  C  C   . ALA A 1 20  ? 16.846  11.185  7.085   1.00 21.23  ? 21  ALA A C   1 
ATOM   191  O  O   . ALA A 1 20  ? 17.508  10.779  6.127   1.00 22.62  ? 21  ALA A O   1 
ATOM   192  C  CB  . ALA A 1 20  ? 17.949  10.446  9.194   1.00 21.33  ? 21  ALA A CB  1 
ATOM   193  N  N   . ARG A 1 21  ? 16.245  12.383  7.092   1.00 22.54  ? 22  ARG A N   1 
ATOM   194  C  CA  . ARG A 1 21  ? 16.425  13.303  5.969   1.00 22.13  ? 22  ARG A CA  1 
ATOM   195  C  C   . ARG A 1 21  ? 17.866  13.822  5.912   1.00 22.81  ? 22  ARG A C   1 
ATOM   196  O  O   . ARG A 1 21  ? 18.487  14.080  6.936   1.00 23.86  ? 22  ARG A O   1 
ATOM   197  C  CB  . ARG A 1 21  ? 15.397  14.440  6.050   1.00 22.83  ? 22  ARG A CB  1 
ATOM   198  C  CG  . ARG A 1 21  ? 14.015  13.945  5.696   1.00 20.57  ? 22  ARG A CG  1 
ATOM   199  C  CD  . ARG A 1 21  ? 12.943  14.973  5.945   1.00 24.23  ? 22  ARG A CD  1 
ATOM   200  N  NE  . ARG A 1 21  ? 12.989  16.056  4.974   1.00 25.21  ? 22  ARG A NE  1 
ATOM   201  C  CZ  . ARG A 1 21  ? 12.081  17.041  4.875   1.00 24.14  ? 22  ARG A CZ  1 
ATOM   202  N  NH1 . ARG A 1 21  ? 11.029  17.119  5.695   1.00 25.47  ? 22  ARG A NH1 1 
ATOM   203  N  NH2 . ARG A 1 21  ? 12.240  17.957  3.925   1.00 25.00  ? 22  ARG A NH2 1 
ATOM   204  N  N   . ASN A 1 22  ? 18.362  13.957  4.688   1.00 24.58  ? 23  ASN A N   1 
ATOM   205  C  CA  . ASN A 1 22  ? 19.689  14.437  4.445   1.00 26.57  ? 23  ASN A CA  1 
ATOM   206  C  C   . ASN A 1 22  ? 19.514  15.848  3.911   1.00 25.95  ? 23  ASN A C   1 
ATOM   207  O  O   . ASN A 1 22  ? 19.192  16.022  2.760   1.00 26.86  ? 23  ASN A O   1 
ATOM   208  C  CB  . ASN A 1 22  ? 20.336  13.532  3.408   1.00 27.42  ? 23  ASN A CB  1 
ATOM   209  C  CG  . ASN A 1 22  ? 21.757  13.961  3.040   1.00 31.96  ? 23  ASN A CG  1 
ATOM   210  O  OD1 . ASN A 1 22  ? 22.109  15.148  3.031   1.00 34.21  ? 23  ASN A OD1 1 
ATOM   211  N  ND2 . ASN A 1 22  ? 22.586  12.971  2.737   1.00 35.55  ? 23  ASN A ND2 1 
ATOM   212  N  N   . PHE A 1 23  ? 19.657  16.841  4.772   1.00 26.60  ? 24  PHE A N   1 
ATOM   213  C  CA  . PHE A 1 23  ? 19.316  18.215  4.359   1.00 26.46  ? 24  PHE A CA  1 
ATOM   214  C  C   . PHE A 1 23  ? 20.336  18.822  3.403   1.00 27.67  ? 24  PHE A C   1 
ATOM   215  O  O   . PHE A 1 23  ? 19.999  19.685  2.594   1.00 28.38  ? 24  PHE A O   1 
ATOM   216  C  CB  . PHE A 1 23  ? 19.025  19.079  5.561   1.00 25.86  ? 24  PHE A CB  1 
ATOM   217  C  CG  . PHE A 1 23  ? 17.755  18.670  6.249   1.00 24.06  ? 24  PHE A CG  1 
ATOM   218  C  CD1 . PHE A 1 23  ? 16.561  18.902  5.620   1.00 25.39  ? 24  PHE A CD1 1 
ATOM   219  C  CD2 . PHE A 1 23  ? 17.776  18.003  7.470   1.00 23.45  ? 24  PHE A CD2 1 
ATOM   220  C  CE1 . PHE A 1 23  ? 15.362  18.522  6.190   1.00 27.44  ? 24  PHE A CE1 1 
ATOM   221  C  CE2 . PHE A 1 23  ? 16.547  17.610  8.054   1.00 22.91  ? 24  PHE A CE2 1 
ATOM   222  C  CZ  . PHE A 1 23  ? 15.358  17.872  7.380   1.00 24.87  ? 24  PHE A CZ  1 
ATOM   223  N  N   . GLU A 1 24  ? 21.563  18.325  3.475   1.00 30.00  ? 25  GLU A N   1 
ATOM   224  C  CA  . GLU A 1 24  ? 22.596  18.694  2.501   1.00 31.11  ? 25  GLU A CA  1 
ATOM   225  C  C   . GLU A 1 24  ? 22.173  18.208  1.112   1.00 32.28  ? 25  GLU A C   1 
ATOM   226  O  O   . GLU A 1 24  ? 22.153  18.973  0.166   1.00 31.73  ? 25  GLU A O   1 
ATOM   227  C  CB  . GLU A 1 24  ? 23.941  18.083  2.933   1.00 31.95  ? 25  GLU A CB  1 
ATOM   228  C  CG  . GLU A 1 24  ? 25.063  18.151  1.875   1.00 34.76  ? 25  GLU A CG  1 
ATOM   229  C  CD  . GLU A 1 24  ? 25.545  19.555  1.616   1.00 41.65  ? 25  GLU A CD  1 
ATOM   230  O  OE1 . GLU A 1 24  ? 25.552  20.367  2.569   1.00 43.14  ? 25  GLU A OE1 1 
ATOM   231  O  OE2 . GLU A 1 24  ? 25.927  19.843  0.452   1.00 42.99  ? 25  GLU A OE2 1 
ATOM   232  N  N   . TRP A 1 25  ? 21.814  16.924  0.996   1.00 33.33  ? 26  TRP A N   1 
ATOM   233  C  CA  . TRP A 1 25  ? 21.285  16.382  -0.246  1.00 34.72  ? 26  TRP A CA  1 
ATOM   234  C  C   . TRP A 1 25  ? 20.059  17.155  -0.727  1.00 34.13  ? 26  TRP A C   1 
ATOM   235  O  O   . TRP A 1 25  ? 19.951  17.490  -1.912  1.00 34.62  ? 26  TRP A O   1 
ATOM   236  C  CB  . TRP A 1 25  ? 20.961  14.893  -0.081  1.00 37.44  ? 26  TRP A CB  1 
ATOM   237  C  CG  . TRP A 1 25  ? 20.580  14.231  -1.363  1.00 39.31  ? 26  TRP A CG  1 
ATOM   238  C  CD1 . TRP A 1 25  ? 21.416  13.577  -2.229  1.00 43.58  ? 26  TRP A CD1 1 
ATOM   239  C  CD2 . TRP A 1 25  ? 19.264  14.144  -1.928  1.00 43.33  ? 26  TRP A CD2 1 
ATOM   240  N  NE1 . TRP A 1 25  ? 20.703  13.099  -3.304  1.00 44.94  ? 26  TRP A NE1 1 
ATOM   241  C  CE2 . TRP A 1 25  ? 19.381  13.431  -3.147  1.00 44.30  ? 26  TRP A CE2 1 
ATOM   242  C  CE3 . TRP A 1 25  ? 17.998  14.595  -1.524  1.00 42.84  ? 26  TRP A CE3 1 
ATOM   243  C  CZ2 . TRP A 1 25  ? 18.281  13.162  -3.964  1.00 43.65  ? 26  TRP A CZ2 1 
ATOM   244  C  CZ3 . TRP A 1 25  ? 16.907  14.335  -2.336  1.00 43.01  ? 26  TRP A CZ3 1 
ATOM   245  C  CH2 . TRP A 1 25  ? 17.055  13.620  -3.550  1.00 42.77  ? 26  TRP A CH2 1 
ATOM   246  N  N   . GLU A 1 26  ? 19.126  17.463  0.178   1.00 32.71  ? 27  GLU A N   1 
ATOM   247  C  CA  . GLU A 1 26  ? 17.910  18.176  -0.226  1.00 32.13  ? 27  GLU A CA  1 
ATOM   248  C  C   . GLU A 1 26  ? 18.215  19.603  -0.679  1.00 32.64  ? 27  GLU A C   1 
ATOM   249  O  O   . GLU A 1 26  ? 17.501  20.173  -1.498  1.00 32.38  ? 27  GLU A O   1 
ATOM   250  C  CB  . GLU A 1 26  ? 16.845  18.196  0.875   1.00 31.36  ? 27  GLU A CB  1 
ATOM   251  C  CG  . GLU A 1 26  ? 16.349  16.810  1.274   1.00 29.28  ? 27  GLU A CG  1 
ATOM   252  C  CD  . GLU A 1 26  ? 15.277  16.880  2.324   1.00 28.99  ? 27  GLU A CD  1 
ATOM   253  O  OE1 . GLU A 1 26  ? 14.708  17.989  2.543   1.00 27.46  ? 27  GLU A OE1 1 
ATOM   254  O  OE2 . GLU A 1 26  ? 14.998  15.813  2.923   1.00 26.64  ? 27  GLU A OE2 1 
ATOM   255  N  N   . ASN A 1 27  ? 19.258  20.204  -0.122  1.00 33.18  ? 28  ASN A N   1 
ATOM   256  C  CA  . ASN A 1 27  ? 19.608  21.541  -0.567  1.00 35.04  ? 28  ASN A CA  1 
ATOM   257  C  C   . ASN A 1 27  ? 19.909  21.559  -2.074  1.00 36.41  ? 28  ASN A C   1 
ATOM   258  O  O   . ASN A 1 27  ? 19.516  22.492  -2.777  1.00 37.17  ? 28  ASN A O   1 
ATOM   259  C  CB  . ASN A 1 27  ? 20.797  22.089  0.209   1.00 34.62  ? 28  ASN A CB  1 
ATOM   260  C  CG  . ASN A 1 27  ? 21.232  23.444  -0.320  1.00 33.02  ? 28  ASN A CG  1 
ATOM   261  O  OD1 . ASN A 1 27  ? 22.256  23.564  -1.022  1.00 34.83  ? 28  ASN A OD1 1 
ATOM   262  N  ND2 . ASN A 1 27  ? 20.431  24.450  -0.045  1.00 28.63  ? 28  ASN A ND2 1 
ATOM   263  N  N   A GLU A 1 28  ? 20.625  20.550  -2.553  0.50 37.46  ? 29  GLU A N   1 
ATOM   264  N  N   B GLU A 1 28  ? 20.569  20.504  -2.544  0.50 37.58  ? 29  GLU A N   1 
ATOM   265  C  CA  A GLU A 1 28  ? 20.926  20.458  -3.977  0.50 39.27  ? 29  GLU A CA  1 
ATOM   266  C  CA  B GLU A 1 28  ? 21.006  20.379  -3.938  0.50 39.47  ? 29  GLU A CA  1 
ATOM   267  C  C   A GLU A 1 28  ? 19.698  20.028  -4.774  0.50 39.83  ? 29  GLU A C   1 
ATOM   268  C  C   B GLU A 1 28  ? 20.015  19.645  -4.848  0.50 40.02  ? 29  GLU A C   1 
ATOM   269  O  O   A GLU A 1 28  ? 19.382  20.624  -5.806  0.50 40.02  ? 29  GLU A O   1 
ATOM   270  O  O   B GLU A 1 28  ? 20.173  19.645  -6.076  0.50 40.02  ? 29  GLU A O   1 
ATOM   271  C  CB  A GLU A 1 28  ? 22.076  19.475  -4.229  0.50 39.24  ? 29  GLU A CB  1 
ATOM   272  C  CB  B GLU A 1 28  ? 22.345  19.651  -3.982  0.50 39.70  ? 29  GLU A CB  1 
ATOM   273  C  CG  A GLU A 1 28  ? 23.448  20.133  -4.377  0.50 41.20  ? 29  GLU A CG  1 
ATOM   274  C  CG  B GLU A 1 28  ? 23.535  20.553  -3.718  0.50 41.66  ? 29  GLU A CG  1 
ATOM   275  C  CD  A GLU A 1 28  ? 23.529  21.056  -5.582  0.50 41.76  ? 29  GLU A CD  1 
ATOM   276  C  CD  B GLU A 1 28  ? 24.783  19.792  -3.306  0.50 44.45  ? 29  GLU A CD  1 
ATOM   277  O  OE1 A GLU A 1 28  ? 23.447  22.285  -5.398  0.50 41.85  ? 29  GLU A OE1 1 
ATOM   278  O  OE1 B GLU A 1 28  ? 24.789  18.540  -3.384  0.50 45.54  ? 29  GLU A OE1 1 
ATOM   279  O  OE2 A GLU A 1 28  ? 23.656  20.554  -6.716  0.50 44.36  ? 29  GLU A OE2 1 
ATOM   280  O  OE2 B GLU A 1 28  ? 25.759  20.456  -2.888  0.50 44.06  ? 29  GLU A OE2 1 
ATOM   281  N  N   . ASN A 1 29  ? 19.004  19.012  -4.251  1.00 40.57  ? 30  ASN A N   1 
ATOM   282  C  CA  . ASN A 1 29  ? 18.057  18.174  -5.016  1.00 40.96  ? 30  ASN A CA  1 
ATOM   283  C  C   . ASN A 1 29  ? 16.578  18.400  -4.751  1.00 40.05  ? 30  ASN A C   1 
ATOM   284  O  O   . ASN A 1 29  ? 15.727  17.914  -5.502  1.00 41.37  ? 30  ASN A O   1 
ATOM   285  C  CB  . ASN A 1 29  ? 18.395  16.698  -4.777  1.00 41.51  ? 30  ASN A CB  1 
ATOM   286  C  CG  . ASN A 1 29  ? 19.767  16.335  -5.282  1.00 44.80  ? 30  ASN A CG  1 
ATOM   287  O  OD1 . ASN A 1 29  ? 20.052  16.495  -6.465  1.00 50.74  ? 30  ASN A OD1 1 
ATOM   288  N  ND2 . ASN A 1 29  ? 20.630  15.856  -4.396  1.00 47.27  ? 30  ASN A ND2 1 
ATOM   289  N  N   . GLY A 1 30  ? 16.264  19.143  -3.704  1.00 38.79  ? 31  GLY A N   1 
ATOM   290  C  CA  . GLY A 1 30  ? 14.888  19.501  -3.402  1.00 36.99  ? 31  GLY A CA  1 
ATOM   291  C  C   . GLY A 1 30  ? 14.396  18.533  -2.362  1.00 35.44  ? 31  GLY A C   1 
ATOM   292  O  O   . GLY A 1 30  ? 14.927  17.428  -2.251  1.00 35.52  ? 31  GLY A O   1 
ATOM   293  N  N   . ALA A 1 31  ? 13.402  18.959  -1.592  1.00 34.62  ? 32  ALA A N   1 
ATOM   294  C  CA  . ALA A 1 31  ? 12.861  18.129  -0.526  1.00 33.53  ? 32  ALA A CA  1 
ATOM   295  C  C   . ALA A 1 31  ? 11.916  17.095  -1.139  1.00 33.56  ? 32  ALA A C   1 
ATOM   296  O  O   . ALA A 1 31  ? 11.263  17.373  -2.148  1.00 34.22  ? 32  ALA A O   1 
ATOM   297  C  CB  . ALA A 1 31  ? 12.138  18.977  0.506   1.00 33.41  ? 32  ALA A CB  1 
ATOM   298  N  N   . PRO A 1 32  ? 11.866  15.888  -0.547  1.00 31.98  ? 33  PRO A N   1 
ATOM   299  C  CA  . PRO A 1 32  ? 10.938  14.859  -0.992  1.00 31.43  ? 33  PRO A CA  1 
ATOM   300  C  C   . PRO A 1 32  ? 9.526   15.287  -0.644  1.00 31.36  ? 33  PRO A C   1 
ATOM   301  O  O   . PRO A 1 32  ? 9.326   16.091  0.279   1.00 31.38  ? 33  PRO A O   1 
ATOM   302  C  CB  . PRO A 1 32  ? 11.348  13.637  -0.157  1.00 30.47  ? 33  PRO A CB  1 
ATOM   303  C  CG  . PRO A 1 32  ? 11.945  14.210  1.085   1.00 31.62  ? 33  PRO A CG  1 
ATOM   304  C  CD  . PRO A 1 32  ? 12.683  15.442  0.602   1.00 31.89  ? 33  PRO A CD  1 
ATOM   305  N  N   A GLU A 1 33  ? 8.552   14.781  -1.409  0.50 31.52  ? 34  GLU A N   1 
ATOM   306  N  N   B GLU A 1 33  ? 8.555   14.729  -1.360  0.50 31.55  ? 34  GLU A N   1 
ATOM   307  C  CA  A GLU A 1 33  ? 7.127   15.036  -1.142  0.50 31.62  ? 34  GLU A CA  1 
ATOM   308  C  CA  B GLU A 1 33  ? 7.152   15.030  -1.108  0.50 31.45  ? 34  GLU A CA  1 
ATOM   309  C  C   A GLU A 1 33  ? 6.380   13.741  -0.802  0.50 30.13  ? 34  GLU A C   1 
ATOM   310  C  C   B GLU A 1 33  ? 6.351   13.752  -0.830  0.50 30.16  ? 34  GLU A C   1 
ATOM   311  O  O   A GLU A 1 33  ? 6.695   12.675  -1.333  0.50 30.28  ? 34  GLU A O   1 
ATOM   312  O  O   B GLU A 1 33  ? 6.613   12.705  -1.422  0.50 30.32  ? 34  GLU A O   1 
ATOM   313  C  CB  A GLU A 1 33  ? 6.437   15.707  -2.342  0.50 32.20  ? 34  GLU A CB  1 
ATOM   314  C  CB  B GLU A 1 33  ? 6.560   15.786  -2.296  0.50 32.71  ? 34  GLU A CB  1 
ATOM   315  C  CG  A GLU A 1 33  ? 5.075   16.345  -1.978  0.50 33.08  ? 34  GLU A CG  1 
ATOM   316  C  CG  B GLU A 1 33  ? 6.726   15.086  -3.629  0.50 35.42  ? 34  GLU A CG  1 
ATOM   317  C  CD  A GLU A 1 33  ? 4.307   16.966  -3.161  0.50 34.38  ? 34  GLU A CD  1 
ATOM   318  C  CD  B GLU A 1 33  ? 7.266   16.003  -4.721  0.50 38.57  ? 34  GLU A CD  1 
ATOM   319  O  OE1 A GLU A 1 33  ? 4.872   17.108  -4.272  0.50 37.94  ? 34  GLU A OE1 1 
ATOM   320  O  OE1 B GLU A 1 33  ? 8.327   16.629  -4.505  0.50 40.93  ? 34  GLU A OE1 1 
ATOM   321  O  OE2 A GLU A 1 33  ? 3.118   17.313  -2.971  0.50 37.45  ? 34  GLU A OE2 1 
ATOM   322  O  OE2 B GLU A 1 33  ? 6.641   16.076  -5.798  0.50 39.44  ? 34  GLU A OE2 1 
ATOM   323  N  N   . THR A 1 34  ? 5.397   13.852  0.091   1.00 29.49  ? 35  THR A N   1 
ATOM   324  C  CA  . THR A 1 34  ? 4.518   12.732  0.417   1.00 27.90  ? 35  THR A CA  1 
ATOM   325  C  C   . THR A 1 34  ? 3.678   12.294  -0.790  1.00 28.40  ? 35  THR A C   1 
ATOM   326  O  O   . THR A 1 34  ? 3.056   13.133  -1.478  1.00 27.08  ? 35  THR A O   1 
ATOM   327  C  CB  . THR A 1 34  ? 3.624   13.057  1.641   1.00 28.09  ? 35  THR A CB  1 
ATOM   328  O  OG1 . THR A 1 34  ? 4.434   13.199  2.810   1.00 27.85  ? 35  THR A OG1 1 
ATOM   329  C  CG2 . THR A 1 34  ? 2.585   11.972  1.896   1.00 26.20  ? 35  THR A CG2 1 
ATOM   330  N  N   . LYS A 1 35  ? 3.667   10.988  -1.053  1.00 27.53  ? 36  LYS A N   1 
ATOM   331  C  CA  . LYS A 1 35  ? 2.824   10.405  -2.091  1.00 28.01  ? 36  LYS A CA  1 
ATOM   332  C  C   . LYS A 1 35  ? 2.496   8.982   -1.652  1.00 27.37  ? 36  LYS A C   1 
ATOM   333  O  O   . LYS A 1 35  ? 3.401   8.230   -1.293  1.00 26.07  ? 36  LYS A O   1 
ATOM   334  C  CB  . LYS A 1 35  ? 3.594   10.374  -3.406  1.00 28.52  ? 36  LYS A CB  1 
ATOM   335  C  CG  . LYS A 1 35  ? 2.757   9.994   -4.639  1.00 31.66  ? 36  LYS A CG  1 
ATOM   336  C  CD  . LYS A 1 35  ? 3.613   10.038  -5.932  1.00 32.61  ? 36  LYS A CD  1 
ATOM   337  C  CE  . LYS A 1 35  ? 2.797   9.537   -7.160  1.00 38.83  ? 36  LYS A CE  1 
ATOM   338  N  NZ  . LYS A 1 35  ? 3.641   8.647   -8.063  1.00 43.19  ? 36  LYS A NZ  1 
ATOM   339  N  N   . VAL A 1 36  ? 1.221   8.616   -1.731  1.00 25.91  ? 37  VAL A N   1 
ATOM   340  C  CA  . VAL A 1 36  ? 0.773   7.273   -1.332  1.00 26.16  ? 37  VAL A CA  1 
ATOM   341  C  C   . VAL A 1 36  ? -0.163  6.861   -2.436  1.00 26.17  ? 37  VAL A C   1 
ATOM   342  O  O   . VAL A 1 36  ? -1.051  7.634   -2.823  1.00 26.52  ? 37  VAL A O   1 
ATOM   343  C  CB  . VAL A 1 36  ? 0.018   7.283   0.016   1.00 26.10  ? 37  VAL A CB  1 
ATOM   344  C  CG1 . VAL A 1 36  ? -0.526  5.879   0.356   1.00 26.80  ? 37  VAL A CG1 1 
ATOM   345  C  CG2 . VAL A 1 36  ? 0.913   7.782   1.174   1.00 28.21  ? 37  VAL A CG2 1 
ATOM   346  N  N   A ASP A 1 37  ? 0.012   5.646   -2.935  0.50 25.67  ? 38  ASP A N   1 
ATOM   347  N  N   B ASP A 1 37  ? 0.037   5.660   -2.961  0.50 25.59  ? 38  ASP A N   1 
ATOM   348  C  CA  A ASP A 1 37  ? -0.738  5.187   -4.103  0.50 25.79  ? 38  ASP A CA  1 
ATOM   349  C  CA  B ASP A 1 37  ? -0.733  5.177   -4.108  0.50 25.68  ? 38  ASP A CA  1 
ATOM   350  C  C   A ASP A 1 37  ? -1.098  3.717   -3.968  0.50 25.61  ? 38  ASP A C   1 
ATOM   351  C  C   B ASP A 1 37  ? -1.148  3.740   -3.879  0.50 25.43  ? 38  ASP A C   1 
ATOM   352  O  O   A ASP A 1 37  ? -0.313  2.912   -3.454  0.50 23.50  ? 38  ASP A O   1 
ATOM   353  O  O   B ASP A 1 37  ? -0.437  2.979   -3.226  0.50 23.69  ? 38  ASP A O   1 
ATOM   354  C  CB  A ASP A 1 37  ? 0.104   5.386   -5.369  0.50 26.89  ? 38  ASP A CB  1 
ATOM   355  C  CB  B ASP A 1 37  ? 0.123   5.208   -5.379  0.50 26.44  ? 38  ASP A CB  1 
ATOM   356  C  CG  A ASP A 1 37  ? -0.740  5.489   -6.640  0.50 28.69  ? 38  ASP A CG  1 
ATOM   357  C  CG  B ASP A 1 37  ? 0.366   6.610   -5.893  0.50 28.72  ? 38  ASP A CG  1 
ATOM   358  O  OD1 A ASP A 1 37  ? -0.144  5.590   -7.738  0.50 34.79  ? 38  ASP A OD1 1 
ATOM   359  O  OD1 B ASP A 1 37  ? -0.574  7.226   -6.448  0.50 31.27  ? 38  ASP A OD1 1 
ATOM   360  O  OD2 A ASP A 1 37  ? -1.984  5.472   -6.555  0.50 33.12  ? 38  ASP A OD2 1 
ATOM   361  O  OD2 B ASP A 1 37  ? 1.500   7.085   -5.765  0.50 29.47  ? 38  ASP A OD2 1 
ATOM   362  N  N   . VAL A 1 38  ? -2.275  3.370   -4.474  1.00 25.35  ? 39  VAL A N   1 
ATOM   363  C  CA  . VAL A 1 38  ? -2.701  1.989   -4.575  1.00 26.30  ? 39  VAL A CA  1 
ATOM   364  C  C   . VAL A 1 38  ? -2.842  1.677   -6.056  1.00 27.65  ? 39  VAL A C   1 
ATOM   365  O  O   . VAL A 1 38  ? -3.536  2.423   -6.791  1.00 28.39  ? 39  VAL A O   1 
ATOM   366  C  CB  . VAL A 1 38  ? -4.043  1.747   -3.865  1.00 26.28  ? 39  VAL A CB  1 
ATOM   367  C  CG1 . VAL A 1 38  ? -4.504  0.296   -4.143  1.00 26.79  ? 39  VAL A CG1 1 
ATOM   368  C  CG2 . VAL A 1 38  ? -3.913  2.023   -2.396  1.00 27.62  ? 39  VAL A CG2 1 
ATOM   369  N  N   . ASN A 1 39  ? -2.147  0.630   -6.480  1.00 28.22  ? 40  ASN A N   1 
ATOM   370  C  CA  . ASN A 1 39  ? -2.214  0.075   -7.822  1.00 31.12  ? 40  ASN A CA  1 
ATOM   371  C  C   . ASN A 1 39  ? -2.518  -1.420  -7.813  1.00 32.01  ? 40  ASN A C   1 
ATOM   372  O  O   . ASN A 1 39  ? -2.417  -2.095  -6.777  1.00 30.35  ? 40  ASN A O   1 
ATOM   373  C  CB  . ASN A 1 39  ? -0.902  0.321   -8.556  1.00 31.92  ? 40  ASN A CB  1 
ATOM   374  C  CG  . ASN A 1 39  ? -0.705  1.786   -8.909  1.00 35.42  ? 40  ASN A CG  1 
ATOM   375  O  OD1 . ASN A 1 39  ? -1.326  2.291   -9.847  1.00 40.87  ? 40  ASN A OD1 1 
ATOM   376  N  ND2 . ASN A 1 39  ? 0.163   2.476   -8.161  1.00 37.56  ? 40  ASN A ND2 1 
ATOM   377  N  N   . PHE A 1 40  ? -2.888  -1.926  -8.991  1.00 32.92  ? 41  PHE A N   1 
ATOM   378  C  CA  . PHE A 1 40  ? -3.379  -3.296  -9.139  1.00 33.90  ? 41  PHE A CA  1 
ATOM   379  C  C   . PHE A 1 40  ? -2.706  -3.996  -10.279 1.00 35.45  ? 41  PHE A C   1 
ATOM   380  O  O   . PHE A 1 40  ? -2.533  -3.414  -11.342 1.00 35.82  ? 41  PHE A O   1 
ATOM   381  C  CB  . PHE A 1 40  ? -4.885  -3.286  -9.423  1.00 33.28  ? 41  PHE A CB  1 
ATOM   382  C  CG  . PHE A 1 40  ? -5.700  -2.690  -8.312  1.00 31.35  ? 41  PHE A CG  1 
ATOM   383  C  CD1 . PHE A 1 40  ? -5.983  -3.427  -7.170  1.00 29.83  ? 41  PHE A CD1 1 
ATOM   384  C  CD2 . PHE A 1 40  ? -6.151  -1.377  -8.386  1.00 32.80  ? 41  PHE A CD2 1 
ATOM   385  C  CE1 . PHE A 1 40  ? -6.730  -2.866  -6.136  1.00 26.41  ? 41  PHE A CE1 1 
ATOM   386  C  CE2 . PHE A 1 40  ? -6.906  -0.813  -7.351  1.00 32.57  ? 41  PHE A CE2 1 
ATOM   387  C  CZ  . PHE A 1 40  ? -7.193  -1.567  -6.225  1.00 31.53  ? 41  PHE A CZ  1 
ATOM   388  N  N   A GLN A 1 41  ? -2.300  -5.240  -10.034 0.50 36.10  ? 42  GLN A N   1 
ATOM   389  N  N   B GLN A 1 41  ? -2.329  -5.248  -10.082 0.50 36.33  ? 42  GLN A N   1 
ATOM   390  C  CA  A GLN A 1 41  ? -1.782  -6.120  -11.082 0.50 36.90  ? 42  GLN A CA  1 
ATOM   391  C  CA  B GLN A 1 41  ? -1.794  -6.025  -11.191 0.50 37.29  ? 42  GLN A CA  1 
ATOM   392  C  C   A GLN A 1 41  ? -2.747  -7.287  -11.239 0.50 37.12  ? 42  GLN A C   1 
ATOM   393  C  C   B GLN A 1 41  ? -2.557  -7.340  -11.326 0.50 37.44  ? 42  GLN A C   1 
ATOM   394  O  O   A GLN A 1 41  ? -3.022  -8.000  -10.281 0.50 36.82  ? 42  GLN A O   1 
ATOM   395  O  O   B GLN A 1 41  ? -2.523  -8.187  -10.437 0.50 37.08  ? 42  GLN A O   1 
ATOM   396  C  CB  A GLN A 1 41  ? -0.371  -6.640  -10.750 0.50 36.88  ? 42  GLN A CB  1 
ATOM   397  C  CB  B GLN A 1 41  ? -0.281  -6.232  -11.054 0.50 37.57  ? 42  GLN A CB  1 
ATOM   398  C  CG  A GLN A 1 41  ? 0.167   -7.662  -11.769 0.50 37.83  ? 42  GLN A CG  1 
ATOM   399  C  CG  B GLN A 1 41  ? 0.569   -5.513  -12.126 0.50 39.14  ? 42  GLN A CG  1 
ATOM   400  C  CD  A GLN A 1 41  ? 1.687   -7.735  -11.825 0.50 39.53  ? 42  GLN A CD  1 
ATOM   401  C  CD  B GLN A 1 41  ? 0.989   -4.085  -11.758 0.50 41.32  ? 42  GLN A CD  1 
ATOM   402  O  OE1 A GLN A 1 41  ? 2.336   -8.298  -10.937 0.50 39.56  ? 42  GLN A OE1 1 
ATOM   403  O  OE1 B GLN A 1 41  ? 2.150   -3.837  -11.418 0.50 43.19  ? 42  GLN A OE1 1 
ATOM   404  N  NE2 A GLN A 1 41  ? 2.261   -7.184  -12.893 0.50 39.49  ? 42  GLN A NE2 1 
ATOM   405  N  NE2 B GLN A 1 41  ? 0.055   -3.146  -11.843 0.50 42.17  ? 42  GLN A NE2 1 
ATOM   406  N  N   . LEU A 1 42  ? -3.262  -7.481  -12.449 1.00 37.92  ? 43  LEU A N   1 
ATOM   407  C  CA  . LEU A 1 42  ? -4.082  -8.662  -12.732 1.00 38.86  ? 43  LEU A CA  1 
ATOM   408  C  C   . LEU A 1 42  ? -3.234  -9.917  -12.763 1.00 39.63  ? 43  LEU A C   1 
ATOM   409  O  O   . LEU A 1 42  ? -2.120  -9.919  -13.301 1.00 40.10  ? 43  LEU A O   1 
ATOM   410  C  CB  . LEU A 1 42  ? -4.830  -8.512  -14.061 1.00 39.68  ? 43  LEU A CB  1 
ATOM   411  C  CG  . LEU A 1 42  ? -5.977  -7.511  -14.109 1.00 40.41  ? 43  LEU A CG  1 
ATOM   412  C  CD1 . LEU A 1 42  ? -6.591  -7.520  -15.497 1.00 43.26  ? 43  LEU A CD1 1 
ATOM   413  C  CD2 . LEU A 1 42  ? -7.035  -7.844  -13.069 1.00 43.66  ? 43  LEU A CD2 1 
ATOM   414  N  N   . LEU A 1 43  ? -3.763  -10.982 -12.168 1.00 39.71  ? 44  LEU A N   1 
ATOM   415  C  CA  . LEU A 1 43  ? -3.085  -12.261 -12.160 1.00 40.37  ? 44  LEU A CA  1 
ATOM   416  C  C   . LEU A 1 43  ? -3.832  -13.285 -12.999 1.00 41.31  ? 44  LEU A C   1 
ATOM   417  O  O   . LEU A 1 43  ? -3.219  -14.089 -13.706 1.00 41.27  ? 44  LEU A O   1 
ATOM   418  C  CB  . LEU A 1 43  ? -2.924  -12.775 -10.735 1.00 40.74  ? 44  LEU A CB  1 
ATOM   419  C  CG  . LEU A 1 43  ? -2.004  -11.969 -9.820  1.00 40.53  ? 44  LEU A CG  1 
ATOM   420  C  CD1 . LEU A 1 43  ? -2.138  -12.517 -8.416  1.00 38.66  ? 44  LEU A CD1 1 
ATOM   421  C  CD2 . LEU A 1 43  ? -0.564  -12.078 -10.285 1.00 42.10  ? 44  LEU A CD2 1 
ATOM   422  N  N   . GLN A 1 44  ? -5.159  -13.266 -12.905 1.00 41.54  ? 45  GLN A N   1 
ATOM   423  C  CA  . GLN A 1 44  ? -5.978  -14.297 -13.539 1.00 42.55  ? 45  GLN A CA  1 
ATOM   424  C  C   . GLN A 1 44  ? -7.435  -13.887 -13.577 1.00 42.85  ? 45  GLN A C   1 
ATOM   425  O  O   . GLN A 1 44  ? -7.946  -13.249 -12.646 1.00 42.36  ? 45  GLN A O   1 
ATOM   426  C  CB  . GLN A 1 44  ? -5.848  -15.618 -12.783 1.00 42.80  ? 45  GLN A CB  1 
ATOM   427  C  CG  . GLN A 1 44  ? -6.456  -16.828 -13.496 1.00 45.98  ? 45  GLN A CG  1 
ATOM   428  C  CD  . GLN A 1 44  ? -6.412  -18.066 -12.633 1.00 49.16  ? 45  GLN A CD  1 
ATOM   429  O  OE1 . GLN A 1 44  ? -7.278  -18.277 -11.773 1.00 50.23  ? 45  GLN A OE1 1 
ATOM   430  N  NE2 . GLN A 1 44  ? -5.392  -18.892 -12.845 1.00 51.06  ? 45  GLN A NE2 1 
ATOM   431  N  N   . HIS A 1 45  ? -8.088  -14.227 -14.684 1.00 43.48  ? 46  HIS A N   1 
ATOM   432  C  CA  . HIS A 1 45  ? -9.539  -14.208 -14.776 1.00 44.02  ? 46  HIS A CA  1 
ATOM   433  C  C   . HIS A 1 45  ? -9.951  -15.662 -14.897 1.00 44.32  ? 46  HIS A C   1 
ATOM   434  O  O   . HIS A 1 45  ? -9.576  -16.346 -15.858 1.00 44.33  ? 46  HIS A O   1 
ATOM   435  C  CB  . HIS A 1 45  ? -10.016 -13.424 -16.003 1.00 44.44  ? 46  HIS A CB  1 
ATOM   436  C  CG  . HIS A 1 45  ? -9.829  -11.943 -15.890 1.00 46.12  ? 46  HIS A CG  1 
ATOM   437  N  ND1 . HIS A 1 45  ? -9.129  -11.205 -16.822 1.00 47.44  ? 46  HIS A ND1 1 
ATOM   438  C  CD2 . HIS A 1 45  ? -10.249 -11.062 -14.952 1.00 45.99  ? 46  HIS A CD2 1 
ATOM   439  C  CE1 . HIS A 1 45  ? -9.132  -9.933  -16.465 1.00 48.02  ? 46  HIS A CE1 1 
ATOM   440  N  NE2 . HIS A 1 45  ? -9.804  -9.820  -15.331 1.00 47.42  ? 46  HIS A NE2 1 
ATOM   441  N  N   . ASP A 1 46  ? -10.680 -16.144 -13.899 1.00 43.99  ? 47  ASP A N   1 
ATOM   442  C  CA  . ASP A 1 46  ? -11.243 -17.474 -13.933 1.00 44.50  ? 47  ASP A CA  1 
ATOM   443  C  C   . ASP A 1 46  ? -12.675 -17.301 -14.436 1.00 44.73  ? 47  ASP A C   1 
ATOM   444  O  O   . ASP A 1 46  ? -13.566 -16.927 -13.672 1.00 43.53  ? 47  ASP A O   1 
ATOM   445  C  CB  . ASP A 1 46  ? -11.201 -18.087 -12.531 1.00 44.61  ? 47  ASP A CB  1 
ATOM   446  C  CG  . ASP A 1 46  ? -11.851 -19.448 -12.454 1.00 45.87  ? 47  ASP A CG  1 
ATOM   447  O  OD1 . ASP A 1 46  ? -12.615 -19.830 -13.374 1.00 48.01  ? 47  ASP A OD1 1 
ATOM   448  O  OD2 . ASP A 1 46  ? -11.601 -20.139 -11.448 1.00 46.70  ? 47  ASP A OD2 1 
ATOM   449  N  N   . GLN A 1 47  ? -12.886 -17.559 -15.729 1.00 45.43  ? 48  GLN A N   1 
ATOM   450  C  CA  . GLN A 1 47  ? -14.212 -17.366 -16.332 1.00 46.31  ? 48  GLN A CA  1 
ATOM   451  C  C   . GLN A 1 47  ? -15.275 -18.308 -15.766 1.00 46.41  ? 48  GLN A C   1 
ATOM   452  O  O   . GLN A 1 47  ? -16.371 -17.867 -15.411 1.00 46.76  ? 48  GLN A O   1 
ATOM   453  C  CB  . GLN A 1 47  ? -14.147 -17.449 -17.866 1.00 46.32  ? 48  GLN A CB  1 
ATOM   454  C  CG  . GLN A 1 47  ? -13.343 -16.318 -18.510 1.00 48.47  ? 48  GLN A CG  1 
ATOM   455  C  CD  . GLN A 1 47  ? -13.978 -14.937 -18.346 1.00 51.70  ? 48  GLN A CD  1 
ATOM   456  O  OE1 . GLN A 1 47  ? -15.157 -14.808 -17.994 1.00 53.67  ? 48  GLN A OE1 1 
ATOM   457  N  NE2 . GLN A 1 47  ? -13.194 -13.896 -18.608 1.00 52.75  ? 48  GLN A NE2 1 
ATOM   458  N  N   . GLU A 1 48  ? -14.940 -19.592 -15.657 1.00 46.50  ? 49  GLU A N   1 
ATOM   459  C  CA  . GLU A 1 48  ? -15.871 -20.600 -15.127 1.00 47.11  ? 49  GLU A CA  1 
ATOM   460  C  C   . GLU A 1 48  ? -16.407 -20.221 -13.752 1.00 45.71  ? 49  GLU A C   1 
ATOM   461  O  O   . GLU A 1 48  ? -17.614 -20.268 -13.515 1.00 45.87  ? 49  GLU A O   1 
ATOM   462  C  CB  . GLU A 1 48  ? -15.209 -21.986 -15.057 1.00 47.99  ? 49  GLU A CB  1 
ATOM   463  C  CG  . GLU A 1 48  ? -14.596 -22.460 -16.376 1.00 52.77  ? 49  GLU A CG  1 
ATOM   464  C  CD  . GLU A 1 48  ? -13.368 -23.362 -16.177 1.00 58.34  ? 49  GLU A CD  1 
ATOM   465  O  OE1 . GLU A 1 48  ? -12.638 -23.185 -15.169 1.00 61.46  ? 49  GLU A OE1 1 
ATOM   466  O  OE2 . GLU A 1 48  ? -13.125 -24.240 -17.043 1.00 60.68  ? 49  GLU A OE2 1 
ATOM   467  N  N   . ASN A 1 49  ? -15.507 -19.836 -12.849 1.00 44.02  ? 50  ASN A N   1 
ATOM   468  C  CA  . ASN A 1 49  ? -15.914 -19.515 -11.484 1.00 42.41  ? 50  ASN A CA  1 
ATOM   469  C  C   . ASN A 1 49  ? -16.200 -18.047 -11.250 1.00 40.59  ? 50  ASN A C   1 
ATOM   470  O  O   . ASN A 1 49  ? -16.706 -17.687 -10.179 1.00 41.01  ? 50  ASN A O   1 
ATOM   471  C  CB  . ASN A 1 49  ? -14.884 -20.027 -10.488 1.00 43.21  ? 50  ASN A CB  1 
ATOM   472  C  CG  . ASN A 1 49  ? -14.803 -21.537 -10.477 1.00 45.49  ? 50  ASN A CG  1 
ATOM   473  O  OD1 . ASN A 1 49  ? -13.741 -22.116 -10.724 1.00 47.50  ? 50  ASN A OD1 1 
ATOM   474  N  ND2 . ASN A 1 49  ? -15.933 -22.186 -10.217 1.00 46.25  ? 50  ASN A ND2 1 
ATOM   475  N  N   A GLN A 1 50  ? -15.875 -17.216 -12.243 0.50 39.21  ? 51  GLN A N   1 
ATOM   476  N  N   B GLN A 1 50  ? -15.888 -17.210 -12.240 0.50 39.39  ? 51  GLN A N   1 
ATOM   477  C  CA  A GLN A 1 50  ? -16.096 -15.769 -12.185 0.50 37.78  ? 51  GLN A CA  1 
ATOM   478  C  CA  B GLN A 1 50  ? -16.105 -15.760 -12.161 0.50 38.13  ? 51  GLN A CA  1 
ATOM   479  C  C   A GLN A 1 50  ? -15.303 -15.166 -11.017 0.50 36.56  ? 51  GLN A C   1 
ATOM   480  C  C   B GLN A 1 50  ? -15.297 -15.128 -11.028 0.50 36.77  ? 51  GLN A C   1 
ATOM   481  O  O   A GLN A 1 50  ? -15.871 -14.582 -10.099 0.50 36.21  ? 51  GLN A O   1 
ATOM   482  O  O   B GLN A 1 50  ? -15.848 -14.469 -10.152 0.50 36.40  ? 51  GLN A O   1 
ATOM   483  C  CB  A GLN A 1 50  ? -17.596 -15.466 -12.078 0.50 37.78  ? 51  GLN A CB  1 
ATOM   484  C  CB  B GLN A 1 50  ? -17.594 -15.430 -12.005 0.50 38.25  ? 51  GLN A CB  1 
ATOM   485  C  CG  A GLN A 1 50  ? -18.020 -14.045 -12.435 0.50 37.93  ? 51  GLN A CG  1 
ATOM   486  C  CG  B GLN A 1 50  ? -18.414 -15.631 -13.259 0.50 39.23  ? 51  GLN A CG  1 
ATOM   487  C  CD  A GLN A 1 50  ? -19.532 -13.851 -12.343 0.50 37.62  ? 51  GLN A CD  1 
ATOM   488  C  CD  B GLN A 1 50  ? -18.087 -14.604 -14.327 0.50 40.05  ? 51  GLN A CD  1 
ATOM   489  O  OE1 A GLN A 1 50  ? -20.233 -14.616 -11.682 0.50 36.17  ? 51  GLN A OE1 1 
ATOM   490  O  OE1 B GLN A 1 50  ? -18.464 -13.437 -14.216 0.50 41.42  ? 51  GLN A OE1 1 
ATOM   491  N  NE2 A GLN A 1 50  ? -20.035 -12.824 -13.008 0.50 38.38  ? 51  GLN A NE2 1 
ATOM   492  N  NE2 B GLN A 1 50  ? -17.390 -15.038 -15.372 0.50 40.38  ? 51  GLN A NE2 1 
ATOM   493  N  N   . VAL A 1 51  ? -13.985 -15.327 -11.064 1.00 36.01  ? 52  VAL A N   1 
ATOM   494  C  CA  . VAL A 1 51  ? -13.106 -14.815 -10.019 1.00 33.92  ? 52  VAL A CA  1 
ATOM   495  C  C   . VAL A 1 51  ? -11.986 -14.022 -10.653 1.00 34.10  ? 52  VAL A C   1 
ATOM   496  O  O   . VAL A 1 51  ? -11.291 -14.531 -11.531 1.00 32.80  ? 52  VAL A O   1 
ATOM   497  C  CB  . VAL A 1 51  ? -12.450 -15.964 -9.222  1.00 33.88  ? 52  VAL A CB  1 
ATOM   498  C  CG1 . VAL A 1 51  ? -11.505 -15.422 -8.170  1.00 32.06  ? 52  VAL A CG1 1 
ATOM   499  C  CG2 . VAL A 1 51  ? -13.484 -16.833 -8.540  1.00 32.31  ? 52  VAL A CG2 1 
ATOM   500  N  N   . THR A 1 52  ? -11.783 -12.781 -10.223 1.00 33.45  ? 53  THR A N   1 
ATOM   501  C  CA  . THR A 1 52  ? -10.552 -12.134 -10.648 1.00 33.86  ? 53  THR A CA  1 
ATOM   502  C  C   . THR A 1 52  ? -9.509  -12.066 -9.530  1.00 33.02  ? 53  THR A C   1 
ATOM   503  O  O   . THR A 1 52  ? -9.813  -11.638 -8.419  1.00 32.84  ? 53  THR A O   1 
ATOM   504  C  CB  . THR A 1 52  ? -10.734 -10.850 -11.535 1.00 35.43  ? 53  THR A CB  1 
ATOM   505  O  OG1 . THR A 1 52  ? -9.883  -9.769  -11.112 1.00 37.93  ? 53  THR A OG1 1 
ATOM   506  C  CG2 . THR A 1 52  ? -12.157 -10.417 -11.629 1.00 33.30  ? 53  THR A CG2 1 
ATOM   507  N  N   . SER A 1 53  ? -8.323  -12.575 -9.840  1.00 31.40  ? 54  SER A N   1 
ATOM   508  C  CA  . SER A 1 53  ? -7.218  -12.563 -8.917  1.00 30.02  ? 54  SER A CA  1 
ATOM   509  C  C   . SER A 1 53  ? -6.343  -11.394 -9.307  1.00 29.69  ? 54  SER A C   1 
ATOM   510  O  O   . SER A 1 53  ? -6.051  -11.166 -10.505 1.00 29.29  ? 54  SER A O   1 
ATOM   511  C  CB  . SER A 1 53  ? -6.448  -13.870 -8.994  1.00 30.81  ? 54  SER A CB  1 
ATOM   512  O  OG  . SER A 1 53  ? -7.295  -14.968 -8.727  1.00 30.11  ? 54  SER A OG  1 
ATOM   513  N  N   A LEU A 1 54  ? -5.928  -10.622 -8.318  0.50 28.59  ? 55  LEU A N   1 
ATOM   514  N  N   B LEU A 1 54  ? -5.955  -10.586 -8.322  0.50 28.56  ? 55  LEU A N   1 
ATOM   515  C  CA  A LEU A 1 54  ? -5.022  -9.524  -8.616  0.50 28.10  ? 55  LEU A CA  1 
ATOM   516  C  CA  B LEU A 1 54  ? -5.167  -9.376  -8.615  0.50 27.97  ? 55  LEU A CA  1 
ATOM   517  C  C   A LEU A 1 54  ? -4.108  -9.331  -7.432  0.50 27.72  ? 55  LEU A C   1 
ATOM   518  C  C   B LEU A 1 54  ? -4.293  -9.056  -7.405  0.50 27.73  ? 55  LEU A C   1 
ATOM   519  O  O   A LEU A 1 54  ? -4.314  -9.918  -6.365  0.50 26.87  ? 55  LEU A O   1 
ATOM   520  O  O   B LEU A 1 54  ? -4.706  -9.332  -6.272  0.50 26.78  ? 55  LEU A O   1 
ATOM   521  C  CB  A LEU A 1 54  ? -5.798  -8.244  -8.930  0.50 28.18  ? 55  LEU A CB  1 
ATOM   522  C  CB  B LEU A 1 54  ? -6.097  -8.202  -8.963  0.50 28.11  ? 55  LEU A CB  1 
ATOM   523  C  CG  A LEU A 1 54  ? -6.998  -7.863  -8.057  0.50 27.82  ? 55  LEU A CG  1 
ATOM   524  C  CG  B LEU A 1 54  ? -6.919  -7.403  -7.934  0.50 27.87  ? 55  LEU A CG  1 
ATOM   525  C  CD1 A LEU A 1 54  ? -6.594  -7.189  -6.750  0.50 28.77  ? 55  LEU A CD1 1 
ATOM   526  C  CD1 B LEU A 1 54  ? -7.662  -6.289  -8.653  0.50 27.46  ? 55  LEU A CD1 1 
ATOM   527  C  CD2 A LEU A 1 54  ? -7.924  -6.956  -8.856  0.50 28.06  ? 55  LEU A CD2 1 
ATOM   528  C  CD2 B LEU A 1 54  ? -7.915  -8.228  -7.122  0.50 28.39  ? 55  LEU A CD2 1 
ATOM   529  N  N   . ILE A 1 55  ? -3.092  -8.510  -7.641  1.00 27.77  ? 56  ILE A N   1 
ATOM   530  C  CA  . ILE A 1 55  ? -2.239  -8.067  -6.560  1.00 27.72  ? 56  ILE A CA  1 
ATOM   531  C  C   . ILE A 1 55  ? -2.625  -6.613  -6.269  1.00 26.26  ? 56  ILE A C   1 
ATOM   532  O  O   . ILE A 1 55  ? -2.670  -5.763  -7.174  1.00 26.32  ? 56  ILE A O   1 
ATOM   533  C  CB  . ILE A 1 55  ? -0.719  -8.080  -6.897  1.00 27.73  ? 56  ILE A CB  1 
ATOM   534  C  CG1 . ILE A 1 55  ? -0.261  -9.353  -7.634  1.00 28.44  ? 56  ILE A CG1 1 
ATOM   535  C  CG2 . ILE A 1 55  ? 0.101   -7.857  -5.616  1.00 29.38  ? 56  ILE A CG2 1 
ATOM   536  C  CD1 . ILE A 1 55  ? 1.148   -9.191  -8.249  1.00 30.63  ? 56  ILE A CD1 1 
ATOM   537  N  N   . VAL A 1 56  ? -2.910  -6.314  -5.005  1.00 24.73  ? 57  VAL A N   1 
ATOM   538  C  CA  . VAL A 1 56  ? -3.099  -4.948  -4.557  1.00 23.62  ? 57  VAL A CA  1 
ATOM   539  C  C   . VAL A 1 56  ? -1.767  -4.452  -4.040  1.00 23.58  ? 57  VAL A C   1 
ATOM   540  O  O   . VAL A 1 56  ? -1.143  -5.104  -3.192  1.00 23.25  ? 57  VAL A O   1 
ATOM   541  C  CB  . VAL A 1 56  ? -4.095  -4.909  -3.381  1.00 23.13  ? 57  VAL A CB  1 
ATOM   542  C  CG1 . VAL A 1 56  ? -4.288  -3.478  -2.901  1.00 23.40  ? 57  VAL A CG1 1 
ATOM   543  C  CG2 . VAL A 1 56  ? -5.435  -5.574  -3.786  1.00 22.53  ? 57  VAL A CG2 1 
ATOM   544  N  N   . ILE A 1 57  ? -1.312  -3.316  -4.555  1.00 23.17  ? 58  ILE A N   1 
ATOM   545  C  CA  . ILE A 1 57  ? 0.047   -2.862  -4.253  1.00 23.27  ? 58  ILE A CA  1 
ATOM   546  C  C   . ILE A 1 57  ? -0.030  -1.464  -3.684  1.00 22.78  ? 58  ILE A C   1 
ATOM   547  O  O   . ILE A 1 57  ? -0.423  -0.517  -4.374  1.00 23.76  ? 58  ILE A O   1 
ATOM   548  C  CB  . ILE A 1 57  ? 0.929   -2.797  -5.540  1.00 23.44  ? 58  ILE A CB  1 
ATOM   549  C  CG1 . ILE A 1 57  ? 0.993   -4.165  -6.234  1.00 25.22  ? 58  ILE A CG1 1 
ATOM   550  C  CG2 . ILE A 1 57  ? 2.321   -2.264  -5.188  1.00 22.72  ? 58  ILE A CG2 1 
ATOM   551  C  CD1 . ILE A 1 57  ? 1.444   -4.102  -7.737  1.00 26.16  ? 58  ILE A CD1 1 
ATOM   552  N  N   . LEU A 1 58  ? 0.416   -1.308  -2.451  1.00 21.48  ? 59  LEU A N   1 
ATOM   553  C  CA  . LEU A 1 58  ? 0.390   -0.021  -1.783  1.00 21.90  ? 59  LEU A CA  1 
ATOM   554  C  C   . LEU A 1 58  ? 1.824   0.491   -1.759  1.00 21.74  ? 59  LEU A C   1 
ATOM   555  O  O   . LEU A 1 58  ? 2.701   -0.120  -1.130  1.00 22.32  ? 59  LEU A O   1 
ATOM   556  C  CB  . LEU A 1 58  ? -0.046  -0.192  -0.318  1.00 20.95  ? 59  LEU A CB  1 
ATOM   557  C  CG  . LEU A 1 58  ? 0.057   1.028   0.599   1.00 21.26  ? 59  LEU A CG  1 
ATOM   558  C  CD1 . LEU A 1 58  ? -0.934  2.142   0.160   1.00 21.22  ? 59  LEU A CD1 1 
ATOM   559  C  CD2 . LEU A 1 58  ? -0.379  0.568   1.962   1.00 24.29  ? 59  LEU A CD2 1 
ATOM   560  N  N   A SER A 1 59  ? 2.080   1.600   -2.436  0.50 22.09  ? 60  SER A N   1 
ATOM   561  N  N   B SER A 1 59  ? 2.049   1.611   -2.433  0.50 22.25  ? 60  SER A N   1 
ATOM   562  C  CA  A SER A 1 59  ? 3.423   2.185   -2.427  0.50 21.64  ? 60  SER A CA  1 
ATOM   563  C  CA  B SER A 1 59  ? 3.362   2.252   -2.457  0.50 22.01  ? 60  SER A CA  1 
ATOM   564  C  C   A SER A 1 59  ? 3.363   3.556   -1.770  0.50 21.74  ? 60  SER A C   1 
ATOM   565  C  C   B SER A 1 59  ? 3.301   3.539   -1.661  0.50 21.92  ? 60  SER A C   1 
ATOM   566  O  O   A SER A 1 59  ? 2.385   4.289   -1.922  0.50 21.62  ? 60  SER A O   1 
ATOM   567  O  O   B SER A 1 59  ? 2.260   4.207   -1.605  0.50 21.82  ? 60  SER A O   1 
ATOM   568  C  CB  A SER A 1 59  ? 3.986   2.276   -3.852  0.50 22.29  ? 60  SER A CB  1 
ATOM   569  C  CB  B SER A 1 59  ? 3.787   2.549   -3.902  0.50 22.78  ? 60  SER A CB  1 
ATOM   570  O  OG  A SER A 1 59  ? 3.101   2.998   -4.681  0.50 21.88  ? 60  SER A OG  1 
ATOM   571  O  OG  B SER A 1 59  ? 3.815   1.362   -4.658  0.50 23.23  ? 60  SER A OG  1 
ATOM   572  N  N   . PHE A 1 60  ? 4.413   3.919   -1.037  1.00 21.00  ? 61  PHE A N   1 
ATOM   573  C  CA  . PHE A 1 60  ? 4.340   5.099   -0.201  1.00 20.76  ? 61  PHE A CA  1 
ATOM   574  C  C   . PHE A 1 60  ? 5.660   5.777   -0.003  1.00 21.50  ? 61  PHE A C   1 
ATOM   575  O  O   . PHE A 1 60  ? 6.728   5.115   0.031   1.00 21.26  ? 61  PHE A O   1 
ATOM   576  C  CB  . PHE A 1 60  ? 3.682   4.730   1.173   1.00 21.68  ? 61  PHE A CB  1 
ATOM   577  C  CG  . PHE A 1 60  ? 4.290   3.499   1.800   1.00 19.26  ? 61  PHE A CG  1 
ATOM   578  C  CD1 . PHE A 1 60  ? 5.379   3.629   2.657   1.00 20.16  ? 61  PHE A CD1 1 
ATOM   579  C  CD2 . PHE A 1 60  ? 3.810   2.218   1.492   1.00 18.70  ? 61  PHE A CD2 1 
ATOM   580  C  CE1 . PHE A 1 60  ? 5.974   2.486   3.240   1.00 20.79  ? 61  PHE A CE1 1 
ATOM   581  C  CE2 . PHE A 1 60  ? 4.407   1.092   2.074   1.00 20.26  ? 61  PHE A CE2 1 
ATOM   582  C  CZ  . PHE A 1 60  ? 5.511   1.235   2.902   1.00 21.20  ? 61  PHE A CZ  1 
HETATM 583  N  N   A MSE A 1 61  ? 5.612   7.102   0.066   0.50 21.72  ? 62  MSE A N   1 
HETATM 584  N  N   B MSE A 1 61  ? 5.567   7.095   0.150   0.50 22.55  ? 62  MSE A N   1 
HETATM 585  C  CA  A MSE A 1 61  ? 6.710   7.906   0.588   0.50 22.79  ? 62  MSE A CA  1 
HETATM 586  C  CA  B MSE A 1 61  ? 6.672   7.954   0.530   0.50 24.07  ? 62  MSE A CA  1 
HETATM 587  C  C   A MSE A 1 61  ? 6.025   8.955   1.420   0.50 23.34  ? 62  MSE A C   1 
HETATM 588  C  C   B MSE A 1 61  ? 6.031   8.997   1.414   0.50 24.17  ? 62  MSE A C   1 
HETATM 589  O  O   A MSE A 1 61  ? 5.143   9.667   0.932   0.50 23.84  ? 62  MSE A O   1 
HETATM 590  O  O   B MSE A 1 61  ? 5.181   9.758   0.954   0.50 24.66  ? 62  MSE A O   1 
HETATM 591  C  CB  A MSE A 1 61  ? 7.529   8.542   -0.537  0.50 22.73  ? 62  MSE A CB  1 
HETATM 592  C  CB  B MSE A 1 61  ? 7.235   8.615   -0.721  0.50 25.43  ? 62  MSE A CB  1 
HETATM 593  C  CG  A MSE A 1 61  ? 8.346   9.724   -0.093  0.50 20.20  ? 62  MSE A CG  1 
HETATM 594  C  CG  B MSE A 1 61  ? 8.687   8.438   -0.870  0.50 28.91  ? 62  MSE A CG  1 
HETATM 595  SE SE  A MSE A 1 61  ? 9.746   10.123  -1.411  0.35 26.27  ? 62  MSE A SE  1 
HETATM 596  SE SE  B MSE A 1 61  ? 9.722   9.467   0.388   0.30 37.39  ? 62  MSE A SE  1 
HETATM 597  C  CE  A MSE A 1 61  ? 10.808  8.594   -1.039  0.50 25.83  ? 62  MSE A CE  1 
HETATM 598  C  CE  B MSE A 1 61  ? 10.971  10.033  -0.968  0.50 28.21  ? 62  MSE A CE  1 
ATOM   599  N  N   . ILE A 1 62  ? 6.390   8.983   2.696   1.00 23.17  ? 63  ILE A N   1 
ATOM   600  C  CA  . ILE A 1 62  ? 5.715   9.825   3.682   1.00 23.91  ? 63  ILE A CA  1 
ATOM   601  C  C   . ILE A 1 62  ? 6.785   10.640  4.390   1.00 23.45  ? 63  ILE A C   1 
ATOM   602  O  O   . ILE A 1 62  ? 7.676   10.098  5.035   1.00 22.71  ? 63  ILE A O   1 
ATOM   603  C  CB  . ILE A 1 62  ? 4.892   9.006   4.696   1.00 24.00  ? 63  ILE A CB  1 
ATOM   604  C  CG1 . ILE A 1 62  ? 4.024   7.924   4.001   1.00 24.54  ? 63  ILE A CG1 1 
ATOM   605  C  CG2 . ILE A 1 62  ? 4.022   9.963   5.560   1.00 25.66  ? 63  ILE A CG2 1 
ATOM   606  C  CD1 . ILE A 1 62  ? 3.400   6.885   5.019   1.00 26.21  ? 63  ILE A CD1 1 
ATOM   607  N  N   . VAL A 1 63  ? 6.683   11.960  4.244   1.00 23.25  ? 64  VAL A N   1 
ATOM   608  C  CA  . VAL A 1 63  ? 7.737   12.879  4.642   1.00 24.17  ? 64  VAL A CA  1 
ATOM   609  C  C   . VAL A 1 63  ? 7.368   13.539  5.956   1.00 24.88  ? 64  VAL A C   1 
ATOM   610  O  O   . VAL A 1 63  ? 6.279   14.175  6.072   1.00 26.03  ? 64  VAL A O   1 
ATOM   611  C  CB  . VAL A 1 63  ? 7.966   13.938  3.532   1.00 23.82  ? 64  VAL A CB  1 
ATOM   612  C  CG1 . VAL A 1 63  ? 9.063   14.978  3.928   1.00 24.92  ? 64  VAL A CG1 1 
ATOM   613  C  CG2 . VAL A 1 63  ? 8.340   13.235  2.240   1.00 24.89  ? 64  VAL A CG2 1 
ATOM   614  N  N   . PHE A 1 64  ? 8.245   13.373  6.947   1.00 23.44  ? 65  PHE A N   1 
ATOM   615  C  CA  . PHE A 1 64  ? 8.074   13.985  8.246   1.00 23.54  ? 65  PHE A CA  1 
ATOM   616  C  C   . PHE A 1 64  ? 9.155   15.063  8.406   1.00 23.58  ? 65  PHE A C   1 
ATOM   617  O  O   . PHE A 1 64  ? 9.975   15.223  7.508   1.00 21.77  ? 65  PHE A O   1 
ATOM   618  C  CB  . PHE A 1 64  ? 8.203   12.941  9.353   1.00 25.16  ? 65  PHE A CB  1 
ATOM   619  C  CG  . PHE A 1 64  ? 7.059   11.982  9.390   1.00 27.32  ? 65  PHE A CG  1 
ATOM   620  C  CD1 . PHE A 1 64  ? 5.944   12.247  10.184  1.00 28.28  ? 65  PHE A CD1 1 
ATOM   621  C  CD2 . PHE A 1 64  ? 7.080   10.836  8.602   1.00 28.31  ? 65  PHE A CD2 1 
ATOM   622  C  CE1 . PHE A 1 64  ? 4.861   11.376  10.211  1.00 30.23  ? 65  PHE A CE1 1 
ATOM   623  C  CE2 . PHE A 1 64  ? 6.010   9.952   8.624   1.00 30.39  ? 65  PHE A CE2 1 
ATOM   624  C  CZ  . PHE A 1 64  ? 4.904   10.222  9.431   1.00 28.95  ? 65  PHE A CZ  1 
ATOM   625  N  N   . ASP A 1 65  ? 9.147   15.802  9.517   1.00 23.10  ? 66  ASP A N   1 
ATOM   626  C  CA  . ASP A 1 65  ? 10.118  16.888  9.680   1.00 23.48  ? 66  ASP A CA  1 
ATOM   627  C  C   . ASP A 1 65  ? 11.559  16.372  9.501   1.00 23.77  ? 66  ASP A C   1 
ATOM   628  O  O   . ASP A 1 65  ? 12.353  17.002  8.788   1.00 22.95  ? 66  ASP A O   1 
ATOM   629  C  CB  . ASP A 1 65  ? 10.022  17.552  11.047  1.00 24.18  ? 66  ASP A CB  1 
ATOM   630  C  CG  . ASP A 1 65  ? 8.735   18.357  11.252  1.00 26.76  ? 66  ASP A CG  1 
ATOM   631  O  OD1 . ASP A 1 65  ? 8.259   19.034  10.332  1.00 27.29  ? 66  ASP A OD1 1 
ATOM   632  O  OD2 . ASP A 1 65  ? 8.230   18.304  12.406  1.00 32.41  ? 66  ASP A OD2 1 
ATOM   633  N  N   . LYS A 1 66  ? 11.871  15.237  10.148  1.00 22.85  ? 67  LYS A N   1 
ATOM   634  C  CA  . LYS A 1 66  ? 13.263  14.775  10.292  1.00 23.19  ? 67  LYS A CA  1 
ATOM   635  C  C   . LYS A 1 66  ? 13.565  13.443  9.552   1.00 22.73  ? 67  LYS A C   1 
ATOM   636  O  O   . LYS A 1 66  ? 14.723  13.013  9.481   1.00 22.89  ? 67  LYS A O   1 
ATOM   637  C  CB  . LYS A 1 66  ? 13.634  14.662  11.787  1.00 23.99  ? 67  LYS A CB  1 
ATOM   638  C  CG  . LYS A 1 66  ? 13.453  15.966  12.583  1.00 28.06  ? 67  LYS A CG  1 
ATOM   639  C  CD  . LYS A 1 66  ? 14.234  17.125  11.948  1.00 32.80  ? 67  LYS A CD  1 
ATOM   640  C  CE  . LYS A 1 66  ? 15.744  16.939  12.122  1.00 34.92  ? 67  LYS A CE  1 
ATOM   641  N  NZ  . LYS A 1 66  ? 16.457  18.256  12.042  1.00 36.41  ? 67  LYS A NZ  1 
ATOM   642  N  N   . PHE A 1 67  ? 12.526  12.813  9.006   1.00 21.39  ? 68  PHE A N   1 
ATOM   643  C  CA  . PHE A 1 67  ? 12.707  11.470  8.418   1.00 20.41  ? 68  PHE A CA  1 
ATOM   644  C  C   . PHE A 1 67  ? 11.656  11.212  7.357   1.00 20.28  ? 68  PHE A C   1 
ATOM   645  O  O   . PHE A 1 67  ? 10.680  11.970  7.221   1.00 20.81  ? 68  PHE A O   1 
ATOM   646  C  CB  . PHE A 1 67  ? 12.727  10.380  9.532   1.00 21.61  ? 68  PHE A CB  1 
ATOM   647  C  CG  . PHE A 1 67  ? 11.425  10.253  10.251  1.00 21.83  ? 68  PHE A CG  1 
ATOM   648  C  CD1 . PHE A 1 67  ? 10.470  9.340   9.819   1.00 24.16  ? 68  PHE A CD1 1 
ATOM   649  C  CD2 . PHE A 1 67  ? 11.111  11.109  11.311  1.00 23.66  ? 68  PHE A CD2 1 
ATOM   650  C  CE1 . PHE A 1 67  ? 9.258   9.235   10.455  1.00 26.45  ? 68  PHE A CE1 1 
ATOM   651  C  CE2 . PHE A 1 67  ? 9.882   11.017  11.952  1.00 25.08  ? 68  PHE A CE2 1 
ATOM   652  C  CZ  . PHE A 1 67  ? 8.947   10.082  11.515  1.00 25.80  ? 68  PHE A CZ  1 
ATOM   653  N  N   . VAL A 1 68  ? 11.851  10.137  6.597   1.00 20.01  ? 69  VAL A N   1 
ATOM   654  C  CA  . VAL A 1 68  ? 10.939  9.718   5.551   1.00 21.25  ? 69  VAL A CA  1 
ATOM   655  C  C   . VAL A 1 68  ? 10.673  8.215   5.737   1.00 21.55  ? 69  VAL A C   1 
ATOM   656  O  O   . VAL A 1 68  ? 11.590  7.450   6.091   1.00 22.09  ? 69  VAL A O   1 
ATOM   657  C  CB  . VAL A 1 68  ? 11.556  9.946   4.135   1.00 22.75  ? 69  VAL A CB  1 
ATOM   658  C  CG1 . VAL A 1 68  ? 10.624  9.376   3.047   1.00 23.74  ? 69  VAL A CG1 1 
ATOM   659  C  CG2 . VAL A 1 68  ? 11.778  11.456  3.916   1.00 23.99  ? 69  VAL A CG2 1 
ATOM   660  N  N   . ILE A 1 69  ? 9.418   7.814   5.584   1.00 20.58  ? 70  ILE A N   1 
ATOM   661  C  CA  . ILE A 1 69  ? 9.021   6.399   5.553   1.00 20.82  ? 70  ILE A CA  1 
ATOM   662  C  C   . ILE A 1 69  ? 8.655   6.078   4.105   1.00 21.21  ? 70  ILE A C   1 
ATOM   663  O  O   . ILE A 1 69  ? 7.827   6.782   3.516   1.00 21.85  ? 70  ILE A O   1 
ATOM   664  C  CB  . ILE A 1 69  ? 7.732   6.183   6.368   1.00 21.18  ? 70  ILE A CB  1 
ATOM   665  C  CG1 . ILE A 1 69  ? 7.881   6.579   7.859   1.00 23.24  ? 70  ILE A CG1 1 
ATOM   666  C  CG2 . ILE A 1 69  ? 7.177   4.777   6.159   1.00 21.03  ? 70  ILE A CG2 1 
ATOM   667  C  CD1 . ILE A 1 69  ? 8.923   5.826   8.555   1.00 20.89  ? 70  ILE A CD1 1 
ATOM   668  N  N   A SER A 1 70  ? 9.238   5.025   3.522   0.60 20.36  ? 71  SER A N   1 
ATOM   669  N  N   B SER A 1 70  ? 9.263   5.035   3.531   0.40 21.43  ? 71  SER A N   1 
ATOM   670  C  CA  A SER A 1 70  ? 8.920   4.692   2.143   0.60 19.00  ? 71  SER A CA  1 
ATOM   671  C  CA  B SER A 1 70  ? 8.972   4.657   2.155   0.40 21.43  ? 71  SER A CA  1 
ATOM   672  C  C   A SER A 1 70  ? 8.974   3.192   1.926   0.60 19.48  ? 71  SER A C   1 
ATOM   673  C  C   B SER A 1 70  ? 8.872   3.156   1.994   0.40 20.71  ? 71  SER A C   1 
ATOM   674  O  O   A SER A 1 70  ? 9.630   2.463   2.693   0.60 18.73  ? 71  SER A O   1 
ATOM   675  O  O   B SER A 1 70  ? 9.327   2.390   2.852   0.40 20.04  ? 71  SER A O   1 
ATOM   676  C  CB  A SER A 1 70  ? 9.907   5.372   1.189   0.60 18.64  ? 71  SER A CB  1 
ATOM   677  C  CB  B SER A 1 70  ? 10.069  5.152   1.211   0.40 21.85  ? 71  SER A CB  1 
ATOM   678  O  OG  A SER A 1 70  ? 11.244  4.954   1.471   0.60 15.15  ? 71  SER A OG  1 
ATOM   679  O  OG  B SER A 1 70  ? 10.230  6.545   1.308   0.40 25.95  ? 71  SER A OG  1 
ATOM   680  N  N   . GLY A 1 71  ? 8.288   2.735   0.880   1.00 19.56  ? 72  GLY A N   1 
ATOM   681  C  CA  . GLY A 1 71  ? 8.309   1.302   0.545   1.00 19.97  ? 72  GLY A CA  1 
ATOM   682  C  C   . GLY A 1 71  ? 7.088   0.854   -0.210  1.00 20.31  ? 72  GLY A C   1 
ATOM   683  O  O   . GLY A 1 71  ? 6.346   1.682   -0.760  1.00 19.98  ? 72  GLY A O   1 
ATOM   684  N  N   . THR A 1 72  ? 6.879   -0.459  -0.193  1.00 20.10  ? 73  THR A N   1 
ATOM   685  C  CA  . THR A 1 72  ? 5.808   -1.113  -0.898  1.00 21.27  ? 73  THR A CA  1 
ATOM   686  C  C   . THR A 1 72  ? 5.356   -2.315  -0.086  1.00 20.54  ? 73  THR A C   1 
ATOM   687  O  O   . THR A 1 72  ? 6.191   -3.119  0.347   1.00 20.53  ? 73  THR A O   1 
ATOM   688  C  CB  . THR A 1 72  ? 6.337   -1.607  -2.224  1.00 22.18  ? 73  THR A CB  1 
ATOM   689  O  OG1 . THR A 1 72  ? 6.783   -0.468  -3.026  1.00 24.61  ? 73  THR A OG1 1 
ATOM   690  C  CG2 . THR A 1 72  ? 5.261   -2.390  -2.971  1.00 23.12  ? 73  THR A CG2 1 
ATOM   691  N  N   . ILE A 1 73  ? 4.034   -2.433  0.067   1.00 20.71  ? 74  ILE A N   1 
ATOM   692  C  CA  . ILE A 1 73  ? 3.375   -3.551  0.743   1.00 20.66  ? 74  ILE A CA  1 
ATOM   693  C  C   . ILE A 1 73  ? 2.286   -4.003  -0.219  1.00 21.34  ? 74  ILE A C   1 
ATOM   694  O  O   . ILE A 1 73  ? 1.640   -3.154  -0.857  1.00 20.96  ? 74  ILE A O   1 
ATOM   695  C  CB  . ILE A 1 73  ? 2.758   -3.050  2.078   1.00 20.57  ? 74  ILE A CB  1 
ATOM   696  C  CG1 . ILE A 1 73  ? 3.870   -2.558  3.005   1.00 20.85  ? 74  ILE A CG1 1 
ATOM   697  C  CG2 . ILE A 1 73  ? 1.859   -4.142  2.738   1.00 21.22  ? 74  ILE A CG2 1 
ATOM   698  C  CD1 . ILE A 1 73  ? 3.348   -1.733  4.242   1.00 22.07  ? 74  ILE A CD1 1 
ATOM   699  N  N   A SER A 1 74  ? 2.102   -5.321  -0.358  0.60 19.91  ? 75  SER A N   1 
ATOM   700  N  N   B SER A 1 74  ? 2.092   -5.320  -0.336  0.40 20.61  ? 75  SER A N   1 
ATOM   701  C  CA  A SER A 1 74  ? 1.106   -5.834  -1.306  0.60 20.62  ? 75  SER A CA  1 
ATOM   702  C  CA  B SER A 1 74  ? 1.147   -5.866  -1.310  0.40 21.39  ? 75  SER A CA  1 
ATOM   703  C  C   A SER A 1 74  ? 0.364   -7.051  -0.788  0.60 20.48  ? 75  SER A C   1 
ATOM   704  C  C   B SER A 1 74  ? 0.318   -6.998  -0.737  0.40 21.06  ? 75  SER A C   1 
ATOM   705  O  O   A SER A 1 74  ? 0.809   -7.709  0.155   0.60 21.34  ? 75  SER A O   1 
ATOM   706  O  O   B SER A 1 74  ? 0.649   -7.535  0.315   0.40 21.81  ? 75  SER A O   1 
ATOM   707  C  CB  A SER A 1 74  ? 1.771   -6.173  -2.641  0.60 21.03  ? 75  SER A CB  1 
ATOM   708  C  CB  B SER A 1 74  ? 1.907   -6.371  -2.530  0.40 21.66  ? 75  SER A CB  1 
ATOM   709  O  OG  A SER A 1 74  ? 2.607   -7.309  -2.514  0.60 21.13  ? 75  SER A OG  1 
ATOM   710  O  OG  B SER A 1 74  ? 2.815   -5.387  -2.982  0.40 23.58  ? 75  SER A OG  1 
ATOM   711  N  N   . GLN A 1 75  ? -0.752  -7.361  -1.445  1.00 21.26  ? 76  GLN A N   1 
ATOM   712  C  CA  . GLN A 1 75  ? -1.558  -8.521  -1.049  1.00 21.39  ? 76  GLN A CA  1 
ATOM   713  C  C   . GLN A 1 75  ? -2.325  -9.046  -2.247  1.00 21.64  ? 76  GLN A C   1 
ATOM   714  O  O   . GLN A 1 75  ? -3.030  -8.274  -2.891  1.00 22.89  ? 76  GLN A O   1 
ATOM   715  C  CB  . GLN A 1 75  ? -2.563  -8.111  0.008   1.00 21.80  ? 76  GLN A CB  1 
ATOM   716  C  CG  . GLN A 1 75  ? -3.219  -9.311  0.691   1.00 20.26  ? 76  GLN A CG  1 
ATOM   717  C  CD  . GLN A 1 75  ? -4.300  -8.880  1.651   1.00 21.22  ? 76  GLN A CD  1 
ATOM   718  O  OE1 . GLN A 1 75  ? -5.068  -7.972  1.362   1.00 20.80  ? 76  GLN A OE1 1 
ATOM   719  N  NE2 . GLN A 1 75  ? -4.400  -9.574  2.776   1.00 20.99  ? 76  GLN A NE2 1 
ATOM   720  N  N   . VAL A 1 76  ? -2.224  -10.357 -2.479  1.00 22.93  ? 77  VAL A N   1 
ATOM   721  C  CA  . VAL A 1 76  ? -3.025  -11.015 -3.500  1.00 22.70  ? 77  VAL A CA  1 
ATOM   722  C  C   . VAL A 1 76  ? -4.452  -11.119 -2.988  1.00 23.51  ? 77  VAL A C   1 
ATOM   723  O  O   . VAL A 1 76  ? -4.690  -11.639 -1.895  1.00 22.52  ? 77  VAL A O   1 
ATOM   724  C  CB  . VAL A 1 76  ? -2.443  -12.402 -3.866  1.00 24.29  ? 77  VAL A CB  1 
ATOM   725  C  CG1 . VAL A 1 76  ? -3.361  -13.096 -4.869  1.00 24.93  ? 77  VAL A CG1 1 
ATOM   726  C  CG2 . VAL A 1 76  ? -1.080  -12.232 -4.481  1.00 24.44  ? 77  VAL A CG2 1 
ATOM   727  N  N   . ASN A 1 77  ? -5.383  -10.608 -3.787  1.00 22.76  ? 78  ASN A N   1 
ATOM   728  C  CA  . ASN A 1 77  ? -6.824  -10.670 -3.464  1.00 23.66  ? 78  ASN A CA  1 
ATOM   729  C  C   . ASN A 1 77  ? -7.562  -11.366 -4.595  1.00 24.14  ? 78  ASN A C   1 
ATOM   730  O  O   . ASN A 1 77  ? -7.255  -11.146 -5.776  1.00 25.04  ? 78  ASN A O   1 
ATOM   731  C  CB  . ASN A 1 77  ? -7.440  -9.263  -3.260  1.00 23.04  ? 78  ASN A CB  1 
ATOM   732  C  CG  . ASN A 1 77  ? -7.099  -8.656  -1.916  1.00 23.63  ? 78  ASN A CG  1 
ATOM   733  O  OD1 . ASN A 1 77  ? -7.961  -8.576  -1.010  1.00 22.40  ? 78  ASN A OD1 1 
ATOM   734  N  ND2 . ASN A 1 77  ? -5.830  -8.272  -1.737  1.00 23.34  ? 78  ASN A ND2 1 
ATOM   735  N  N   . HIS A 1 78  ? -8.549  -12.175 -4.236  1.00 23.49  ? 79  HIS A N   1 
ATOM   736  C  CA  . HIS A 1 78  ? -9.415  -12.784 -5.238  1.00 24.20  ? 79  HIS A CA  1 
ATOM   737  C  C   . HIS A 1 78  ? -10.821 -12.248 -5.049  1.00 25.01  ? 79  HIS A C   1 
ATOM   738  O  O   . HIS A 1 78  ? -11.378 -12.387 -3.964  1.00 23.62  ? 79  HIS A O   1 
ATOM   739  C  CB  . HIS A 1 78  ? -9.393  -14.296 -5.077  1.00 24.35  ? 79  HIS A CB  1 
ATOM   740  C  CG  . HIS A 1 78  ? -8.021  -14.870 -4.978  1.00 24.65  ? 79  HIS A CG  1 
ATOM   741  N  ND1 . HIS A 1 78  ? -7.221  -15.064 -6.087  1.00 28.19  ? 79  HIS A ND1 1 
ATOM   742  C  CD2 . HIS A 1 78  ? -7.275  -15.234 -3.907  1.00 26.73  ? 79  HIS A CD2 1 
ATOM   743  C  CE1 . HIS A 1 78  ? -6.064  -15.577 -5.705  1.00 28.61  ? 79  HIS A CE1 1 
ATOM   744  N  NE2 . HIS A 1 78  ? -6.063  -15.674 -4.387  1.00 27.79  ? 79  HIS A NE2 1 
ATOM   745  N  N   . ILE A 1 79  ? -11.368 -11.604 -6.084  1.00 24.54  ? 80  ILE A N   1 
ATOM   746  C  CA  . ILE A 1 79  ? -12.704 -11.018 -6.067  1.00 25.88  ? 80  ILE A CA  1 
ATOM   747  C  C   . ILE A 1 79  ? -13.637 -12.053 -6.640  1.00 26.92  ? 80  ILE A C   1 
ATOM   748  O  O   . ILE A 1 79  ? -13.574 -12.366 -7.834  1.00 26.04  ? 80  ILE A O   1 
ATOM   749  C  CB  . ILE A 1 79  ? -12.801 -9.709  -6.905  1.00 25.42  ? 80  ILE A CB  1 
ATOM   750  C  CG1 . ILE A 1 79  ? -11.694 -8.721  -6.488  1.00 24.99  ? 80  ILE A CG1 1 
ATOM   751  C  CG2 . ILE A 1 79  ? -14.227 -9.144  -6.837  1.00 26.58  ? 80  ILE A CG2 1 
ATOM   752  C  CD1 . ILE A 1 79  ? -11.613 -7.452  -7.349  1.00 28.25  ? 80  ILE A CD1 1 
ATOM   753  N  N   . ASP A 1 80  ? -14.483 -12.591 -5.772  1.00 28.72  ? 81  ASP A N   1 
ATOM   754  C  CA  . ASP A 1 80  ? -15.308 -13.715 -6.131  1.00 31.22  ? 81  ASP A CA  1 
ATOM   755  C  C   . ASP A 1 80  ? -16.653 -13.229 -6.598  1.00 31.76  ? 81  ASP A C   1 
ATOM   756  O  O   . ASP A 1 80  ? -17.404 -12.588 -5.843  1.00 32.74  ? 81  ASP A O   1 
ATOM   757  C  CB  . ASP A 1 80  ? -15.442 -14.639 -4.915  1.00 30.82  ? 81  ASP A CB  1 
ATOM   758  C  CG  . ASP A 1 80  ? -15.966 -16.032 -5.272  1.00 36.81  ? 81  ASP A CG  1 
ATOM   759  O  OD1 . ASP A 1 80  ? -16.364 -16.275 -6.442  1.00 40.07  ? 81  ASP A OD1 1 
ATOM   760  O  OD2 . ASP A 1 80  ? -15.977 -16.904 -4.366  1.00 38.32  ? 81  ASP A OD2 1 
ATOM   761  N  N   . GLY A 1 81  ? -16.953 -13.500 -7.863  1.00 32.17  ? 82  GLY A N   1 
ATOM   762  C  CA  . GLY A 1 81  ? -18.282 -13.220 -8.402  1.00 33.94  ? 82  GLY A CA  1 
ATOM   763  C  C   . GLY A 1 81  ? -18.250 -12.081 -9.383  1.00 34.67  ? 82  GLY A C   1 
ATOM   764  O  O   . GLY A 1 81  ? -19.302 -11.563 -9.792  1.00 35.56  ? 82  GLY A O   1 
ATOM   765  N  N   . ARG A 1 82  ? -17.046 -11.682 -9.780  1.00 35.45  ? 83  ARG A N   1 
ATOM   766  C  CA  . ARG A 1 82  ? -16.906 -10.536 -10.628 1.00 36.63  ? 83  ARG A CA  1 
ATOM   767  C  C   . ARG A 1 82  ? -15.684 -10.635 -11.509 1.00 37.23  ? 83  ARG A C   1 
ATOM   768  O  O   . ARG A 1 82  ? -14.607 -10.988 -11.035 1.00 36.72  ? 83  ARG A O   1 
ATOM   769  C  CB  . ARG A 1 82  ? -16.800 -9.286  -9.771  1.00 37.35  ? 83  ARG A CB  1 
ATOM   770  C  CG  . ARG A 1 82  ? -17.072 -8.065  -10.544 1.00 38.92  ? 83  ARG A CG  1 
ATOM   771  C  CD  . ARG A 1 82  ? -17.153 -6.899  -9.614  1.00 41.63  ? 83  ARG A CD  1 
ATOM   772  N  NE  . ARG A 1 82  ? -16.768 -5.702  -10.329 1.00 43.41  ? 83  ARG A NE  1 
ATOM   773  C  CZ  . ARG A 1 82  ? -16.788 -4.499  -9.789  1.00 44.56  ? 83  ARG A CZ  1 
ATOM   774  N  NH1 . ARG A 1 82  ? -17.165 -4.361  -8.521  1.00 41.44  ? 83  ARG A NH1 1 
ATOM   775  N  NH2 . ARG A 1 82  ? -16.429 -3.450  -10.519 1.00 45.74  ? 83  ARG A NH2 1 
ATOM   776  N  N   . ILE A 1 83  ? -15.854 -10.317 -12.786 1.00 38.10  ? 84  ILE A N   1 
ATOM   777  C  CA  . ILE A 1 83  ? -14.721 -10.194 -13.675 1.00 39.34  ? 84  ILE A CA  1 
ATOM   778  C  C   . ILE A 1 83  ? -14.397 -8.709  -13.789 1.00 40.17  ? 84  ILE A C   1 
ATOM   779  O  O   . ILE A 1 83  ? -15.209 -7.919  -14.273 1.00 40.30  ? 84  ILE A O   1 
ATOM   780  C  CB  . ILE A 1 83  ? -14.995 -10.816 -15.071 1.00 40.01  ? 84  ILE A CB  1 
ATOM   781  C  CG1 . ILE A 1 83  ? -15.307 -12.316 -14.953 1.00 40.31  ? 84  ILE A CG1 1 
ATOM   782  C  CG2 . ILE A 1 83  ? -13.827 -10.529 -16.050 1.00 40.61  ? 84  ILE A CG2 1 
ATOM   783  C  CD1 . ILE A 1 83  ? -14.120 -13.217 -14.633 1.00 41.97  ? 84  ILE A CD1 1 
ATOM   784  N  N   . VAL A 1 84  ? -13.227 -8.326  -13.292 1.00 40.39  ? 85  VAL A N   1 
ATOM   785  C  CA  . VAL A 1 84  ? -12.758 -6.948  -13.396 1.00 41.04  ? 85  VAL A CA  1 
ATOM   786  C  C   . VAL A 1 84  ? -11.677 -6.929  -14.481 1.00 41.61  ? 85  VAL A C   1 
ATOM   787  O  O   . VAL A 1 84  ? -10.545 -7.361  -14.254 1.00 42.02  ? 85  VAL A O   1 
ATOM   788  C  CB  . VAL A 1 84  ? -12.217 -6.421  -12.033 1.00 40.94  ? 85  VAL A CB  1 
ATOM   789  C  CG1 . VAL A 1 84  ? -11.707 -5.011  -12.179 1.00 40.56  ? 85  VAL A CG1 1 
ATOM   790  C  CG2 . VAL A 1 84  ? -13.314 -6.491  -10.946 1.00 39.56  ? 85  VAL A CG2 1 
ATOM   791  N  N   A ASN A 1 85  ? -12.081 -6.482  -15.672 0.60 42.46  ? 86  ASN A N   1 
ATOM   792  N  N   B ASN A 1 85  ? -12.019 -6.411  -15.660 0.40 42.21  ? 86  ASN A N   1 
ATOM   793  C  CA  A ASN A 1 85  ? -11.228 -6.433  -16.869 0.60 42.59  ? 86  ASN A CA  1 
ATOM   794  C  CA  B ASN A 1 85  ? -11.062 -6.332  -16.774 0.40 42.28  ? 86  ASN A CA  1 
ATOM   795  C  C   A ASN A 1 85  ? -10.106 -5.434  -16.719 0.60 42.56  ? 86  ASN A C   1 
ATOM   796  C  C   B ASN A 1 85  ? -10.184 -5.088  -16.689 0.40 42.19  ? 86  ASN A C   1 
ATOM   797  O  O   A ASN A 1 85  ? -8.968  -5.679  -17.141 0.60 42.54  ? 86  ASN A O   1 
ATOM   798  O  O   B ASN A 1 85  ? -9.059  -5.067  -17.195 0.40 42.12  ? 86  ASN A O   1 
ATOM   799  C  CB  A ASN A 1 85  ? -12.062 -6.022  -18.087 0.60 42.72  ? 86  ASN A CB  1 
ATOM   800  C  CB  B ASN A 1 85  ? -11.792 -6.370  -18.122 0.40 42.63  ? 86  ASN A CB  1 
ATOM   801  C  CG  A ASN A 1 85  ? -12.966 -7.129  -18.591 0.60 43.55  ? 86  ASN A CG  1 
ATOM   802  C  CG  B ASN A 1 85  ? -10.841 -6.517  -19.305 0.40 43.34  ? 86  ASN A CG  1 
ATOM   803  O  OD1 A ASN A 1 85  ? -14.035 -6.863  -19.144 0.60 44.68  ? 86  ASN A OD1 1 
ATOM   804  O  OD1 B ASN A 1 85  ? -9.800  -7.173  -19.206 0.40 44.94  ? 86  ASN A OD1 1 
ATOM   805  N  ND2 A ASN A 1 85  ? -12.543 -8.375  -18.414 0.60 43.26  ? 86  ASN A ND2 1 
ATOM   806  N  ND2 B ASN A 1 85  ? -11.200 -5.914  -20.432 0.40 44.38  ? 86  ASN A ND2 1 
ATOM   807  N  N   A GLU A 1 86  ? -10.463 -4.294  -16.134 0.60 42.37  ? 87  GLU A N   1 
ATOM   808  N  N   B GLU A 1 86  ? -10.713 -4.048  -16.056 0.40 41.90  ? 87  GLU A N   1 
ATOM   809  C  CA  A GLU A 1 86  ? -9.573  -3.169  -15.957 0.60 42.36  ? 87  GLU A CA  1 
ATOM   810  C  CA  B GLU A 1 86  ? -9.973  -2.817  -15.851 0.40 41.84  ? 87  GLU A CA  1 
ATOM   811  C  C   A GLU A 1 86  ? -9.812  -2.634  -14.546 0.60 42.14  ? 87  GLU A C   1 
ATOM   812  C  C   B GLU A 1 86  ? -9.949  -2.536  -14.355 0.40 41.79  ? 87  GLU A C   1 
ATOM   813  O  O   A GLU A 1 86  ? -10.890 -2.132  -14.232 0.60 41.64  ? 87  GLU A O   1 
ATOM   814  O  O   B GLU A 1 86  ? -10.963 -2.108  -13.802 0.40 41.47  ? 87  GLU A O   1 
ATOM   815  C  CB  A GLU A 1 86  ? -9.825  -2.120  -17.055 0.60 42.79  ? 87  GLU A CB  1 
ATOM   816  C  CB  B GLU A 1 86  ? -10.662 -1.641  -16.562 0.40 41.82  ? 87  GLU A CB  1 
ATOM   817  C  CG  A GLU A 1 86  ? -9.358  -0.693  -16.770 0.60 44.06  ? 87  GLU A CG  1 
ATOM   818  C  CG  B GLU A 1 86  ? -10.693 -1.698  -18.098 0.40 41.96  ? 87  GLU A CG  1 
ATOM   819  C  CD  A GLU A 1 86  ? -7.845  -0.544  -16.700 0.60 46.24  ? 87  GLU A CD  1 
ATOM   820  C  CD  B GLU A 1 86  ? -11.304 -0.442  -18.729 0.40 41.91  ? 87  GLU A CD  1 
ATOM   821  O  OE1 A GLU A 1 86  ? -7.345  -0.171  -15.619 0.60 47.56  ? 87  GLU A OE1 1 
ATOM   822  O  OE1 B GLU A 1 86  ? -11.756 0.458   -17.988 0.40 41.00  ? 87  GLU A OE1 1 
ATOM   823  O  OE2 A GLU A 1 86  ? -7.159  -0.790  -17.721 0.60 46.75  ? 87  GLU A OE2 1 
ATOM   824  O  OE2 B GLU A 1 86  ? -11.342 -0.350  -19.976 0.40 42.30  ? 87  GLU A OE2 1 
ATOM   825  N  N   . PRO A 1 87  ? -8.803  -2.785  -13.679 1.00 41.86  ? 88  PRO A N   1 
ATOM   826  C  CA  . PRO A 1 87  ? -8.805  -2.395  -12.252 1.00 41.55  ? 88  PRO A CA  1 
ATOM   827  C  C   . PRO A 1 87  ? -9.232  -0.947  -12.019 1.00 41.31  ? 88  PRO A C   1 
ATOM   828  O  O   . PRO A 1 87  ? -9.797  -0.639  -10.971 1.00 40.09  ? 88  PRO A O   1 
ATOM   829  C  CB  . PRO A 1 87  ? -7.365  -2.634  -11.819 1.00 41.43  ? 88  PRO A CB  1 
ATOM   830  C  CG  . PRO A 1 87  ? -6.900  -3.760  -12.721 1.00 42.19  ? 88  PRO A CG  1 
ATOM   831  C  CD  . PRO A 1 87  ? -7.523  -3.419  -14.067 1.00 42.17  ? 88  PRO A CD  1 
ATOM   832  N  N   . SER A 1 88  ? -9.034  -0.079  -13.011 1.00 40.86  ? 89  SER A N   1 
ATOM   833  C  CA  . SER A 1 88  ? -9.524  1.291   -12.893 1.00 40.74  ? 89  SER A CA  1 
ATOM   834  C  C   . SER A 1 88  ? -11.048 1.403   -12.819 1.00 39.51  ? 89  SER A C   1 
ATOM   835  O  O   . SER A 1 88  ? -11.568 2.473   -12.535 1.00 39.87  ? 89  SER A O   1 
ATOM   836  C  CB  . SER A 1 88  ? -8.967  2.166   -14.019 1.00 41.49  ? 89  SER A CB  1 
ATOM   837  O  OG  . SER A 1 88  ? -9.556  1.794   -15.259 1.00 45.13  ? 89  SER A OG  1 
ATOM   838  N  N   A GLU A 1 89  ? -11.765 0.311   -13.049 0.60 38.98  ? 90  GLU A N   1 
ATOM   839  N  N   B GLU A 1 89  ? -11.749 0.298   -13.094 0.40 38.53  ? 90  GLU A N   1 
ATOM   840  C  CA  A GLU A 1 89  ? -13.219 0.352   -12.952 0.60 38.02  ? 90  GLU A CA  1 
ATOM   841  C  CA  B GLU A 1 89  ? -13.212 0.214   -12.959 0.40 37.20  ? 90  GLU A CA  1 
ATOM   842  C  C   A GLU A 1 89  ? -13.735 0.159   -11.524 0.60 36.81  ? 90  GLU A C   1 
ATOM   843  C  C   B GLU A 1 89  ? -13.674 0.330   -11.509 0.40 36.31  ? 90  GLU A C   1 
ATOM   844  O  O   A GLU A 1 89  ? -14.943 0.254   -11.281 0.60 36.65  ? 90  GLU A O   1 
ATOM   845  O  O   B GLU A 1 89  ? -14.782 0.804   -11.240 0.40 36.19  ? 90  GLU A O   1 
ATOM   846  C  CB  A GLU A 1 89  ? -13.846 -0.664  -13.914 0.60 38.44  ? 90  GLU A CB  1 
ATOM   847  C  CB  B GLU A 1 89  ? -13.750 -1.099  -13.580 0.40 37.31  ? 90  GLU A CB  1 
ATOM   848  C  CG  A GLU A 1 89  ? -13.492 -0.403  -15.384 0.60 39.30  ? 90  GLU A CG  1 
ATOM   849  C  CG  B GLU A 1 89  ? -15.085 -1.612  -12.979 0.40 37.41  ? 90  GLU A CG  1 
ATOM   850  C  CD  A GLU A 1 89  ? -14.080 -1.435  -16.328 0.60 39.79  ? 90  GLU A CD  1 
ATOM   851  C  CD  B GLU A 1 89  ? -15.815 -2.653  -13.844 0.40 37.66  ? 90  GLU A CD  1 
ATOM   852  O  OE1 A GLU A 1 89  ? -13.810 -1.346  -17.551 0.60 41.30  ? 90  GLU A OE1 1 
ATOM   853  O  OE1 B GLU A 1 89  ? -15.154 -3.454  -14.534 0.40 38.20  ? 90  GLU A OE1 1 
ATOM   854  O  OE2 A GLU A 1 89  ? -14.801 -2.343  -15.846 0.60 41.74  ? 90  GLU A OE2 1 
ATOM   855  O  OE2 B GLU A 1 89  ? -17.068 -2.686  -13.805 0.40 39.41  ? 90  GLU A OE2 1 
ATOM   856  N  N   . LEU A 1 90  ? -12.825 -0.116  -10.583 1.00 35.14  ? 91  LEU A N   1 
ATOM   857  C  CA  . LEU A 1 90  ? -13.194 -0.236  -9.164  1.00 33.80  ? 91  LEU A CA  1 
ATOM   858  C  C   . LEU A 1 90  ? -13.368 1.143   -8.598  1.00 32.29  ? 91  LEU A C   1 
ATOM   859  O  O   . LEU A 1 90  ? -12.566 2.024   -8.919  1.00 32.04  ? 91  LEU A O   1 
ATOM   860  C  CB  . LEU A 1 90  ? -12.079 -0.927  -8.371  1.00 33.25  ? 91  LEU A CB  1 
ATOM   861  C  CG  . LEU A 1 90  ? -11.807 -2.377  -8.756  1.00 34.50  ? 91  LEU A CG  1 
ATOM   862  C  CD1 . LEU A 1 90  ? -10.404 -2.734  -8.372  1.00 33.25  ? 91  LEU A CD1 1 
ATOM   863  C  CD2 . LEU A 1 90  ? -12.834 -3.290  -8.082  1.00 33.73  ? 91  LEU A CD2 1 
ATOM   864  N  N   . ASN A 1 91  ? -14.383 1.321   -7.750  1.00 30.54  ? 92  ASN A N   1 
ATOM   865  C  CA  . ASN A 1 91  ? -14.647 2.635   -7.144  1.00 30.18  ? 92  ASN A CA  1 
ATOM   866  C  C   . ASN A 1 91  ? -13.825 2.876   -5.871  1.00 28.89  ? 92  ASN A C   1 
ATOM   867  O  O   . ASN A 1 91  ? -13.076 1.989   -5.435  1.00 26.87  ? 92  ASN A O   1 
ATOM   868  C  CB  . ASN A 1 91  ? -16.148 2.850   -6.895  1.00 30.06  ? 92  ASN A CB  1 
ATOM   869  C  CG  . ASN A 1 91  ? -16.751 1.902   -5.860  1.00 32.57  ? 92  ASN A CG  1 
ATOM   870  O  OD1 . ASN A 1 91  ? -16.137 1.569   -4.846  1.00 34.85  ? 92  ASN A OD1 1 
ATOM   871  N  ND2 . ASN A 1 91  ? -17.988 1.500   -6.096  1.00 35.05  ? 92  ASN A ND2 1 
ATOM   872  N  N   . GLN A 1 92  ? -13.934 4.081   -5.304  1.00 28.88  ? 93  GLN A N   1 
ATOM   873  C  CA  . GLN A 1 92  ? -13.081 4.452   -4.162  1.00 29.43  ? 93  GLN A CA  1 
ATOM   874  C  C   . GLN A 1 92  ? -13.268 3.544   -2.957  1.00 29.45  ? 93  GLN A C   1 
ATOM   875  O  O   . GLN A 1 92  ? -12.276 3.166   -2.321  1.00 28.37  ? 93  GLN A O   1 
ATOM   876  C  CB  . GLN A 1 92  ? -13.233 5.940   -3.829  1.00 29.55  ? 93  GLN A CB  1 
ATOM   877  C  CG  . GLN A 1 92  ? -12.484 6.774   -4.911  1.00 31.68  ? 93  GLN A CG  1 
ATOM   878  C  CD  . GLN A 1 92  ? -12.479 8.293   -4.659  1.00 32.64  ? 93  GLN A CD  1 
ATOM   879  O  OE1 . GLN A 1 92  ? -13.132 8.781   -3.736  1.00 40.74  ? 93  GLN A OE1 1 
ATOM   880  N  NE2 . GLN A 1 92  ? -11.765 9.037   -5.518  1.00 35.19  ? 93  GLN A NE2 1 
ATOM   881  N  N   . GLU A 1 93  ? -14.512 3.163   -2.692  1.00 30.16  ? 94  GLU A N   1 
ATOM   882  C  CA  . GLU A 1 93  ? -14.841 2.286   -1.566  1.00 31.55  ? 94  GLU A CA  1 
ATOM   883  C  C   . GLU A 1 93  ? -14.291 0.865   -1.774  1.00 29.77  ? 94  GLU A C   1 
ATOM   884  O  O   . GLU A 1 93  ? -13.771 0.233   -0.836  1.00 30.22  ? 94  GLU A O   1 
ATOM   885  C  CB  . GLU A 1 93  ? -16.354 2.243   -1.315  1.00 31.76  ? 94  GLU A CB  1 
ATOM   886  C  CG  . GLU A 1 93  ? -16.769 1.291   -0.199  1.00 36.34  ? 94  GLU A CG  1 
ATOM   887  C  CD  . GLU A 1 93  ? -18.282 1.302   0.086   1.00 37.29  ? 94  GLU A CD  1 
ATOM   888  O  OE1 . GLU A 1 93  ? -19.040 2.023   -0.611  1.00 44.11  ? 94  GLU A OE1 1 
ATOM   889  O  OE2 . GLU A 1 93  ? -18.708 0.581   1.018   1.00 45.02  ? 94  GLU A OE2 1 
ATOM   890  N  N   . GLU A 1 94  ? -14.398 0.387   -3.006  1.00 27.69  ? 95  GLU A N   1 
ATOM   891  C  CA  . GLU A 1 94  ? -13.816 -0.908  -3.381  1.00 26.72  ? 95  GLU A CA  1 
ATOM   892  C  C   . GLU A 1 94  ? -12.288 -0.890  -3.262  1.00 25.84  ? 95  GLU A C   1 
ATOM   893  O  O   . GLU A 1 94  ? -11.654 -1.861  -2.816  1.00 25.18  ? 95  GLU A O   1 
ATOM   894  C  CB  . GLU A 1 94  ? -14.251 -1.267  -4.811  1.00 25.27  ? 95  GLU A CB  1 
ATOM   895  C  CG  . GLU A 1 94  ? -15.759 -1.536  -4.902  1.00 28.15  ? 95  GLU A CG  1 
ATOM   896  C  CD  . GLU A 1 94  ? -16.282 -1.623  -6.325  1.00 28.17  ? 95  GLU A CD  1 
ATOM   897  O  OE1 . GLU A 1 94  ? -15.739 -0.984  -7.241  1.00 31.48  ? 95  GLU A OE1 1 
ATOM   898  O  OE2 . GLU A 1 94  ? -17.249 -2.373  -6.537  1.00 34.03  ? 95  GLU A OE2 1 
ATOM   899  N  N   . VAL A 1 95  ? -11.681 0.207   -3.714  1.00 24.56  ? 96  VAL A N   1 
ATOM   900  C  CA  . VAL A 1 95  ? -10.240 0.287   -3.664  1.00 25.02  ? 96  VAL A CA  1 
ATOM   901  C  C   . VAL A 1 95  ? -9.790  0.308   -2.202  1.00 23.64  ? 96  VAL A C   1 
ATOM   902  O  O   . VAL A 1 95  ? -8.844  -0.397  -1.857  1.00 23.32  ? 96  VAL A O   1 
ATOM   903  C  CB  . VAL A 1 95  ? -9.728  1.524   -4.452  1.00 25.39  ? 96  VAL A CB  1 
ATOM   904  C  CG1 . VAL A 1 95  ? -8.297  1.882   -4.044  1.00 27.10  ? 96  VAL A CG1 1 
ATOM   905  C  CG2 . VAL A 1 95  ? -9.842  1.277   -5.987  1.00 27.61  ? 96  VAL A CG2 1 
ATOM   906  N  N   . GLU A 1 96  ? -10.484 1.059   -1.354  1.00 23.72  ? 97  GLU A N   1 
ATOM   907  C  CA  . GLU A 1 96  ? -10.083 1.094   0.045   1.00 25.53  ? 97  GLU A CA  1 
ATOM   908  C  C   . GLU A 1 96  ? -10.236 -0.286  0.676   1.00 24.59  ? 97  GLU A C   1 
ATOM   909  O  O   . GLU A 1 96  ? -9.318  -0.742  1.367   1.00 24.31  ? 97  GLU A O   1 
ATOM   910  C  CB  . GLU A 1 96  ? -10.859 2.149   0.861   1.00 24.66  ? 97  GLU A CB  1 
ATOM   911  C  CG  . GLU A 1 96  ? -10.360 2.182   2.319   1.00 28.51  ? 97  GLU A CG  1 
ATOM   912  C  CD  . GLU A 1 96  ? -11.110 3.153   3.211   1.00 29.18  ? 97  GLU A CD  1 
ATOM   913  O  OE1 . GLU A 1 96  ? -11.083 2.948   4.443   1.00 32.76  ? 97  GLU A OE1 1 
ATOM   914  O  OE2 . GLU A 1 96  ? -11.722 4.098   2.691   1.00 32.87  ? 97  GLU A OE2 1 
ATOM   915  N  N   . THR A 1 97  ? -11.383 -0.928  0.453   1.00 23.14  ? 98  THR A N   1 
ATOM   916  C  CA  . THR A 1 97  ? -11.600 -2.290  0.968   1.00 23.99  ? 98  THR A CA  1 
ATOM   917  C  C   . THR A 1 97  ? -10.466 -3.213  0.504   1.00 23.15  ? 98  THR A C   1 
ATOM   918  O  O   . THR A 1 97  ? -9.873  -3.953  1.309   1.00 23.38  ? 98  THR A O   1 
ATOM   919  C  CB  . THR A 1 97  ? -12.972 -2.800  0.553   1.00 24.65  ? 98  THR A CB  1 
ATOM   920  O  OG1 . THR A 1 97  ? -13.983 -1.918  1.090   1.00 24.46  ? 98  THR A OG1 1 
ATOM   921  C  CG2 . THR A 1 97  ? -13.169 -4.226  1.071   1.00 24.82  ? 98  THR A CG2 1 
ATOM   922  N  N   . LEU A 1 98  ? -10.121 -3.153  -0.788  1.00 21.97  ? 99  LEU A N   1 
ATOM   923  C  CA  . LEU A 1 98  ? -9.069  -4.030  -1.283  1.00 21.31  ? 99  LEU A CA  1 
ATOM   924  C  C   . LEU A 1 98  ? -7.728  -3.749  -0.578  1.00 22.05  ? 99  LEU A C   1 
ATOM   925  O  O   . LEU A 1 98  ? -6.975  -4.662  -0.288  1.00 22.28  ? 99  LEU A O   1 
ATOM   926  C  CB  . LEU A 1 98  ? -8.876  -3.890  -2.793  1.00 21.88  ? 99  LEU A CB  1 
ATOM   927  C  CG  . LEU A 1 98  ? -9.952  -4.713  -3.527  1.00 23.22  ? 99  LEU A CG  1 
ATOM   928  C  CD1 . LEU A 1 98  ? -10.145 -4.194  -4.941  1.00 24.72  ? 99  LEU A CD1 1 
ATOM   929  C  CD2 . LEU A 1 98  ? -9.618  -6.224  -3.539  1.00 21.91  ? 99  LEU A CD2 1 
ATOM   930  N  N   . ALA A 1 99  ? -7.455  -2.470  -0.340  1.00 20.75  ? 100 ALA A N   1 
ATOM   931  C  CA  . ALA A 1 99  ? -6.190  -2.063  0.258   1.00 20.49  ? 100 ALA A CA  1 
ATOM   932  C  C   . ALA A 1 99  ? -6.131  -2.112  1.791   1.00 21.39  ? 100 ALA A C   1 
ATOM   933  O  O   . ALA A 1 99  ? -5.075  -1.833  2.380   1.00 21.29  ? 100 ALA A O   1 
ATOM   934  C  CB  . ALA A 1 99  ? -5.856  -0.617  -0.231  1.00 20.91  ? 100 ALA A CB  1 
ATOM   935  N  N   . ARG A 1 100 ? -7.266  -2.387  2.440   1.00 21.36  ? 101 ARG A N   1 
ATOM   936  C  CA  . ARG A 1 100 ? -7.336  -2.207  3.883   1.00 21.01  ? 101 ARG A CA  1 
ATOM   937  C  C   . ARG A 1 100 ? -6.218  -2.983  4.643   1.00 21.42  ? 101 ARG A C   1 
ATOM   938  O  O   . ARG A 1 100 ? -5.537  -2.374  5.484   1.00 22.61  ? 101 ARG A O   1 
ATOM   939  C  CB  . ARG A 1 100 ? -8.787  -2.499  4.366   1.00 20.63  ? 101 ARG A CB  1 
ATOM   940  C  CG  . ARG A 1 100 ? -9.082  -2.540  5.899   1.00 21.77  ? 101 ARG A CG  1 
ATOM   941  C  CD  . ARG A 1 100 ? -8.446  -1.365  6.681   1.00 22.44  ? 101 ARG A CD  1 
ATOM   942  N  NE  . ARG A 1 100 ? -8.837  -0.031  6.161   1.00 24.19  ? 101 ARG A NE  1 
ATOM   943  C  CZ  . ARG A 1 100 ? -8.145  1.081   6.414   1.00 25.02  ? 101 ARG A CZ  1 
ATOM   944  N  NH1 . ARG A 1 100 ? -7.016  1.030   7.148   1.00 22.55  ? 101 ARG A NH1 1 
ATOM   945  N  NH2 . ARG A 1 100 ? -8.550  2.235   5.904   1.00 25.19  ? 101 ARG A NH2 1 
ATOM   946  N  N   . PRO A 1 101 ? -6.035  -4.284  4.381   1.00 21.00  ? 102 PRO A N   1 
ATOM   947  C  CA  . PRO A 1 101 ? -4.929  -4.978  5.099   1.00 20.60  ? 102 PRO A CA  1 
ATOM   948  C  C   . PRO A 1 101 ? -3.553  -4.342  4.864   1.00 21.12  ? 102 PRO A C   1 
ATOM   949  O  O   . PRO A 1 101 ? -2.727  -4.220  5.790   1.00 20.88  ? 102 PRO A O   1 
ATOM   950  C  CB  . PRO A 1 101 ? -5.013  -6.409  4.547   1.00 21.48  ? 102 PRO A CB  1 
ATOM   951  C  CG  . PRO A 1 101 ? -6.533  -6.591  4.235   1.00 21.23  ? 102 PRO A CG  1 
ATOM   952  C  CD  . PRO A 1 101 ? -6.880  -5.231  3.616   1.00 21.66  ? 102 PRO A CD  1 
ATOM   953  N  N   . CYS A 1 102 ? -3.289  -3.936  3.619   1.00 20.36  ? 103 CYS A N   1 
ATOM   954  C  CA  . CYS A 1 102 ? -1.997  -3.270  3.366   1.00 20.43  ? 103 CYS A CA  1 
ATOM   955  C  C   . CYS A 1 102 ? -1.864  -1.936  4.146   1.00 20.44  ? 103 CYS A C   1 
ATOM   956  O  O   . CYS A 1 102 ? -0.811  -1.623  4.752   1.00 21.64  ? 103 CYS A O   1 
ATOM   957  C  CB  . CYS A 1 102 ? -1.846  -2.994  1.874   1.00 20.74  ? 103 CYS A CB  1 
ATOM   958  S  SG  . CYS A 1 102 ? -1.560  -4.485  0.900   1.00 23.48  ? 103 CYS A SG  1 
ATOM   959  N  N   . LEU A 1 103 ? -2.939  -1.153  4.155   1.00 20.24  ? 104 LEU A N   1 
ATOM   960  C  CA  . LEU A 1 103 ? -2.929  0.119   4.851   1.00 21.16  ? 104 LEU A CA  1 
ATOM   961  C  C   . LEU A 1 103 ? -2.728  -0.111  6.335   1.00 21.13  ? 104 LEU A C   1 
ATOM   962  O  O   . LEU A 1 103 ? -1.974  0.604   6.995   1.00 20.88  ? 104 LEU A O   1 
ATOM   963  C  CB  . LEU A 1 103 ? -4.251  0.865   4.586   1.00 21.96  ? 104 LEU A CB  1 
ATOM   964  C  CG  . LEU A 1 103 ? -4.451  1.384   3.175   1.00 22.98  ? 104 LEU A CG  1 
ATOM   965  C  CD1 . LEU A 1 103 ? -5.927  1.798   3.022   1.00 22.46  ? 104 LEU A CD1 1 
ATOM   966  C  CD2 . LEU A 1 103 ? -3.546  2.591   2.950   1.00 22.03  ? 104 LEU A CD2 1 
ATOM   967  N  N   . ASN A 1 104 ? -3.370  -1.150  6.873   1.00 20.21  ? 105 ASN A N   1 
ATOM   968  C  CA  . ASN A 1 104 ? -3.154  -1.455  8.295   1.00 20.97  ? 105 ASN A CA  1 
ATOM   969  C  C   . ASN A 1 104 ? -1.688  -1.822  8.617   1.00 21.08  ? 105 ASN A C   1 
ATOM   970  O  O   . ASN A 1 104 ? -1.139  -1.414  9.652   1.00 21.10  ? 105 ASN A O   1 
ATOM   971  C  CB  . ASN A 1 104 ? -4.044  -2.625  8.733   1.00 20.24  ? 105 ASN A CB  1 
ATOM   972  C  CG  . ASN A 1 104 ? -5.511  -2.287  8.741   1.00 19.79  ? 105 ASN A CG  1 
ATOM   973  O  OD1 . ASN A 1 104 ? -5.919  -1.112  8.804   1.00 22.78  ? 105 ASN A OD1 1 
ATOM   974  N  ND2 . ASN A 1 104 ? -6.327  -3.352  8.774   1.00 22.32  ? 105 ASN A ND2 1 
HETATM 975  N  N   A MSE A 1 105 ? -1.075  -2.590  7.714   0.50 21.03  ? 106 MSE A N   1 
HETATM 976  N  N   B MSE A 1 105 ? -1.048  -2.573  7.721   0.50 21.12  ? 106 MSE A N   1 
HETATM 977  C  CA  A MSE A 1 105 ? 0.315   -2.984  7.840   0.50 21.20  ? 106 MSE A CA  1 
HETATM 978  C  CA  B MSE A 1 105 ? 0.335   -2.969  7.939   0.50 21.57  ? 106 MSE A CA  1 
HETATM 979  C  C   A MSE A 1 105 ? 1.165   -1.719  7.891   0.50 20.86  ? 106 MSE A C   1 
HETATM 980  C  C   B MSE A 1 105 ? 1.250   -1.740  7.847   0.50 20.97  ? 106 MSE A C   1 
HETATM 981  O  O   A MSE A 1 105 ? 1.993   -1.562  8.778   0.50 21.26  ? 106 MSE A O   1 
HETATM 982  O  O   B MSE A 1 105 ? 2.226   -1.633  8.594   0.50 21.21  ? 106 MSE A O   1 
HETATM 983  C  CB  A MSE A 1 105 ? 0.730   -3.863  6.659   0.50 20.71  ? 106 MSE A CB  1 
HETATM 984  C  CB  B MSE A 1 105 ? 0.770   -4.072  6.972   0.50 20.98  ? 106 MSE A CB  1 
HETATM 985  C  CG  A MSE A 1 105 ? 2.215   -4.211  6.658   0.50 22.79  ? 106 MSE A CG  1 
HETATM 986  C  CG  B MSE A 1 105 ? 2.110   -4.647  7.370   0.50 22.53  ? 106 MSE A CG  1 
HETATM 987  SE SE  A MSE A 1 105 ? 2.645   -5.475  8.061   0.35 23.61  ? 106 MSE A SE  1 
HETATM 988  SE SE  B MSE A 1 105 ? 2.611   -6.247  6.411   0.30 23.28  ? 106 MSE A SE  1 
HETATM 989  C  CE  A MSE A 1 105 ? 1.671   -7.008  7.400   0.50 21.53  ? 106 MSE A CE  1 
HETATM 990  C  CE  B MSE A 1 105 ? 1.729   -7.550  7.529   0.50 24.80  ? 106 MSE A CE  1 
ATOM   991  N  N   . LEU A 1 106 ? 0.929   -0.811  6.945   1.00 20.39  ? 107 LEU A N   1 
ATOM   992  C  CA  . LEU A 1 106 ? 1.638   0.472   6.920   1.00 20.87  ? 107 LEU A CA  1 
ATOM   993  C  C   . LEU A 1 106 ? 1.485   1.260   8.222   1.00 21.22  ? 107 LEU A C   1 
ATOM   994  O  O   . LEU A 1 106 ? 2.468   1.750   8.770   1.00 21.61  ? 107 LEU A O   1 
ATOM   995  C  CB  . LEU A 1 106 ? 1.154   1.326   5.758   1.00 20.87  ? 107 LEU A CB  1 
ATOM   996  C  CG  . LEU A 1 106 ? 1.781   2.711   5.614   1.00 22.55  ? 107 LEU A CG  1 
ATOM   997  C  CD1 . LEU A 1 106 ? 3.318   2.714   5.544   1.00 24.56  ? 107 LEU A CD1 1 
ATOM   998  C  CD2 . LEU A 1 106 ? 1.206   3.422   4.374   1.00 22.17  ? 107 LEU A CD2 1 
ATOM   999  N  N   . ASN A 1 107 ? 0.263   1.332   8.735   1.00 21.30  ? 108 ASN A N   1 
ATOM   1000 C  CA  . ASN A 1 107 ? 0.010   2.054   10.007  1.00 21.87  ? 108 ASN A CA  1 
ATOM   1001 C  C   . ASN A 1 107 ? 0.772   1.401   11.180  1.00 21.75  ? 108 ASN A C   1 
ATOM   1002 O  O   . ASN A 1 107 ? 1.356   2.071   12.023  1.00 21.94  ? 108 ASN A O   1 
ATOM   1003 C  CB  . ASN A 1 107 ? -1.492  2.079   10.345  1.00 23.32  ? 108 ASN A CB  1 
ATOM   1004 C  CG  . ASN A 1 107 ? -2.307  2.909   9.387   1.00 23.28  ? 108 ASN A CG  1 
ATOM   1005 O  OD1 . ASN A 1 107 ? -1.793  3.813   8.718   1.00 26.02  ? 108 ASN A OD1 1 
ATOM   1006 N  ND2 . ASN A 1 107 ? -3.615  2.578   9.290   1.00 22.92  ? 108 ASN A ND2 1 
ATOM   1007 N  N   A ARG A 1 108 ? 0.767   0.083   11.238  0.50 21.90  ? 109 ARG A N   1 
ATOM   1008 N  N   B ARG A 1 108 ? 0.732   0.078   11.222  0.50 22.16  ? 109 ARG A N   1 
ATOM   1009 C  CA  A ARG A 1 108 ? 1.342   -0.599  12.397  0.50 22.19  ? 109 ARG A CA  1 
ATOM   1010 C  CA  B ARG A 1 108 ? 1.336   -0.698  12.307  0.50 22.68  ? 109 ARG A CA  1 
ATOM   1011 C  C   A ARG A 1 108 ? 2.883   -0.616  12.394  0.50 21.53  ? 109 ARG A C   1 
ATOM   1012 C  C   B ARG A 1 108 ? 2.839   -0.477  12.339  0.50 21.87  ? 109 ARG A C   1 
ATOM   1013 O  O   A ARG A 1 108 ? 3.531   -0.458  13.443  0.50 21.45  ? 109 ARG A O   1 
ATOM   1014 O  O   B ARG A 1 108 ? 3.408   -0.039  13.344  0.50 21.80  ? 109 ARG A O   1 
ATOM   1015 C  CB  A ARG A 1 108 ? 0.763   -1.996  12.548  0.50 22.23  ? 109 ARG A CB  1 
ATOM   1016 C  CB  B ARG A 1 108 ? 1.089   -2.183  12.096  0.50 22.89  ? 109 ARG A CB  1 
ATOM   1017 C  CG  A ARG A 1 108 ? 1.329   -2.748  13.744  0.50 26.02  ? 109 ARG A CG  1 
ATOM   1018 C  CG  B ARG A 1 108 ? 1.220   -3.012  13.360  0.50 28.58  ? 109 ARG A CG  1 
ATOM   1019 C  CD  A ARG A 1 108 ? 0.766   -2.268  15.061  0.50 29.43  ? 109 ARG A CD  1 
ATOM   1020 C  CD  B ARG A 1 108 ? -0.149  -3.247  13.949  0.50 34.49  ? 109 ARG A CD  1 
ATOM   1021 N  NE  A ARG A 1 108 ? 0.878   -3.330  16.056  0.50 33.16  ? 109 ARG A NE  1 
ATOM   1022 N  NE  B ARG A 1 108 ? -1.062  -3.747  12.920  0.50 35.41  ? 109 ARG A NE  1 
ATOM   1023 C  CZ  A ARG A 1 108 ? 0.880   -3.135  17.369  0.50 34.85  ? 109 ARG A CZ  1 
ATOM   1024 C  CZ  B ARG A 1 108 ? -2.387  -3.663  12.981  0.50 35.61  ? 109 ARG A CZ  1 
ATOM   1025 N  NH1 A ARG A 1 108 ? 0.781   -1.901  17.866  0.50 37.55  ? 109 ARG A NH1 1 
ATOM   1026 N  NH1 B ARG A 1 108 ? -3.118  -4.148  11.984  0.50 33.58  ? 109 ARG A NH1 1 
ATOM   1027 N  NH2 A ARG A 1 108 ? 0.988   -4.179  18.183  0.50 35.45  ? 109 ARG A NH2 1 
ATOM   1028 N  NH2 B ARG A 1 108 ? -2.981  -3.098  14.032  0.50 34.02  ? 109 ARG A NH2 1 
ATOM   1029 N  N   . LEU A 1 109 ? 3.478   -0.784  11.213  1.00 21.61  ? 110 LEU A N   1 
ATOM   1030 C  CA  . LEU A 1 109 ? 4.916   -0.662  11.104  1.00 20.44  ? 110 LEU A CA  1 
ATOM   1031 C  C   . LEU A 1 109 ? 5.363   0.749   11.436  1.00 20.71  ? 110 LEU A C   1 
ATOM   1032 O  O   . LEU A 1 109 ? 6.357   0.924   12.159  1.00 20.63  ? 110 LEU A O   1 
ATOM   1033 C  CB  . LEU A 1 109 ? 5.350   -0.996  9.656   1.00 19.09  ? 110 LEU A CB  1 
ATOM   1034 C  CG  . LEU A 1 109 ? 5.320   -2.481  9.274   1.00 20.20  ? 110 LEU A CG  1 
ATOM   1035 C  CD1 . LEU A 1 109 ? 5.548   -2.605  7.731   1.00 21.19  ? 110 LEU A CD1 1 
ATOM   1036 C  CD2 . LEU A 1 109 ? 6.415   -3.292  9.969   1.00 21.00  ? 110 LEU A CD2 1 
ATOM   1037 N  N   . THR A 1 110 ? 4.638   1.747   10.912  1.00 19.92  ? 111 THR A N   1 
ATOM   1038 C  CA  . THR A 1 110 ? 5.023   3.127   11.128  1.00 20.16  ? 111 THR A CA  1 
ATOM   1039 C  C   . THR A 1 110 ? 4.900   3.494   12.604  1.00 20.51  ? 111 THR A C   1 
ATOM   1040 O  O   . THR A 1 110 ? 5.788   4.149   13.153  1.00 20.96  ? 111 THR A O   1 
ATOM   1041 C  CB  . THR A 1 110 ? 4.270   4.076   10.184  1.00 19.32  ? 111 THR A CB  1 
ATOM   1042 O  OG1 . THR A 1 110 ? 4.544   3.681   8.821   1.00 19.32  ? 111 THR A OG1 1 
ATOM   1043 C  CG2 . THR A 1 110 ? 4.746   5.519   10.403  1.00 20.26  ? 111 THR A CG2 1 
ATOM   1044 N  N   . TYR A 1 111 ? 3.852   3.003   13.261  1.00 21.56  ? 112 TYR A N   1 
ATOM   1045 C  CA  . TYR A 1 111 ? 3.673   3.322   14.689  1.00 23.21  ? 112 TYR A CA  1 
ATOM   1046 C  C   . TYR A 1 111 ? 4.832   2.780   15.539  1.00 23.11  ? 112 TYR A C   1 
ATOM   1047 O  O   . TYR A 1 111 ? 5.442   3.510   16.322  1.00 23.04  ? 112 TYR A O   1 
ATOM   1048 C  CB  . TYR A 1 111 ? 2.358   2.752   15.175  1.00 24.14  ? 112 TYR A CB  1 
ATOM   1049 C  CG  . TYR A 1 111 ? 2.040   3.133   16.584  1.00 27.99  ? 112 TYR A CG  1 
ATOM   1050 C  CD1 . TYR A 1 111 ? 1.432   4.347   16.858  1.00 29.46  ? 112 TYR A CD1 1 
ATOM   1051 C  CD2 . TYR A 1 111 ? 2.363   2.291   17.644  1.00 29.88  ? 112 TYR A CD2 1 
ATOM   1052 C  CE1 . TYR A 1 111 ? 1.143   4.723   18.166  1.00 32.36  ? 112 TYR A CE1 1 
ATOM   1053 C  CE2 . TYR A 1 111 ? 2.064   2.651   18.959  1.00 32.71  ? 112 TYR A CE2 1 
ATOM   1054 C  CZ  . TYR A 1 111 ? 1.445   3.871   19.195  1.00 32.36  ? 112 TYR A CZ  1 
ATOM   1055 O  OH  . TYR A 1 111 ? 1.143   4.288   20.487  1.00 35.89  ? 112 TYR A OH  1 
ATOM   1056 N  N   . GLU A 1 112 ? 5.159   1.509   15.333  1.00 24.25  ? 113 GLU A N   1 
ATOM   1057 C  CA  . GLU A 1 112 ? 6.215   0.867   16.103  1.00 23.85  ? 113 GLU A CA  1 
ATOM   1058 C  C   . GLU A 1 112 ? 7.595   1.423   15.742  1.00 22.74  ? 113 GLU A C   1 
ATOM   1059 O  O   . GLU A 1 112 ? 8.414   1.706   16.645  1.00 22.70  ? 113 GLU A O   1 
ATOM   1060 C  CB  . GLU A 1 112 ? 6.137   -0.656  15.950  1.00 25.00  ? 113 GLU A CB  1 
ATOM   1061 C  CG  . GLU A 1 112 ? 4.839   -1.251  16.475  1.00 30.01  ? 113 GLU A CG  1 
ATOM   1062 C  CD  . GLU A 1 112 ? 4.670   -1.051  17.981  1.00 35.38  ? 113 GLU A CD  1 
ATOM   1063 O  OE1 . GLU A 1 112 ? 5.680   -0.914  18.702  1.00 38.08  ? 113 GLU A OE1 1 
ATOM   1064 O  OE2 . GLU A 1 112 ? 3.504   -1.036  18.436  1.00 42.57  ? 113 GLU A OE2 1 
ATOM   1065 N  N   . VAL A 1 113 ? 7.873   1.598   14.452  1.00 21.02  ? 114 VAL A N   1 
ATOM   1066 C  CA  . VAL A 1 113 ? 9.199   2.049   14.108  1.00 20.39  ? 114 VAL A CA  1 
ATOM   1067 C  C   . VAL A 1 113 ? 9.461   3.469   14.612  1.00 22.06  ? 114 VAL A C   1 
ATOM   1068 O  O   . VAL A 1 113 ? 10.539  3.774   15.168  1.00 22.32  ? 114 VAL A O   1 
ATOM   1069 C  CB  . VAL A 1 113 ? 9.470   1.932   12.576  1.00 20.10  ? 114 VAL A CB  1 
ATOM   1070 C  CG1 . VAL A 1 113 ? 10.758  2.681   12.213  1.00 21.90  ? 114 VAL A CG1 1 
ATOM   1071 C  CG2 . VAL A 1 113 ? 9.534   0.437   12.166  1.00 19.15  ? 114 VAL A CG2 1 
ATOM   1072 N  N   . THR A 1 114 ? 8.467   4.349   14.451  1.00 21.12  ? 115 THR A N   1 
ATOM   1073 C  CA  . THR A 1 114 ? 8.653   5.725   14.946  1.00 21.68  ? 115 THR A CA  1 
ATOM   1074 C  C   . THR A 1 114 ? 8.756   5.785   16.483  1.00 22.78  ? 115 THR A C   1 
ATOM   1075 O  O   . THR A 1 114 ? 9.560   6.543   17.007  1.00 23.83  ? 115 THR A O   1 
ATOM   1076 C  CB  . THR A 1 114 ? 7.575   6.677   14.403  1.00 21.67  ? 115 THR A CB  1 
ATOM   1077 O  OG1 . THR A 1 114 ? 6.262   6.250   14.841  1.00 21.83  ? 115 THR A OG1 1 
ATOM   1078 C  CG2 . THR A 1 114 ? 7.651   6.774   12.907  1.00 23.24  ? 115 THR A CG2 1 
ATOM   1079 N  N   . GLU A 1 115 ? 7.966   4.980   17.199  1.00 22.31  ? 116 GLU A N   1 
ATOM   1080 C  CA  . GLU A 1 115 ? 8.073   4.968   18.676  1.00 23.69  ? 116 GLU A CA  1 
ATOM   1081 C  C   . GLU A 1 115 ? 9.483   4.596   19.124  1.00 23.37  ? 116 GLU A C   1 
ATOM   1082 O  O   . GLU A 1 115 ? 10.060  5.240   19.996  1.00 24.56  ? 116 GLU A O   1 
ATOM   1083 C  CB  . GLU A 1 115 ? 7.065   4.014   19.301  1.00 24.07  ? 116 GLU A CB  1 
ATOM   1084 C  CG  . GLU A 1 115 ? 7.097   3.979   20.843  1.00 29.44  ? 116 GLU A CG  1 
ATOM   1085 C  CD  . GLU A 1 115 ? 5.785   3.463   21.421  1.00 34.18  ? 116 GLU A CD  1 
ATOM   1086 O  OE1 . GLU A 1 115 ? 4.765   4.191   21.314  1.00 37.47  ? 116 GLU A OE1 1 
ATOM   1087 O  OE2 . GLU A 1 115 ? 5.782   2.343   21.977  1.00 38.03  ? 116 GLU A OE2 1 
ATOM   1088 N  N   . ILE A 1 116 ? 10.028  3.558   18.500  1.00 23.64  ? 117 ILE A N   1 
ATOM   1089 C  CA  . ILE A 1 116 ? 11.323  3.026   18.875  1.00 23.69  ? 117 ILE A CA  1 
ATOM   1090 C  C   . ILE A 1 116 ? 12.435  3.952   18.423  1.00 23.21  ? 117 ILE A C   1 
ATOM   1091 O  O   . ILE A 1 116 ? 13.317  4.317   19.216  1.00 23.57  ? 117 ILE A O   1 
ATOM   1092 C  CB  . ILE A 1 116 ? 11.518  1.602   18.300  1.00 23.25  ? 117 ILE A CB  1 
ATOM   1093 C  CG1 . ILE A 1 116 ? 10.497  0.644   18.945  1.00 23.27  ? 117 ILE A CG1 1 
ATOM   1094 C  CG2 . ILE A 1 116 ? 12.926  1.127   18.613  1.00 25.16  ? 117 ILE A CG2 1 
ATOM   1095 C  CD1 . ILE A 1 116 ? 10.368  -0.645  18.233  1.00 31.02  ? 117 ILE A CD1 1 
ATOM   1096 N  N   . ALA A 1 117 ? 12.405  4.344   17.157  1.00 23.19  ? 118 ALA A N   1 
ATOM   1097 C  CA  . ALA A 1 117 ? 13.510  5.099   16.605  1.00 23.61  ? 118 ALA A CA  1 
ATOM   1098 C  C   . ALA A 1 117 ? 13.612  6.505   17.189  1.00 25.01  ? 118 ALA A C   1 
ATOM   1099 O  O   . ALA A 1 117 ? 14.728  7.036   17.331  1.00 25.81  ? 118 ALA A O   1 
ATOM   1100 C  CB  . ALA A 1 117 ? 13.414  5.165   15.052  1.00 23.18  ? 118 ALA A CB  1 
ATOM   1101 N  N   . LEU A 1 118 ? 12.463  7.111   17.482  1.00 25.22  ? 119 LEU A N   1 
ATOM   1102 C  CA  . LEU A 1 118 ? 12.423  8.508   17.964  1.00 26.64  ? 119 LEU A CA  1 
ATOM   1103 C  C   . LEU A 1 118 ? 12.324  8.650   19.486  1.00 27.91  ? 119 LEU A C   1 
ATOM   1104 O  O   . LEU A 1 118 ? 12.486  9.767   20.007  1.00 29.24  ? 119 LEU A O   1 
ATOM   1105 C  CB  . LEU A 1 118 ? 11.252  9.256   17.349  1.00 26.54  ? 119 LEU A CB  1 
ATOM   1106 C  CG  . LEU A 1 118 ? 11.228  9.259   15.832  1.00 27.97  ? 119 LEU A CG  1 
ATOM   1107 C  CD1 . LEU A 1 118 ? 9.949   9.956   15.372  1.00 29.51  ? 119 LEU A CD1 1 
ATOM   1108 C  CD2 . LEU A 1 118 ? 12.469  9.903   15.286  1.00 28.10  ? 119 LEU A CD2 1 
ATOM   1109 N  N   . ASP A 1 119 ? 12.041  7.555   20.179  1.00 29.55  ? 120 ASP A N   1 
ATOM   1110 C  CA  . ASP A 1 119 ? 11.876  7.563   21.629  1.00 32.25  ? 120 ASP A CA  1 
ATOM   1111 C  C   . ASP A 1 119 ? 10.769  8.538   22.040  1.00 33.00  ? 120 ASP A C   1 
ATOM   1112 O  O   . ASP A 1 119 ? 10.927  9.328   22.963  1.00 33.95  ? 120 ASP A O   1 
ATOM   1113 C  CB  . ASP A 1 119 ? 13.216  7.929   22.307  1.00 32.19  ? 120 ASP A CB  1 
ATOM   1114 C  CG  . ASP A 1 119 ? 13.226  7.664   23.820  1.00 38.19  ? 120 ASP A CG  1 
ATOM   1115 O  OD1 . ASP A 1 119 ? 12.611  6.688   24.297  1.00 40.48  ? 120 ASP A OD1 1 
ATOM   1116 O  OD2 . ASP A 1 119 ? 13.906  8.436   24.533  1.00 41.62  ? 120 ASP A OD2 1 
ATOM   1117 N  N   . LEU A 1 120 ? 9.657   8.480   21.312  1.00 33.44  ? 121 LEU A N   1 
ATOM   1118 C  CA  . LEU A 1 120 ? 8.468   9.282   21.558  1.00 34.05  ? 121 LEU A CA  1 
ATOM   1119 C  C   . LEU A 1 120 ? 7.284   8.345   21.293  1.00 34.28  ? 121 LEU A C   1 
ATOM   1120 O  O   . LEU A 1 120 ? 7.448   7.293   20.652  1.00 33.59  ? 121 LEU A O   1 
ATOM   1121 C  CB  . LEU A 1 120 ? 8.430   10.482  20.606  1.00 33.99  ? 121 LEU A CB  1 
ATOM   1122 C  CG  . LEU A 1 120 ? 9.471   11.580  20.855  1.00 36.00  ? 121 LEU A CG  1 
ATOM   1123 C  CD1 . LEU A 1 120 ? 9.635   12.582  19.704  1.00 35.12  ? 121 LEU A CD1 1 
ATOM   1124 C  CD2 . LEU A 1 120 ? 9.253   12.292  22.202  1.00 37.13  ? 121 LEU A CD2 1 
ATOM   1125 N  N   . PRO A 1 121 ? 6.091   8.667   21.834  1.00 33.81  ? 122 PRO A N   1 
ATOM   1126 C  CA  . PRO A 1 121 ? 4.916   7.949   21.383  1.00 33.14  ? 122 PRO A CA  1 
ATOM   1127 C  C   . PRO A 1 121 ? 4.865   7.778   19.854  1.00 31.69  ? 122 PRO A C   1 
ATOM   1128 O  O   . PRO A 1 121 ? 5.129   8.708   19.087  1.00 31.68  ? 122 PRO A O   1 
ATOM   1129 C  CB  . PRO A 1 121 ? 3.772   8.829   21.893  1.00 33.51  ? 122 PRO A CB  1 
ATOM   1130 C  CG  . PRO A 1 121 ? 4.310   9.315   23.234  1.00 34.01  ? 122 PRO A CG  1 
ATOM   1131 C  CD  . PRO A 1 121 ? 5.778   9.605   22.937  1.00 34.61  ? 122 PRO A CD  1 
ATOM   1132 N  N   . GLY A 1 122 ? 4.527   6.565   19.449  1.00 31.84  ? 123 GLY A N   1 
ATOM   1133 C  CA  . GLY A 1 122 ? 4.417   6.215   18.050  1.00 30.92  ? 123 GLY A CA  1 
ATOM   1134 C  C   . GLY A 1 122 ? 3.517   7.148   17.267  1.00 30.34  ? 123 GLY A C   1 
ATOM   1135 O  O   . GLY A 1 122 ? 2.507   7.659   17.779  1.00 31.42  ? 123 GLY A O   1 
ATOM   1136 N  N   . ILE A 1 123 ? 3.882   7.374   16.019  1.00 29.57  ? 124 ILE A N   1 
ATOM   1137 C  CA  . ILE A 1 123 ? 3.059   8.163   15.134  1.00 29.30  ? 124 ILE A CA  1 
ATOM   1138 C  C   . ILE A 1 123 ? 1.997   7.293   14.487  1.00 29.07  ? 124 ILE A C   1 
ATOM   1139 O  O   . ILE A 1 123 ? 2.319   6.250   13.888  1.00 27.92  ? 124 ILE A O   1 
ATOM   1140 C  CB  . ILE A 1 123 ? 3.887   8.812   14.057  1.00 29.98  ? 124 ILE A CB  1 
ATOM   1141 C  CG1 . ILE A 1 123 ? 4.855   9.826   14.700  1.00 30.86  ? 124 ILE A CG1 1 
ATOM   1142 C  CG2 . ILE A 1 123 ? 2.984   9.412   12.947  1.00 30.55  ? 124 ILE A CG2 1 
ATOM   1143 C  CD1 . ILE A 1 123 ? 5.848   10.401  13.720  1.00 34.64  ? 124 ILE A CD1 1 
ATOM   1144 N  N   . ASN A 1 124 ? 0.733   7.702   14.651  1.00 28.47  ? 125 ASN A N   1 
ATOM   1145 C  CA  . ASN A 1 124 ? -0.369  6.958   14.073  1.00 27.91  ? 125 ASN A CA  1 
ATOM   1146 C  C   . ASN A 1 124 ? -0.846  7.618   12.791  1.00 26.34  ? 125 ASN A C   1 
ATOM   1147 O  O   . ASN A 1 124 ? -1.451  8.685   12.832  1.00 26.93  ? 125 ASN A O   1 
ATOM   1148 C  CB  . ASN A 1 124 ? -1.515  6.808   15.103  1.00 29.20  ? 125 ASN A CB  1 
ATOM   1149 C  CG  . ASN A 1 124 ? -2.677  5.956   14.576  1.00 31.52  ? 125 ASN A CG  1 
ATOM   1150 O  OD1 . ASN A 1 124 ? -2.641  5.407   13.461  1.00 33.77  ? 125 ASN A OD1 1 
ATOM   1151 N  ND2 . ASN A 1 124 ? -3.719  5.837   15.391  1.00 37.03  ? 125 ASN A ND2 1 
ATOM   1152 N  N   . LEU A 1 125 ? -0.558  6.999   11.638  1.00 25.26  ? 126 LEU A N   1 
ATOM   1153 C  CA  . LEU A 1 125 ? -0.934  7.564   10.342  1.00 24.80  ? 126 LEU A CA  1 
ATOM   1154 C  C   . LEU A 1 125 ? -2.452  7.619   10.113  1.00 25.19  ? 126 LEU A C   1 
ATOM   1155 O  O   . LEU A 1 125 ? -2.951  8.475   9.364   1.00 26.09  ? 126 LEU A O   1 
ATOM   1156 C  CB  . LEU A 1 125 ? -0.333  6.736   9.210   1.00 25.06  ? 126 LEU A CB  1 
ATOM   1157 C  CG  . LEU A 1 125 ? 1.184   6.846   8.991   1.00 24.92  ? 126 LEU A CG  1 
ATOM   1158 C  CD1 . LEU A 1 125 ? 1.664   5.693   8.091   1.00 25.74  ? 126 LEU A CD1 1 
ATOM   1159 C  CD2 . LEU A 1 125 ? 1.640   8.212   8.457   1.00 26.13  ? 126 LEU A CD2 1 
ATOM   1160 N  N   . GLU A 1 126 ? -3.153  6.679   10.722  1.00 25.73  ? 127 GLU A N   1 
ATOM   1161 C  CA  . GLU A 1 126 ? -4.609  6.575   10.597  1.00 27.22  ? 127 GLU A CA  1 
ATOM   1162 C  C   . GLU A 1 126 ? -5.103  6.425   9.175   1.00 27.45  ? 127 GLU A C   1 
ATOM   1163 O  O   . GLU A 1 126 ? -6.201  6.873   8.852   1.00 27.54  ? 127 GLU A O   1 
ATOM   1164 C  CB  . GLU A 1 126 ? -5.290  7.783   11.252  1.00 28.23  ? 127 GLU A CB  1 
ATOM   1165 C  CG  . GLU A 1 126 ? -4.933  7.907   12.716  1.00 33.43  ? 127 GLU A CG  1 
ATOM   1166 C  CD  . GLU A 1 126 ? -5.815  8.894   13.421  1.00 40.00  ? 127 GLU A CD  1 
ATOM   1167 O  OE1 . GLU A 1 126 ? -6.953  8.516   13.758  1.00 43.53  ? 127 GLU A OE1 1 
ATOM   1168 O  OE2 . GLU A 1 126 ? -5.372  10.035  13.630  1.00 43.28  ? 127 GLU A OE2 1 
ATOM   1169 N  N   . PHE A 1 127 ? -4.320  5.786   8.322   1.00 25.88  ? 128 PHE A N   1 
ATOM   1170 C  CA  . PHE A 1 127 ? -4.784  5.538   6.962   1.00 27.51  ? 128 PHE A CA  1 
ATOM   1171 C  C   . PHE A 1 127 ? -5.847  4.466   6.930   1.00 28.33  ? 128 PHE A C   1 
ATOM   1172 O  O   . PHE A 1 127 ? -5.872  3.582   7.820   1.00 27.54  ? 128 PHE A O   1 
ATOM   1173 C  CB  . PHE A 1 127 ? -3.638  5.150   6.034   1.00 27.73  ? 128 PHE A CB  1 
ATOM   1174 C  CG  . PHE A 1 127 ? -2.639  6.259   5.776   1.00 28.32  ? 128 PHE A CG  1 
ATOM   1175 C  CD1 . PHE A 1 127 ? -2.903  7.594   6.129   1.00 32.32  ? 128 PHE A CD1 1 
ATOM   1176 C  CD2 . PHE A 1 127 ? -1.429  5.966   5.156   1.00 29.26  ? 128 PHE A CD2 1 
ATOM   1177 C  CE1 . PHE A 1 127 ? -1.961  8.606   5.868   1.00 32.24  ? 128 PHE A CE1 1 
ATOM   1178 C  CE2 . PHE A 1 127 ? -0.494  6.965   4.883   1.00 31.21  ? 128 PHE A CE2 1 
ATOM   1179 C  CZ  . PHE A 1 127 ? -0.745  8.280   5.228   1.00 31.67  ? 128 PHE A CZ  1 
ATOM   1180 O  OXT . PHE A 1 127 ? -6.698  4.499   6.017   1.00 28.48  ? 128 PHE A OXT 1 
HETATM 1181 O  O   . HOH B 2 .   ? 10.347  14.376  12.386  1.00 28.23  ? 129 HOH A O   1 
HETATM 1182 O  O   . HOH B 2 .   ? 12.440  6.315   3.398   1.00 25.75  ? 130 HOH A O   1 
HETATM 1183 O  O   . HOH B 2 .   ? -0.171  -11.763 -0.973  1.00 26.85  ? 131 HOH A O   1 
HETATM 1184 O  O   . HOH B 2 .   ? 16.440  8.402   15.588  1.00 28.67  ? 132 HOH A O   1 
HETATM 1185 O  O   . HOH B 2 .   ? -4.742  -5.114  1.196   1.00 23.21  ? 133 HOH A O   1 
HETATM 1186 O  O   . HOH B 2 .   ? 1.210   4.849   11.925  1.00 23.61  ? 134 HOH A O   1 
HETATM 1187 O  O   . HOH B 2 .   ? 4.935   -5.983  -1.403  1.00 27.72  ? 135 HOH A O   1 
HETATM 1188 O  O   . HOH B 2 .   ? -10.012 -14.228 3.276   1.00 28.31  ? 136 HOH A O   1 
HETATM 1189 O  O   . HOH B 2 .   ? 12.017  19.674  8.052   1.00 27.97  ? 137 HOH A O   1 
HETATM 1190 O  O   . HOH B 2 .   ? 16.414  13.541  2.704   1.00 28.79  ? 138 HOH A O   1 
HETATM 1191 O  O   . HOH B 2 .   ? -11.993 -12.152 3.174   1.00 31.55  ? 139 HOH A O   1 
HETATM 1192 O  O   . HOH B 2 .   ? 7.309   8.644   17.458  1.00 34.77  ? 140 HOH A O   1 
HETATM 1193 O  O   . HOH B 2 .   ? -2.377  -6.012  7.822   1.00 25.70  ? 141 HOH A O   1 
HETATM 1194 O  O   . HOH B 2 .   ? 1.340   1.141   -5.778  1.00 25.40  ? 142 HOH A O   1 
HETATM 1195 O  O   . HOH B 2 .   ? -6.127  -9.994  5.167   1.00 28.51  ? 143 HOH A O   1 
HETATM 1196 O  O   . HOH B 2 .   ? 8.403   -9.761  3.606   1.00 29.42  ? 144 HOH A O   1 
HETATM 1197 O  O   . HOH B 2 .   ? 1.064   7.572   20.083  1.00 49.48  ? 145 HOH A O   1 
HETATM 1198 O  O   . HOH B 2 .   ? 17.919  21.607  3.208   1.00 29.53  ? 146 HOH A O   1 
HETATM 1199 O  O   . HOH B 2 .   ? 5.108   16.442  1.564   1.00 40.89  ? 147 HOH A O   1 
HETATM 1200 O  O   . HOH B 2 .   ? 9.760   -11.785 2.999   1.00 42.70  ? 148 HOH A O   1 
HETATM 1201 O  O   . HOH B 2 .   ? 15.237  4.342   1.252   1.00 28.46  ? 149 HOH A O   1 
HETATM 1202 O  O   . HOH B 2 .   ? 13.865  3.713   21.716  1.00 42.68  ? 150 HOH A O   1 
HETATM 1203 O  O   . HOH B 2 .   ? 6.957   15.667  11.617  1.00 38.27  ? 151 HOH A O   1 
HETATM 1204 O  O   . HOH B 2 .   ? -11.429 0.134   5.014   1.00 29.56  ? 152 HOH A O   1 
HETATM 1205 O  O   . HOH B 2 .   ? 8.826   19.037  5.750   1.00 38.07  ? 153 HOH A O   1 
HETATM 1206 O  O   . HOH B 2 .   ? 13.458  11.823  18.708  1.00 43.80  ? 154 HOH A O   1 
HETATM 1207 O  O   . HOH B 2 .   ? 6.088   18.936  13.818  1.00 34.21  ? 155 HOH A O   1 
HETATM 1208 O  O   . HOH B 2 .   ? -5.215  -9.416  7.678   1.00 36.64  ? 156 HOH A O   1 
HETATM 1209 O  O   . HOH B 2 .   ? 19.321  9.221   5.033   1.00 44.13  ? 157 HOH A O   1 
HETATM 1210 O  O   . HOH B 2 .   ? 15.223  20.599  2.397   1.00 36.12  ? 158 HOH A O   1 
HETATM 1211 O  O   . HOH B 2 .   ? 0.486   -14.250 -1.852  1.00 31.09  ? 159 HOH A O   1 
HETATM 1212 O  O   . HOH B 2 .   ? -8.985  -9.995  5.653   0.50 35.54  ? 160 HOH A O   1 
HETATM 1213 O  O   . HOH B 2 .   ? 5.750   -12.735 4.380   1.00 39.25  ? 161 HOH A O   1 
HETATM 1214 O  O   . HOH B 2 .   ? 9.204   20.241  8.255   1.00 40.42  ? 162 HOH A O   1 
HETATM 1215 O  O   . HOH B 2 .   ? 4.854   -7.773  -13.758 1.00 74.28  ? 163 HOH A O   1 
HETATM 1216 O  O   . HOH B 2 .   ? 13.702  21.880  4.361   1.00 42.66  ? 164 HOH A O   1 
HETATM 1217 O  O   . HOH B 2 .   ? 2.796   -10.864 6.416   1.00 31.01  ? 165 HOH A O   1 
HETATM 1218 O  O   . HOH B 2 .   ? -1.193  -16.586 1.802   1.00 40.37  ? 166 HOH A O   1 
HETATM 1219 O  O   . HOH B 2 .   ? -10.713 -18.967 -17.412 1.00 55.99  ? 167 HOH A O   1 
HETATM 1220 O  O   . HOH B 2 .   ? 0.157   10.311  15.741  1.00 41.61  ? 168 HOH A O   1 
HETATM 1221 O  O   . HOH B 2 .   ? 5.260   6.866   -3.437  1.00 36.10  ? 169 HOH A O   1 
HETATM 1222 O  O   . HOH B 2 .   ? -1.045  9.267   -5.014  1.00 71.54  ? 170 HOH A O   1 
HETATM 1223 O  O   . HOH B 2 .   ? -1.752  -12.283 8.965   1.00 62.92  ? 171 HOH A O   1 
HETATM 1224 O  O   . HOH B 2 .   ? -4.524  3.630   12.701  1.00 41.73  ? 172 HOH A O   1 
HETATM 1225 O  O   . HOH B 2 .   ? 11.782  16.621  15.256  1.00 63.96  ? 173 HOH A O   1 
HETATM 1226 O  O   . HOH B 2 .   ? -11.984 -6.120  5.111   1.00 42.99  ? 174 HOH A O   1 
HETATM 1227 O  O   . HOH B 2 .   ? -0.613  10.937  -2.018  1.00 38.82  ? 175 HOH A O   1 
HETATM 1228 O  O   . HOH B 2 .   ? -7.643  8.489   8.001   1.00 33.27  ? 176 HOH A O   1 
HETATM 1229 O  O   . HOH B 2 .   ? -3.111  5.400   -8.872  1.00 64.03  ? 177 HOH A O   1 
HETATM 1230 O  O   . HOH B 2 .   ? 9.462   13.330  -3.676  1.00 48.16  ? 178 HOH A O   1 
HETATM 1231 O  O   . HOH B 2 .   ? -8.709  6.394   6.666   1.00 56.49  ? 179 HOH A O   1 
HETATM 1232 O  O   . HOH B 2 .   ? -16.579 -0.704  -9.793  1.00 38.53  ? 180 HOH A O   1 
HETATM 1233 O  O   . HOH B 2 .   ? -0.827  -5.434  10.225  1.00 37.97  ? 181 HOH A O   1 
HETATM 1234 O  O   . HOH B 2 .   ? -4.080  5.590   -5.379  1.00 38.71  ? 182 HOH A O   1 
HETATM 1235 O  O   . HOH B 2 .   ? 7.123   11.525  -3.950  1.00 42.06  ? 183 HOH A O   1 
HETATM 1236 O  O   . HOH B 2 .   ? -5.376  -12.491 4.767   1.00 39.96  ? 184 HOH A O   1 
HETATM 1237 O  O   . HOH B 2 .   ? 25.156  20.657  5.169   1.00 34.56  ? 185 HOH A O   1 
HETATM 1238 O  O   . HOH B 2 .   ? 22.322  25.494  -3.041  1.00 38.28  ? 186 HOH A O   1 
HETATM 1239 O  O   . HOH B 2 .   ? -8.657  -16.119 -10.715 1.00 41.59  ? 187 HOH A O   1 
HETATM 1240 O  O   . HOH B 2 .   ? -6.512  5.524   15.114  1.00 57.36  ? 188 HOH A O   1 
HETATM 1241 O  O   . HOH B 2 .   ? -16.708 -18.591 -7.730  1.00 57.02  ? 189 HOH A O   1 
HETATM 1242 O  O   . HOH B 2 .   ? 9.980   19.744  3.447   1.00 42.28  ? 190 HOH A O   1 
HETATM 1243 O  O   . HOH B 2 .   ? -4.324  0.955   11.605  1.00 35.19  ? 191 HOH A O   1 
HETATM 1244 O  O   . HOH B 2 .   ? -7.096  6.493   4.179   1.00 47.66  ? 192 HOH A O   1 
HETATM 1245 O  O   . HOH B 2 .   ? -4.719  -5.658  9.439   1.00 33.97  ? 193 HOH A O   1 
HETATM 1246 O  O   . HOH B 2 .   ? -2.029  -16.740 -5.920  1.00 74.10  ? 194 HOH A O   1 
HETATM 1247 O  O   . HOH B 2 .   ? 22.692  16.886  5.896   1.00 32.86  ? 195 HOH A O   1 
HETATM 1248 O  O   . HOH B 2 .   ? -0.739  5.493   -10.210 1.00 69.70  ? 196 HOH A O   1 
HETATM 1249 O  O   . HOH B 2 .   ? 6.006   0.045   -5.484  1.00 43.72  ? 197 HOH A O   1 
HETATM 1250 O  O   . HOH B 2 .   ? 18.832  23.266  -7.275  1.00 38.13  ? 198 HOH A O   1 
HETATM 1251 O  O   . HOH B 2 .   ? 4.064   -0.020  21.192  1.00 42.12  ? 199 HOH A O   1 
HETATM 1252 O  O   . HOH B 2 .   ? 4.776   -2.797  21.643  0.50 52.94  ? 200 HOH A O   1 
HETATM 1253 O  O   . HOH B 2 .   ? 4.453   11.165  19.138  1.00 51.52  ? 201 HOH A O   1 
HETATM 1254 O  O   . HOH B 2 .   ? 9.447   0.218   -2.580  1.00 41.19  ? 202 HOH A O   1 
HETATM 1255 O  O   . HOH B 2 .   ? 2.154   15.633  -0.458  1.00 47.81  ? 203 HOH A O   1 
HETATM 1256 O  O   . HOH B 2 .   ? -3.333  -0.008  -11.029 1.00 43.95  ? 204 HOH A O   1 
HETATM 1257 O  O   . HOH B 2 .   ? -6.306  -15.524 -16.767 1.00 50.85  ? 205 HOH A O   1 
HETATM 1258 O  O   . HOH B 2 .   ? 17.111  13.273  11.240  1.00 48.02  ? 206 HOH A O   1 
HETATM 1259 O  O   . HOH B 2 .   ? -6.744  3.091   10.228  1.00 39.21  ? 207 HOH A O   1 
HETATM 1260 O  O   . HOH B 2 .   ? 18.253  23.927  1.720   1.00 40.06  ? 208 HOH A O   1 
HETATM 1261 O  O   . HOH B 2 .   ? 21.750  10.193  3.505   1.00 47.13  ? 209 HOH A O   1 
HETATM 1262 O  O   . HOH B 2 .   ? -21.584 0.071   0.778   0.50 86.37  ? 210 HOH A O   1 
HETATM 1263 O  O   . HOH B 2 .   ? 15.188  12.951  14.799  1.00 39.98  ? 211 HOH A O   1 
HETATM 1264 O  O   . HOH B 2 .   ? 1.360   -9.814  -2.705  1.00 38.80  ? 212 HOH A O   1 
HETATM 1265 O  O   . HOH B 2 .   ? 2.920   14.194  -3.920  1.00 46.47  ? 213 HOH A O   1 
HETATM 1266 O  O   . HOH B 2 .   ? 10.764  17.987  -4.444  1.00 38.09  ? 214 HOH A O   1 
HETATM 1267 O  O   . HOH B 2 .   ? 8.765   -3.267  -4.725  1.00 57.14  ? 215 HOH A O   1 
HETATM 1268 O  O   . HOH B 2 .   ? -14.028 3.874   -14.161 1.00 55.83  ? 216 HOH A O   1 
HETATM 1269 O  O   . HOH B 2 .   ? -19.203 3.262   -3.016  1.00 49.65  ? 217 HOH A O   1 
HETATM 1270 O  O   . HOH B 2 .   ? -10.091 4.709   -2.198  1.00 44.11  ? 218 HOH A O   1 
HETATM 1271 O  O   . HOH B 2 .   ? -0.310  0.158   -12.882 1.00 57.86  ? 219 HOH A O   1 
HETATM 1272 O  O   . HOH B 2 .   ? -15.650 -3.041  3.793   1.00 47.17  ? 220 HOH A O   1 
HETATM 1273 O  O   . HOH B 2 .   ? -15.230 -7.634  2.171   1.00 45.73  ? 221 HOH A O   1 
HETATM 1274 O  O   . HOH B 2 .   ? -4.860  6.247   -3.126  1.00 61.10  ? 222 HOH A O   1 
HETATM 1275 O  O   . HOH B 2 .   ? -10.112 1.752   -20.530 1.00 88.59  ? 223 HOH A O   1 
HETATM 1276 O  O   . HOH B 2 .   ? -5.089  -14.362 6.208   1.00 49.38  ? 224 HOH A O   1 
HETATM 1277 O  O   . HOH B 2 .   ? -9.378  5.212   -5.878  1.00 51.99  ? 225 HOH A O   1 
HETATM 1278 O  O   . HOH B 2 .   ? 3.370   -13.616 6.238   1.00 55.75  ? 226 HOH A O   1 
HETATM 1279 O  O   . HOH B 2 .   ? 5.395   -1.793  -7.390  1.00 53.62  ? 227 HOH A O   1 
HETATM 1280 O  O   . HOH B 2 .   ? 11.768  21.010  5.624   1.00 39.92  ? 228 HOH A O   1 
HETATM 1281 O  O   . HOH B 2 .   ? -0.487  -9.646  9.177   1.00 47.02  ? 229 HOH A O   1 
HETATM 1282 O  O   . HOH B 2 .   ? 7.993   18.196  1.527   1.00 39.88  ? 230 HOH A O   1 
HETATM 1283 O  O   . HOH B 2 .   ? -18.532 -3.745  -4.746  1.00 52.23  ? 231 HOH A O   1 
HETATM 1284 O  O   . HOH B 2 .   ? -5.210  7.371   2.081   1.00 60.49  ? 232 HOH A O   1 
HETATM 1285 O  O   . HOH B 2 .   ? -18.412 -9.827  -13.956 1.00 42.18  ? 233 HOH A O   1 
HETATM 1286 O  O   . HOH B 2 .   ? -16.564 -2.374  -0.220  1.00 54.50  ? 234 HOH A O   1 
HETATM 1287 O  O   . HOH B 2 .   ? -2.764  -14.991 5.835   0.50 33.57  ? 235 HOH A O   1 
HETATM 1288 O  O   . HOH B 2 .   ? -3.384  -16.235 -8.094  1.00 56.08  ? 236 HOH A O   1 
HETATM 1289 O  O   . HOH B 2 .   ? 18.403  3.800   -0.003  1.00 57.58  ? 237 HOH A O   1 
HETATM 1290 O  O   . HOH B 2 .   ? 25.575  14.495  2.555   1.00 55.45  ? 238 HOH A O   1 
HETATM 1291 O  O   . HOH B 2 .   ? -5.324  5.972   -0.233  1.00 71.12  ? 239 HOH A O   1 
HETATM 1292 O  O   . HOH B 2 .   ? 7.272   8.144   -4.549  1.00 56.86  ? 240 HOH A O   1 
HETATM 1293 O  O   . HOH B 2 .   ? -20.014 -9.171  -12.150 1.00 67.88  ? 241 HOH A O   1 
HETATM 1294 O  O   . HOH B 2 .   ? 9.349   -8.377  -3.225  1.00 63.69  ? 242 HOH A O   1 
HETATM 1295 O  O   . HOH B 2 .   ? -9.028  1.679   -9.526  1.00 56.39  ? 243 HOH A O   1 
HETATM 1296 O  O   . HOH B 2 .   ? 13.112  13.674  16.270  1.00 48.62  ? 244 HOH A O   1 
HETATM 1297 O  O   . HOH B 2 .   ? -17.820 -6.714  -6.063  1.00 48.90  ? 245 HOH A O   1 
HETATM 1298 O  O   . HOH B 2 .   ? -6.157  2.965   -8.488  1.00 58.11  ? 246 HOH A O   1 
HETATM 1299 O  O   . HOH B 2 .   ? 13.829  16.708  -6.647  1.00 61.51  ? 247 HOH A O   1 
HETATM 1300 O  O   . HOH B 2 .   ? -15.170 -9.544  -19.400 1.00 64.02  ? 248 HOH A O   1 
HETATM 1301 O  O   . HOH B 2 .   ? 24.603  15.073  -0.469  1.00 66.23  ? 249 HOH A O   1 
HETATM 1302 O  O   . HOH B 2 .   ? -14.600 3.931   1.711   1.00 61.13  ? 250 HOH A O   1 
HETATM 1303 O  O   . HOH B 2 .   ? 12.718  3.804   -0.637  1.00 63.97  ? 251 HOH A O   1 
HETATM 1304 O  O   . HOH B 2 .   ? 24.598  15.187  4.964   1.00 59.14  ? 252 HOH A O   1 
HETATM 1305 O  O   . HOH B 2 .   ? 2.249   13.161  7.667   1.00 55.62  ? 253 HOH A O   1 
HETATM 1306 O  O   . HOH B 2 .   ? -9.994  -8.878  -21.367 1.00 78.61  ? 254 HOH A O   1 
HETATM 1307 O  O   . HOH B 2 .   ? -0.099  13.099  6.633   1.00 57.70  ? 255 HOH A O   1 
HETATM 1308 O  O   . HOH B 2 .   ? 14.454  10.339  26.173  1.00 77.19  ? 256 HOH A O   1 
HETATM 1309 O  O   . HOH B 2 .   ? 5.911   12.841  -6.112  1.00 56.78  ? 257 HOH A O   1 
HETATM 1310 O  O   . HOH B 2 .   ? -8.736  7.238   10.190  1.00 64.31  ? 258 HOH A O   1 
HETATM 1311 O  O   . HOH B 2 .   ? 4.208   14.938  4.438   1.00 42.43  ? 259 HOH A O   1 
HETATM 1312 O  O   . HOH B 2 .   ? -11.808 3.133   -15.319 1.00 65.17  ? 260 HOH A O   1 
HETATM 1313 O  O   . HOH B 2 .   ? -10.470 5.055   -10.934 1.00 55.13  ? 261 HOH A O   1 
HETATM 1314 O  O   . HOH B 2 .   ? -22.037 2.709   1.169   1.00 72.30  ? 262 HOH A O   1 
HETATM 1315 O  O   . HOH B 2 .   ? -2.585  12.407  6.167   0.50 54.70  ? 263 HOH A O   1 
HETATM 1316 O  O   . HOH B 2 .   ? 2.127   -15.963 9.238   1.00 58.58  ? 264 HOH A O   1 
HETATM 1317 O  O   . HOH B 2 .   ? -12.198 -3.501  -21.208 1.00 60.69  ? 265 HOH A O   1 
HETATM 1318 O  O   . HOH B 2 .   ? -21.184 -0.746  -2.079  1.00 59.33  ? 266 HOH A O   1 
HETATM 1319 O  O   . HOH B 2 .   ? 10.083  19.838  -2.943  1.00 50.63  ? 267 HOH A O   1 
HETATM 1320 O  O   . HOH B 2 .   ? -8.079  5.360   12.235  1.00 60.69  ? 268 HOH A O   1 
HETATM 1321 O  O   . HOH B 2 .   ? 0.082   -6.186  12.650  1.00 73.13  ? 269 HOH A O   1 
HETATM 1322 O  O   . HOH B 2 .   ? -10.469 -18.925 -9.145  1.00 61.46  ? 270 HOH A O   1 
HETATM 1323 O  O   . HOH B 2 .   ? -11.486 -9.771  4.023   1.00 37.44  ? 271 HOH A O   1 
HETATM 1324 O  O   . HOH B 2 .   ? 9.088   -10.433 -4.562  1.00 62.28  ? 272 HOH A O   1 
HETATM 1325 O  O   . HOH B 2 .   ? 7.526   -0.037  20.056  1.00 82.80  ? 273 HOH A O   1 
HETATM 1326 O  O   . HOH B 2 .   ? 17.604  11.204  1.970   1.00 74.37  ? 274 HOH A O   1 
HETATM 1327 O  O   . HOH B 2 .   ? 15.567  12.197  0.978   1.00 65.37  ? 275 HOH A O   1 
HETATM 1328 O  O   . HOH B 2 .   ? -2.007  6.576   18.370  1.00 73.26  ? 276 HOH A O   1 
HETATM 1329 O  O   . HOH B 2 .   ? 11.429  -7.959  -4.628  1.00 72.98  ? 277 HOH A O   1 
HETATM 1330 O  O   . HOH B 2 .   ? 17.723  14.380  9.555   1.00 40.21  ? 278 HOH A O   1 
HETATM 1331 O  O   . HOH B 2 .   ? -6.573  8.926   5.819   1.00 52.63  ? 279 HOH A O   1 
HETATM 1332 O  O   . HOH B 2 .   ? -8.591  6.314   -3.618  1.00 69.00  ? 280 HOH A O   1 
HETATM 1333 O  O   . HOH B 2 .   ? 4.942   -5.610  -5.456  1.00 54.26  ? 281 HOH A O   1 
HETATM 1334 O  O   . HOH B 2 .   ? 0.397   -11.110 7.538   1.00 64.72  ? 282 HOH A O   1 
HETATM 1335 O  O   . HOH B 2 .   ? -18.775 -3.786  -0.916  1.00 115.19 ? 283 HOH A O   1 
HETATM 1336 O  O   . HOH B 2 .   ? -0.365  -14.019 -13.906 1.00 64.65  ? 284 HOH A O   1 
HETATM 1337 O  O   . HOH B 2 .   ? 3.600   5.678   -5.023  1.00 52.18  ? 285 HOH A O   1 
HETATM 1338 O  O   . HOH B 2 .   ? -17.418 -9.146  -4.691  1.00 53.94  ? 286 HOH A O   1 
HETATM 1339 O  O   . HOH B 2 .   ? -13.282 -4.220  -15.368 1.00 64.88  ? 287 HOH A O   1 
HETATM 1340 O  O   . HOH B 2 .   ? 26.293  17.936  -1.366  1.00 57.46  ? 288 HOH A O   1 
HETATM 1341 O  O   . HOH B 2 .   ? 20.346  23.591  -8.849  1.00 55.94  ? 289 HOH A O   1 
HETATM 1342 O  O   . HOH B 2 .   ? 23.758  20.585  -0.327  1.00 55.38  ? 290 HOH A O   1 
HETATM 1343 O  O   . HOH B 2 .   ? -2.852  0.795   15.888  1.00 54.35  ? 291 HOH A O   1 
HETATM 1344 O  O   . HOH B 2 .   ? -1.302  1.797   14.734  1.00 41.52  ? 292 HOH A O   1 
HETATM 1345 O  O   . HOH B 2 .   ? -5.871  -14.813 8.110   1.00 36.34  ? 293 HOH A O   1 
HETATM 1346 O  O   . HOH B 2 .   ? 2.653   -13.448 1.391   1.00 46.95  ? 294 HOH A O   1 
HETATM 1347 O  O   . HOH B 2 .   ? -3.219  -14.793 7.501   0.50 36.00  ? 295 HOH A O   1 
HETATM 1348 O  O   . HOH B 2 .   ? -5.115  10.088  7.972   1.00 53.32  ? 296 HOH A O   1 
HETATM 1349 O  O   . HOH B 2 .   ? -2.734  -1.071  11.909  1.00 43.62  ? 297 HOH A O   1 
HETATM 1350 O  O   . HOH B 2 .   ? 4.768   -7.988  -5.196  1.00 65.49  ? 298 HOH A O   1 
# 
